data_4A7X
#
_entry.id   4A7X
#
_cell.length_a   147.136
_cell.length_b   127.627
_cell.length_c   93.181
_cell.angle_alpha   90.00
_cell.angle_beta   91.46
_cell.angle_gamma   90.00
#
_symmetry.space_group_name_H-M   'C 1 2 1'
#
loop_
_entity.id
_entity.type
_entity.pdbx_description
1 polymer 'URIDYLATE KINASE'
2 non-polymer "URIDINE-5'-DIPHOSPHATE"
3 water water
#
_entity_poly.entity_id   1
_entity_poly.type   'polypeptide(L)'
_entity_poly.pdbx_seq_one_letter_code
;MQAKIKNKRVLVKFSGEALAGDNQFGIDIHVLDHIAKEIKSLVENDIEVGIVIGGGNIIRGVSAAQGGIIRRTSGDYMGM
LATVINAVAMQEALEHIGLDTRVQSAIEIKEICESYIYRKAIRHLEKGRVVIFGAGTGNPFFTTDTAATLRAIEIGSDLI
IKATKVDGIYDKDPNKFKDAKKLDTLSYNDALIGDIEVMDDTAISLAKDNKLPIVVCNMFKKGNLLQVIKHQQGVFSMVK
;
_entity_poly.pdbx_strand_id   A,B,C,D,E,F
#
loop_
_chem_comp.id
_chem_comp.type
_chem_comp.name
_chem_comp.formula
UDP RNA linking URIDINE-5'-DIPHOSPHATE 'C9 H14 N2 O12 P2'
#
# COMPACT_ATOMS: atom_id res chain seq x y z
N ASN A 7 -8.47 24.25 25.36
CA ASN A 7 -9.75 25.01 25.17
C ASN A 7 -9.70 25.87 23.92
N LYS A 8 -9.08 27.05 24.02
CA LYS A 8 -8.92 27.91 22.85
C LYS A 8 -8.04 27.25 21.78
N ARG A 9 -8.63 27.06 20.61
CA ARG A 9 -7.99 26.39 19.49
C ARG A 9 -7.80 27.41 18.36
N VAL A 10 -6.59 27.47 17.82
CA VAL A 10 -6.26 28.43 16.76
C VAL A 10 -5.49 27.77 15.63
N LEU A 11 -5.64 28.34 14.44
CA LEU A 11 -4.85 27.92 13.31
C LEU A 11 -3.96 29.07 12.87
N VAL A 12 -2.65 28.84 12.93
CA VAL A 12 -1.70 29.85 12.46
C VAL A 12 -1.24 29.50 11.06
N LYS A 13 -1.33 30.47 10.16
CA LYS A 13 -0.98 30.28 8.77
C LYS A 13 0.21 31.16 8.42
N PHE A 14 1.18 30.58 7.72
CA PHE A 14 2.38 31.27 7.27
C PHE A 14 2.54 31.04 5.77
N SER A 15 3.03 32.05 5.06
CA SER A 15 3.51 31.81 3.73
C SER A 15 4.90 31.18 3.89
N GLY A 16 5.30 30.37 2.91
CA GLY A 16 6.63 29.76 2.93
C GLY A 16 7.75 30.74 3.18
N GLU A 17 7.64 31.92 2.56
CA GLU A 17 8.60 33.03 2.73
C GLU A 17 8.90 33.38 4.20
N ALA A 18 7.91 33.18 5.07
CA ALA A 18 8.10 33.42 6.50
C ALA A 18 9.31 32.65 7.03
N LEU A 19 9.61 31.51 6.43
CA LEU A 19 10.69 30.64 6.91
C LEU A 19 12.07 31.03 6.38
N ALA A 20 12.10 31.94 5.41
CA ALA A 20 13.30 32.25 4.62
C ALA A 20 14.14 33.39 5.17
N GLY A 21 13.50 34.41 5.73
CA GLY A 21 14.20 35.59 6.21
C GLY A 21 14.62 36.54 5.10
N ASP A 22 15.76 37.20 5.27
CA ASP A 22 16.19 38.27 4.37
C ASP A 22 16.30 37.88 2.90
N ASN A 23 16.74 36.65 2.64
CA ASN A 23 16.72 36.11 1.28
C ASN A 23 15.32 35.58 0.97
N GLN A 24 14.96 35.58 -0.31
CA GLN A 24 13.64 35.11 -0.71
C GLN A 24 13.51 33.58 -0.75
N PHE A 25 14.65 32.89 -0.75
CA PHE A 25 14.66 31.43 -0.97
C PHE A 25 15.15 30.62 0.24
N GLY A 26 14.56 29.45 0.42
CA GLY A 26 15.08 28.47 1.36
C GLY A 26 14.55 28.56 2.77
N ILE A 27 15.35 28.11 3.72
CA ILE A 27 14.96 28.13 5.12
C ILE A 27 16.09 28.71 5.95
N ASP A 28 15.75 29.77 6.69
CA ASP A 28 16.66 30.35 7.67
C ASP A 28 16.38 29.70 9.02
N ILE A 29 17.36 28.93 9.49
CA ILE A 29 17.30 28.21 10.75
C ILE A 29 16.99 29.11 11.94
N HIS A 30 17.65 30.26 12.02
CA HIS A 30 17.42 31.25 13.06
C HIS A 30 15.96 31.74 13.06
N VAL A 31 15.45 32.08 11.88
CA VAL A 31 14.04 32.48 11.72
C VAL A 31 13.07 31.37 12.19
N LEU A 32 13.42 30.12 11.89
CA LEU A 32 12.57 28.98 12.23
C LEU A 32 12.43 28.79 13.75
N ASP A 33 13.57 28.83 14.43
CA ASP A 33 13.65 28.73 15.89
C ASP A 33 12.84 29.85 16.57
N HIS A 34 13.02 31.08 16.09
CA HIS A 34 12.22 32.23 16.53
C HIS A 34 10.71 31.95 16.45
N ILE A 35 10.24 31.42 15.33
CA ILE A 35 8.82 31.11 15.16
C ILE A 35 8.37 30.05 16.17
N ALA A 36 9.10 28.94 16.22
CA ALA A 36 8.81 27.86 17.14
C ALA A 36 8.65 28.34 18.58
N LYS A 37 9.50 29.27 19.01
CA LYS A 37 9.41 29.83 20.36
C LYS A 37 8.13 30.63 20.59
N GLU A 38 7.59 31.23 19.53
CA GLU A 38 6.30 31.93 19.61
C GLU A 38 5.15 30.93 19.71
N ILE A 39 5.29 29.81 19.02
CA ILE A 39 4.34 28.70 19.15
C ILE A 39 4.40 28.12 20.58
N LYS A 40 5.61 27.97 21.11
CA LYS A 40 5.82 27.38 22.42
C LYS A 40 5.06 28.12 23.51
N SER A 41 5.08 29.46 23.46
CA SER A 41 4.36 30.28 24.43
C SER A 41 2.85 30.05 24.37
N LEU A 42 2.33 29.72 23.19
CA LEU A 42 0.93 29.35 23.07
C LEU A 42 0.68 28.04 23.78
N VAL A 43 1.48 27.01 23.45
CA VAL A 43 1.34 25.66 24.03
C VAL A 43 1.43 25.67 25.56
N GLU A 44 2.35 26.48 26.10
CA GLU A 44 2.54 26.64 27.55
C GLU A 44 1.36 27.29 28.23
N ASN A 45 0.59 28.07 27.49
CA ASN A 45 -0.63 28.68 28.02
C ASN A 45 -1.88 27.91 27.62
N ASP A 46 -1.67 26.64 27.24
CA ASP A 46 -2.75 25.68 26.99
C ASP A 46 -3.64 26.10 25.81
N ILE A 47 -3.01 26.67 24.79
CA ILE A 47 -3.69 27.01 23.55
C ILE A 47 -3.34 25.93 22.58
N GLU A 48 -4.36 25.42 21.89
CA GLU A 48 -4.17 24.35 20.93
C GLU A 48 -3.87 24.94 19.56
N VAL A 49 -2.75 24.48 18.99
CA VAL A 49 -2.18 25.12 17.81
C VAL A 49 -2.10 24.20 16.60
N GLY A 50 -2.84 24.57 15.57
CA GLY A 50 -2.68 23.98 14.25
C GLY A 50 -1.93 25.02 13.44
N ILE A 51 -1.09 24.55 12.52
CA ILE A 51 -0.27 25.42 11.70
C ILE A 51 -0.36 24.95 10.26
N VAL A 52 -0.59 25.87 9.33
CA VAL A 52 -0.28 25.56 7.92
C VAL A 52 0.73 26.52 7.31
N ILE A 53 1.63 25.97 6.49
CA ILE A 53 2.68 26.74 5.86
C ILE A 53 2.64 26.55 4.35
N GLY A 54 2.76 27.64 3.60
CA GLY A 54 2.87 27.56 2.14
C GLY A 54 4.26 27.11 1.70
N GLY A 55 4.48 27.07 0.40
CA GLY A 55 5.74 26.56 -0.14
C GLY A 55 6.49 27.56 -0.99
N GLY A 56 6.01 28.80 -0.97
CA GLY A 56 6.54 29.89 -1.81
C GLY A 56 8.02 30.17 -1.69
N ASN A 57 8.62 29.78 -0.57
CA ASN A 57 10.07 29.87 -0.35
C ASN A 57 10.86 28.89 -1.23
N ILE A 58 10.19 27.84 -1.68
CA ILE A 58 10.83 26.82 -2.47
C ILE A 58 10.38 26.89 -3.93
N ILE A 59 9.07 26.92 -4.17
CA ILE A 59 8.53 26.90 -5.53
C ILE A 59 7.09 27.46 -5.61
N ARG A 60 6.76 28.05 -6.75
CA ARG A 60 5.48 28.76 -6.93
C ARG A 60 4.68 28.33 -8.18
N GLY A 61 3.34 28.34 -8.04
CA GLY A 61 2.40 27.91 -9.09
C GLY A 61 2.33 28.74 -10.35
N VAL A 62 2.32 30.07 -10.21
CA VAL A 62 2.22 30.97 -11.38
C VAL A 62 3.62 31.37 -11.90
N SER A 63 4.66 30.75 -11.33
CA SER A 63 6.05 31.09 -11.62
C SER A 63 6.80 30.01 -12.41
N ALA A 64 6.59 28.75 -12.03
CA ALA A 64 7.20 27.62 -12.72
C ALA A 64 6.38 27.23 -13.95
N ALA A 65 5.11 27.65 -13.96
CA ALA A 65 4.21 27.43 -15.09
C ALA A 65 4.42 28.44 -16.24
N GLN A 66 4.97 29.60 -15.93
CA GLN A 66 5.11 30.70 -16.89
C GLN A 66 6.27 30.53 -17.90
N GLY A 67 7.08 29.49 -17.71
CA GLY A 67 8.11 29.12 -18.68
C GLY A 67 7.47 28.54 -19.93
N GLY A 68 6.38 27.79 -19.72
CA GLY A 68 5.60 27.23 -20.84
C GLY A 68 5.73 25.72 -21.00
N ILE A 69 6.35 25.07 -20.02
CA ILE A 69 6.57 23.62 -20.09
C ILE A 69 6.07 22.86 -18.86
N ILE A 70 5.76 23.60 -17.78
CA ILE A 70 5.16 23.02 -16.59
C ILE A 70 3.67 23.31 -16.53
N ARG A 71 2.87 22.25 -16.65
CA ARG A 71 1.41 22.33 -16.55
C ARG A 71 0.98 22.86 -15.19
N ARG A 72 -0.23 23.40 -15.12
CA ARG A 72 -0.72 24.07 -13.92
C ARG A 72 -0.81 23.13 -12.71
N THR A 73 -1.27 21.91 -12.92
CA THR A 73 -1.48 20.93 -11.83
C THR A 73 -0.16 20.40 -11.24
N SER A 74 0.81 20.12 -12.12
CA SER A 74 2.11 19.60 -11.69
C SER A 74 2.89 20.64 -10.89
N GLY A 75 2.80 21.90 -11.31
CA GLY A 75 3.38 23.03 -10.58
C GLY A 75 2.83 23.16 -9.17
N ASP A 76 1.55 22.83 -9.00
CA ASP A 76 0.92 22.85 -7.70
C ASP A 76 1.38 21.69 -6.83
N TYR A 77 1.54 20.52 -7.45
CA TYR A 77 2.04 19.33 -6.75
C TYR A 77 3.47 19.52 -6.27
N MET A 78 4.27 20.26 -7.03
CA MET A 78 5.59 20.72 -6.57
C MET A 78 5.48 21.64 -5.35
N GLY A 79 4.50 22.54 -5.38
CA GLY A 79 4.21 23.43 -4.27
C GLY A 79 3.76 22.67 -3.04
N MET A 80 2.96 21.64 -3.25
CA MET A 80 2.44 20.84 -2.14
C MET A 80 3.53 20.06 -1.45
N LEU A 81 4.45 19.51 -2.23
CA LEU A 81 5.63 18.83 -1.69
C LEU A 81 6.51 19.79 -0.91
N ALA A 82 6.66 21.00 -1.44
CA ALA A 82 7.40 22.05 -0.73
C ALA A 82 6.85 22.32 0.67
N THR A 83 5.53 22.37 0.82
CA THR A 83 4.94 22.63 2.15
C THR A 83 5.28 21.53 3.13
N VAL A 84 5.43 20.31 2.60
CA VAL A 84 5.78 19.15 3.42
C VAL A 84 7.22 19.29 3.92
N ILE A 85 8.13 19.69 3.02
CA ILE A 85 9.50 20.05 3.40
C ILE A 85 9.51 21.09 4.55
N ASN A 86 8.79 22.21 4.35
CA ASN A 86 8.64 23.23 5.41
C ASN A 86 8.03 22.69 6.71
N ALA A 87 7.09 21.75 6.58
CA ALA A 87 6.40 21.19 7.74
C ALA A 87 7.33 20.33 8.60
N VAL A 88 8.19 19.56 7.94
CA VAL A 88 9.17 18.73 8.62
C VAL A 88 10.17 19.61 9.36
N ALA A 89 10.66 20.65 8.67
CA ALA A 89 11.55 21.64 9.27
C ALA A 89 10.94 22.25 10.53
N MET A 90 9.70 22.72 10.42
CA MET A 90 8.98 23.34 11.53
C MET A 90 8.79 22.34 12.68
N GLN A 91 8.42 21.11 12.32
CA GLN A 91 8.28 20.04 13.29
C GLN A 91 9.55 19.89 14.15
N GLU A 92 10.70 19.91 13.48
CA GLU A 92 12.01 19.76 14.10
C GLU A 92 12.40 20.92 15.01
N ALA A 93 12.04 22.13 14.58
CA ALA A 93 12.34 23.34 15.35
C ALA A 93 11.49 23.37 16.60
N LEU A 94 10.23 22.94 16.47
CA LEU A 94 9.29 22.85 17.56
C LEU A 94 9.74 21.83 18.61
N GLU A 95 10.28 20.71 18.16
CA GLU A 95 10.66 19.62 19.05
C GLU A 95 12.03 19.79 19.66
N HIS A 96 12.90 20.54 18.98
CA HIS A 96 14.17 20.95 19.52
C HIS A 96 13.99 21.70 20.84
N ILE A 97 12.93 22.51 20.93
CA ILE A 97 12.65 23.25 22.15
C ILE A 97 11.64 22.53 23.06
N GLY A 98 11.54 21.22 22.87
CA GLY A 98 10.83 20.34 23.81
C GLY A 98 9.34 20.18 23.61
N LEU A 99 8.84 20.51 22.42
CA LEU A 99 7.41 20.41 22.16
C LEU A 99 7.06 19.14 21.43
N ASP A 100 5.86 18.63 21.69
CA ASP A 100 5.36 17.47 21.01
C ASP A 100 4.54 17.91 19.80
N THR A 101 4.79 17.28 18.65
CA THR A 101 4.23 17.76 17.40
C THR A 101 3.94 16.62 16.43
N ARG A 102 2.90 16.79 15.61
CA ARG A 102 2.60 15.85 14.55
C ARG A 102 2.37 16.59 13.25
N VAL A 103 2.92 16.07 12.15
CA VAL A 103 2.56 16.55 10.83
C VAL A 103 1.48 15.62 10.27
N GLN A 104 0.34 16.21 9.90
CA GLN A 104 -0.77 15.51 9.29
C GLN A 104 -0.89 16.01 7.86
N SER A 105 -0.44 15.19 6.92
CA SER A 105 -0.37 15.54 5.50
C SER A 105 -1.61 15.11 4.73
N ALA A 106 -2.08 15.99 3.85
CA ALA A 106 -3.23 15.68 2.98
C ALA A 106 -2.81 14.84 1.79
N ILE A 107 -1.50 14.77 1.56
CA ILE A 107 -0.94 13.84 0.60
C ILE A 107 -0.18 12.78 1.41
N GLU A 108 -0.48 11.52 1.14
CA GLU A 108 0.05 10.42 1.92
C GLU A 108 1.54 10.16 1.66
N ILE A 109 2.36 10.37 2.69
CA ILE A 109 3.77 10.00 2.68
C ILE A 109 4.10 9.31 4.00
N LYS A 110 3.57 8.10 4.21
CA LYS A 110 3.64 7.42 5.53
C LYS A 110 5.03 7.46 6.16
N GLU A 111 6.06 7.42 5.34
CA GLU A 111 7.44 7.33 5.84
C GLU A 111 7.90 8.61 6.55
N ILE A 112 7.30 9.74 6.20
CA ILE A 112 7.75 11.03 6.68
C ILE A 112 6.77 11.68 7.67
N CYS A 113 5.48 11.50 7.43
CA CYS A 113 4.45 12.02 8.32
C CYS A 113 3.17 11.21 8.29
N GLU A 114 2.31 11.44 9.27
CA GLU A 114 1.00 10.80 9.33
C GLU A 114 0.10 11.43 8.27
N SER A 115 -0.89 10.66 7.81
CA SER A 115 -1.92 11.19 6.94
C SER A 115 -2.90 12.01 7.76
N TYR A 116 -3.52 13.01 7.13
CA TYR A 116 -4.61 13.72 7.78
C TYR A 116 -5.81 12.81 7.99
N ILE A 117 -6.19 12.67 9.25
CA ILE A 117 -7.44 12.01 9.65
C ILE A 117 -8.07 12.89 10.74
N TYR A 118 -9.34 13.21 10.55
CA TYR A 118 -10.05 14.13 11.41
C TYR A 118 -9.94 13.86 12.93
N ARG A 119 -10.21 12.62 13.37
CA ARG A 119 -10.18 12.35 14.81
C ARG A 119 -8.76 12.25 15.38
N LYS A 120 -7.79 11.99 14.53
CA LYS A 120 -6.39 11.90 14.95
C LYS A 120 -5.82 13.29 15.23
N ALA A 121 -6.10 14.23 14.33
CA ALA A 121 -5.64 15.61 14.48
C ALA A 121 -6.20 16.23 15.76
N ILE A 122 -7.45 15.89 16.06
CA ILE A 122 -8.15 16.40 17.24
C ILE A 122 -7.59 15.80 18.53
N ARG A 123 -7.39 14.48 18.54
CA ARG A 123 -6.75 13.78 19.65
C ARG A 123 -5.37 14.38 19.97
N HIS A 124 -4.60 14.70 18.92
CA HIS A 124 -3.29 15.31 19.12
C HIS A 124 -3.43 16.67 19.79
N LEU A 125 -4.36 17.47 19.28
CA LEU A 125 -4.59 18.82 19.77
C LEU A 125 -5.05 18.80 21.21
N GLU A 126 -5.91 17.83 21.54
CA GLU A 126 -6.46 17.68 22.89
C GLU A 126 -5.43 17.16 23.89
N LYS A 127 -4.39 16.49 23.39
CA LYS A 127 -3.28 16.05 24.22
C LYS A 127 -2.18 17.12 24.25
N GLY A 128 -2.41 18.24 23.57
CA GLY A 128 -1.51 19.40 23.63
C GLY A 128 -0.39 19.40 22.61
N ARG A 129 -0.53 18.58 21.57
CA ARG A 129 0.47 18.54 20.51
C ARG A 129 0.19 19.62 19.51
N VAL A 130 1.26 20.20 18.96
CA VAL A 130 1.12 21.09 17.83
C VAL A 130 0.90 20.20 16.61
N VAL A 131 -0.11 20.56 15.82
CA VAL A 131 -0.41 19.84 14.60
C VAL A 131 -0.11 20.74 13.42
N ILE A 132 0.77 20.28 12.54
CA ILE A 132 1.07 21.01 11.32
C ILE A 132 0.44 20.29 10.15
N PHE A 133 -0.46 20.98 9.45
CA PHE A 133 -1.12 20.39 8.29
C PHE A 133 -0.30 20.62 7.01
N GLY A 134 0.34 19.55 6.54
CA GLY A 134 1.14 19.62 5.32
C GLY A 134 0.28 19.42 4.09
N ALA A 135 0.71 20.05 2.99
CA ALA A 135 0.05 19.95 1.68
C ALA A 135 -1.40 20.45 1.68
N GLY A 136 -1.67 21.51 2.44
CA GLY A 136 -3.01 22.09 2.51
C GLY A 136 -4.08 21.03 2.67
N THR A 137 -5.00 20.96 1.71
CA THR A 137 -6.08 19.96 1.73
C THR A 137 -5.95 18.96 0.59
N GLY A 138 -4.84 19.02 -0.13
CA GLY A 138 -4.55 18.06 -1.21
C GLY A 138 -5.04 18.49 -2.58
N ASN A 139 -5.93 19.48 -2.59
CA ASN A 139 -6.46 20.07 -3.82
C ASN A 139 -5.47 21.09 -4.37
N PRO A 140 -5.01 20.91 -5.63
CA PRO A 140 -4.09 21.85 -6.27
C PRO A 140 -4.69 23.23 -6.49
N PHE A 141 -5.98 23.28 -6.78
CA PHE A 141 -6.66 24.53 -7.15
C PHE A 141 -6.66 25.61 -6.04
N PHE A 142 -6.42 25.21 -4.79
CA PHE A 142 -6.55 26.11 -3.63
C PHE A 142 -5.27 26.84 -3.26
N THR A 143 -5.41 28.12 -2.90
CA THR A 143 -4.33 28.88 -2.28
C THR A 143 -4.08 28.39 -0.85
N THR A 144 -2.87 28.63 -0.33
CA THR A 144 -2.57 28.39 1.08
C THR A 144 -3.67 28.96 1.98
N ASP A 145 -4.06 30.22 1.74
CA ASP A 145 -5.07 30.89 2.55
C ASP A 145 -6.37 30.10 2.63
N THR A 146 -6.86 29.66 1.48
CA THR A 146 -8.08 28.84 1.41
C THR A 146 -7.93 27.52 2.18
N ALA A 147 -6.79 26.85 1.99
CA ALA A 147 -6.55 25.56 2.62
C ALA A 147 -6.46 25.69 4.14
N ALA A 148 -5.79 26.74 4.59
CA ALA A 148 -5.64 27.02 6.02
C ALA A 148 -6.99 27.33 6.66
N THR A 149 -7.82 28.11 5.97
CA THR A 149 -9.16 28.47 6.46
C THR A 149 -10.06 27.24 6.55
N LEU A 150 -9.97 26.36 5.55
CA LEU A 150 -10.63 25.07 5.55
C LEU A 150 -10.26 24.20 6.77
N ARG A 151 -8.97 23.96 6.96
CA ARG A 151 -8.49 23.23 8.13
C ARG A 151 -8.95 23.91 9.42
N ALA A 152 -8.90 25.26 9.44
CA ALA A 152 -9.29 26.05 10.61
C ALA A 152 -10.76 25.84 10.98
N ILE A 153 -11.62 25.79 9.97
CA ILE A 153 -13.03 25.41 10.17
C ILE A 153 -13.14 23.92 10.58
N GLU A 154 -12.52 23.04 9.81
CA GLU A 154 -12.59 21.59 10.08
C GLU A 154 -12.26 21.23 11.54
N ILE A 155 -11.27 21.89 12.13
CA ILE A 155 -10.87 21.62 13.52
C ILE A 155 -11.61 22.47 14.55
N GLY A 156 -12.60 23.23 14.08
CA GLY A 156 -13.36 24.12 14.94
C GLY A 156 -12.49 25.09 15.72
N SER A 157 -11.60 25.79 14.99
CA SER A 157 -10.75 26.80 15.60
C SER A 157 -11.54 28.02 16.02
N ASP A 158 -11.07 28.69 17.06
CA ASP A 158 -11.72 29.91 17.55
C ASP A 158 -11.38 31.11 16.67
N LEU A 159 -10.21 31.07 16.04
CA LEU A 159 -9.77 32.07 15.07
C LEU A 159 -8.69 31.51 14.14
N ILE A 160 -8.45 32.20 13.02
CA ILE A 160 -7.30 31.93 12.17
C ILE A 160 -6.35 33.13 12.13
N ILE A 161 -5.08 32.91 12.49
CA ILE A 161 -4.03 33.93 12.39
C ILE A 161 -3.21 33.82 11.11
N LYS A 162 -3.30 34.87 10.29
CA LYS A 162 -2.42 35.01 9.14
C LYS A 162 -1.18 35.78 9.61
N ALA A 163 -0.08 35.06 9.79
CA ALA A 163 1.19 35.65 10.21
C ALA A 163 1.87 36.27 9.01
N THR A 164 2.10 37.57 9.05
CA THR A 164 2.75 38.27 7.96
C THR A 164 3.99 38.99 8.49
N LYS A 165 4.68 39.71 7.60
CA LYS A 165 5.83 40.52 7.99
C LYS A 165 5.40 41.95 8.34
N VAL A 166 4.11 42.22 8.21
CA VAL A 166 3.54 43.56 8.44
C VAL A 166 2.55 43.56 9.61
N ASP A 167 2.62 44.61 10.45
CA ASP A 167 1.80 44.80 11.66
C ASP A 167 0.35 44.33 11.61
N GLY A 168 -0.28 44.48 10.45
CA GLY A 168 -1.69 44.15 10.27
C GLY A 168 -2.21 44.51 8.90
N ILE A 169 -3.51 44.75 8.79
CA ILE A 169 -4.14 45.12 7.52
C ILE A 169 -4.06 46.62 7.32
N TYR A 170 -3.51 47.04 6.19
CA TYR A 170 -3.34 48.45 5.89
C TYR A 170 -4.27 48.94 4.78
N ASP A 171 -4.29 50.25 4.57
CA ASP A 171 -5.15 50.88 3.59
C ASP A 171 -4.52 50.86 2.19
N LYS A 172 -3.19 51.00 2.17
CA LYS A 172 -2.37 50.95 0.97
C LYS A 172 -1.16 50.16 1.42
N ASP A 173 -0.31 49.74 0.48
CA ASP A 173 0.91 49.03 0.85
C ASP A 173 1.82 49.99 1.64
N PRO A 174 2.20 49.61 2.88
CA PRO A 174 3.10 50.43 3.70
C PRO A 174 4.42 50.81 3.00
N ASN A 175 4.90 49.96 2.10
CA ASN A 175 6.10 50.25 1.30
C ASN A 175 5.85 51.30 0.22
N LYS A 176 4.71 51.19 -0.47
CA LYS A 176 4.38 52.09 -1.59
C LYS A 176 3.68 53.39 -1.15
N PHE A 177 3.44 53.54 0.15
CA PHE A 177 2.80 54.76 0.64
C PHE A 177 3.22 55.13 2.07
N LYS A 178 3.63 56.38 2.23
CA LYS A 178 3.87 56.97 3.54
C LYS A 178 2.53 57.14 4.29
N ASP A 179 1.51 57.58 3.58
CA ASP A 179 0.18 57.83 4.14
C ASP A 179 -0.66 56.57 4.42
N ALA A 180 -0.01 55.40 4.40
CA ALA A 180 -0.67 54.12 4.67
C ALA A 180 -1.17 54.01 6.11
N LYS A 181 -2.48 53.85 6.26
CA LYS A 181 -3.13 53.76 7.58
C LYS A 181 -3.64 52.34 7.92
N LYS A 182 -3.16 51.80 9.02
CA LYS A 182 -3.60 50.49 9.52
C LYS A 182 -5.09 50.46 9.87
N LEU A 183 -5.76 49.36 9.53
CA LEU A 183 -7.17 49.18 9.83
C LEU A 183 -7.28 48.15 10.96
N ASP A 184 -7.78 48.60 12.11
CA ASP A 184 -7.84 47.76 13.30
C ASP A 184 -8.89 46.66 13.20
N THR A 185 -10.12 47.03 12.84
CA THR A 185 -11.19 46.06 12.68
C THR A 185 -11.87 46.27 11.34
N LEU A 186 -12.19 45.17 10.68
CA LEU A 186 -12.83 45.17 9.36
C LEU A 186 -13.95 44.15 9.34
N SER A 187 -14.99 44.42 8.55
CA SER A 187 -16.01 43.40 8.29
C SER A 187 -15.56 42.53 7.14
N TYR A 188 -16.12 41.31 7.06
CA TYR A 188 -15.84 40.40 5.95
C TYR A 188 -16.07 41.09 4.62
N ASN A 189 -17.25 41.71 4.46
CA ASN A 189 -17.60 42.42 3.23
C ASN A 189 -16.66 43.58 2.89
N ASP A 190 -16.19 44.30 3.92
CA ASP A 190 -15.17 45.34 3.74
C ASP A 190 -13.90 44.75 3.10
N ALA A 191 -13.59 43.51 3.46
CA ALA A 191 -12.46 42.80 2.89
C ALA A 191 -12.75 42.29 1.46
N LEU A 192 -14.00 41.94 1.19
CA LEU A 192 -14.39 41.43 -0.14
C LEU A 192 -14.41 42.49 -1.23
N ILE A 193 -15.06 43.62 -0.95
CA ILE A 193 -15.32 44.63 -1.98
C ILE A 193 -14.16 45.62 -2.14
N GLY A 194 -13.60 46.08 -1.02
CA GLY A 194 -12.49 47.04 -1.03
C GLY A 194 -11.25 46.53 -1.74
N ASP A 195 -10.47 47.46 -2.26
CA ASP A 195 -9.25 47.15 -3.01
C ASP A 195 -8.20 46.47 -2.13
N ILE A 196 -8.14 46.87 -0.86
CA ILE A 196 -7.23 46.29 0.14
C ILE A 196 -7.34 44.76 0.23
N GLU A 197 -6.21 44.09 0.46
CA GLU A 197 -6.23 42.63 0.47
C GLU A 197 -5.76 42.02 1.80
N VAL A 198 -6.42 40.93 2.16
CA VAL A 198 -6.23 40.27 3.44
C VAL A 198 -5.87 38.81 3.13
N MET A 199 -6.83 38.13 2.50
CA MET A 199 -6.66 36.81 1.92
C MET A 199 -7.37 36.87 0.58
N ASP A 200 -7.36 35.76 -0.17
CA ASP A 200 -8.12 35.73 -1.42
C ASP A 200 -9.63 35.56 -1.16
N ASP A 201 -10.42 35.90 -2.18
CA ASP A 201 -11.88 35.98 -2.05
C ASP A 201 -12.55 34.70 -1.51
N THR A 202 -12.05 33.54 -1.93
CA THR A 202 -12.60 32.26 -1.48
C THR A 202 -12.42 32.07 0.03
N ALA A 203 -11.21 32.34 0.53
CA ALA A 203 -10.90 32.18 1.95
C ALA A 203 -11.73 33.08 2.84
N ILE A 204 -11.84 34.36 2.47
CA ILE A 204 -12.62 35.32 3.24
C ILE A 204 -14.09 34.90 3.28
N SER A 205 -14.62 34.47 2.13
CA SER A 205 -16.01 34.02 2.04
C SER A 205 -16.29 32.74 2.84
N LEU A 206 -15.29 31.86 2.90
CA LEU A 206 -15.36 30.65 3.73
C LEU A 206 -15.42 31.01 5.20
N ALA A 207 -14.56 31.94 5.60
CA ALA A 207 -14.50 32.42 6.99
C ALA A 207 -15.75 33.19 7.40
N LYS A 208 -16.39 33.83 6.42
CA LYS A 208 -17.60 34.61 6.65
C LYS A 208 -18.79 33.71 7.00
N ASP A 209 -19.02 32.70 6.17
CA ASP A 209 -20.17 31.80 6.32
C ASP A 209 -20.08 30.95 7.58
N ASN A 210 -18.86 30.60 7.99
CA ASN A 210 -18.66 29.78 9.16
C ASN A 210 -18.33 30.61 10.41
N LYS A 211 -18.44 31.93 10.27
CA LYS A 211 -18.20 32.91 11.36
C LYS A 211 -16.82 32.79 12.04
N LEU A 212 -15.80 32.51 11.24
CA LEU A 212 -14.43 32.34 11.73
C LEU A 212 -13.72 33.69 11.71
N PRO A 213 -13.31 34.20 12.90
CA PRO A 213 -12.56 35.45 12.93
C PRO A 213 -11.17 35.33 12.28
N ILE A 214 -10.78 36.32 11.50
CA ILE A 214 -9.47 36.34 10.85
C ILE A 214 -8.63 37.39 11.54
N VAL A 215 -7.41 37.01 11.91
CA VAL A 215 -6.49 37.96 12.50
C VAL A 215 -5.17 38.00 11.75
N VAL A 216 -4.72 39.21 11.43
CA VAL A 216 -3.48 39.43 10.69
C VAL A 216 -2.51 40.16 11.61
N CYS A 217 -1.38 39.52 11.88
CA CYS A 217 -0.39 40.13 12.77
C CYS A 217 1.05 39.75 12.44
N ASN A 218 1.96 40.58 12.94
CA ASN A 218 3.38 40.36 12.89
C ASN A 218 3.79 39.34 13.95
N MET A 219 4.80 38.54 13.66
CA MET A 219 5.35 37.62 14.64
C MET A 219 6.80 37.90 15.00
N PHE A 220 7.46 38.76 14.23
CA PHE A 220 8.80 39.26 14.57
C PHE A 220 8.80 39.78 16.01
N LYS A 221 7.63 40.16 16.51
CA LYS A 221 7.46 40.79 17.83
C LYS A 221 7.32 39.73 18.95
N LYS A 222 8.30 39.68 19.87
CA LYS A 222 8.35 38.62 20.90
C LYS A 222 7.23 38.74 21.92
N GLY A 223 6.38 37.72 21.99
CA GLY A 223 5.25 37.71 22.93
C GLY A 223 3.96 38.24 22.34
N ASN A 224 4.02 38.77 21.12
CA ASN A 224 2.85 39.35 20.46
C ASN A 224 1.77 38.34 20.16
N LEU A 225 2.15 37.19 19.63
CA LEU A 225 1.19 36.16 19.26
C LEU A 225 0.34 35.74 20.46
N LEU A 226 1.01 35.46 21.59
CA LEU A 226 0.33 35.09 22.82
C LEU A 226 -0.64 36.17 23.23
N GLN A 227 -0.18 37.41 23.11
CA GLN A 227 -0.96 38.58 23.50
C GLN A 227 -2.20 38.70 22.62
N VAL A 228 -2.03 38.41 21.33
CA VAL A 228 -3.13 38.43 20.35
C VAL A 228 -4.19 37.36 20.66
N ILE A 229 -3.74 36.13 20.86
CA ILE A 229 -4.64 34.99 21.04
C ILE A 229 -5.34 34.94 22.41
N LYS A 230 -4.55 35.12 23.48
CA LYS A 230 -5.04 34.96 24.85
C LYS A 230 -5.73 36.20 25.42
N HIS A 231 -5.25 37.38 25.05
CA HIS A 231 -5.71 38.62 25.68
C HIS A 231 -6.50 39.54 24.75
N GLN A 232 -6.57 39.18 23.47
CA GLN A 232 -7.08 40.07 22.43
C GLN A 232 -6.34 41.41 22.50
N GLN A 233 -5.02 41.32 22.65
CA GLN A 233 -4.17 42.48 22.85
C GLN A 233 -2.94 42.35 21.95
N GLY A 234 -1.95 43.22 22.11
CA GLY A 234 -0.78 43.26 21.21
C GLY A 234 -1.02 44.16 20.02
N VAL A 235 -0.39 43.86 18.88
CA VAL A 235 -0.65 44.57 17.62
C VAL A 235 -1.17 43.60 16.55
N PHE A 236 -2.33 43.92 15.96
CA PHE A 236 -2.99 43.04 15.00
C PHE A 236 -4.10 43.78 14.25
N SER A 237 -4.65 43.14 13.23
CA SER A 237 -5.91 43.55 12.63
C SER A 237 -6.89 42.38 12.64
N MET A 238 -8.17 42.67 12.77
CA MET A 238 -9.18 41.62 12.80
C MET A 238 -10.28 41.82 11.77
N VAL A 239 -10.58 40.76 11.03
CA VAL A 239 -11.74 40.74 10.15
C VAL A 239 -12.84 39.98 10.88
N LYS A 240 -13.97 40.64 11.09
CA LYS A 240 -15.04 40.13 11.92
C LYS A 240 -16.38 40.35 11.23
N ASN B 7 18.37 -1.20 -27.27
CA ASN B 7 19.14 -2.33 -26.69
C ASN B 7 20.17 -1.85 -25.69
N LYS B 8 20.77 -0.69 -25.96
CA LYS B 8 21.66 -0.05 -25.03
C LYS B 8 20.85 0.62 -23.91
N ARG B 9 21.31 0.47 -22.67
CA ARG B 9 20.60 0.97 -21.51
C ARG B 9 21.54 1.78 -20.64
N VAL B 10 21.05 2.89 -20.13
CA VAL B 10 21.87 3.91 -19.49
C VAL B 10 21.17 4.58 -18.28
N LEU B 11 21.94 4.85 -17.23
CA LEU B 11 21.50 5.73 -16.17
C LEU B 11 22.29 7.04 -16.15
N VAL B 12 21.57 8.15 -16.23
CA VAL B 12 22.18 9.48 -16.20
C VAL B 12 21.90 10.17 -14.86
N LYS B 13 22.97 10.66 -14.25
CA LYS B 13 22.84 11.27 -12.94
C LYS B 13 23.06 12.77 -13.03
N PHE B 14 22.12 13.52 -12.45
CA PHE B 14 22.26 14.96 -12.30
C PHE B 14 22.32 15.35 -10.82
N SER B 15 23.15 16.33 -10.50
CA SER B 15 23.13 16.96 -9.22
C SER B 15 21.99 17.95 -9.26
N GLY B 16 21.40 18.22 -8.09
CA GLY B 16 20.34 19.22 -7.97
C GLY B 16 20.83 20.56 -8.48
N GLU B 17 22.02 20.94 -8.03
CA GLU B 17 22.68 22.18 -8.40
C GLU B 17 22.75 22.39 -9.92
N ALA B 18 22.85 21.28 -10.65
CA ALA B 18 22.87 21.31 -12.10
C ALA B 18 21.60 21.94 -12.68
N LEU B 19 20.45 21.62 -12.09
CA LEU B 19 19.16 22.12 -12.59
C LEU B 19 18.89 23.58 -12.21
N ALA B 20 19.76 24.16 -11.38
CA ALA B 20 19.58 25.52 -10.90
C ALA B 20 20.11 26.56 -11.88
N GLY B 21 20.96 26.12 -12.82
CA GLY B 21 21.48 26.99 -13.87
C GLY B 21 22.46 28.03 -13.36
N ASP B 22 22.17 29.31 -13.63
CA ASP B 22 23.08 30.39 -13.26
C ASP B 22 22.93 30.83 -11.79
N ASN B 23 22.03 30.17 -11.08
CA ASN B 23 21.80 30.45 -9.67
C ASN B 23 22.20 29.23 -8.83
N GLN B 24 22.37 29.44 -7.53
CA GLN B 24 22.71 28.34 -6.62
C GLN B 24 21.45 27.60 -6.24
N PHE B 25 20.35 28.35 -6.19
CA PHE B 25 19.08 27.83 -5.76
C PHE B 25 18.05 27.80 -6.89
N GLY B 26 17.14 26.83 -6.83
CA GLY B 26 15.97 26.81 -7.69
C GLY B 26 16.01 25.90 -8.90
N ILE B 27 15.07 26.12 -9.82
CA ILE B 27 14.93 25.33 -11.03
C ILE B 27 14.96 26.24 -12.24
N ASP B 28 15.99 26.06 -13.05
CA ASP B 28 16.09 26.83 -14.28
C ASP B 28 15.42 26.06 -15.40
N ILE B 29 14.39 26.66 -15.99
CA ILE B 29 13.55 25.98 -16.96
C ILE B 29 14.22 25.83 -18.33
N HIS B 30 15.15 26.75 -18.65
CA HIS B 30 15.96 26.71 -19.89
C HIS B 30 16.94 25.53 -19.84
N VAL B 31 17.48 25.24 -18.65
CA VAL B 31 18.40 24.12 -18.43
C VAL B 31 17.66 22.79 -18.58
N LEU B 32 16.49 22.68 -17.96
CA LEU B 32 15.66 21.48 -18.06
C LEU B 32 15.25 21.18 -19.50
N ASP B 33 14.88 22.23 -20.23
CA ASP B 33 14.59 22.10 -21.66
C ASP B 33 15.79 21.55 -22.39
N HIS B 34 16.95 22.15 -22.16
CA HIS B 34 18.19 21.68 -22.78
C HIS B 34 18.46 20.18 -22.53
N ILE B 35 18.28 19.75 -21.30
CA ILE B 35 18.49 18.35 -20.91
C ILE B 35 17.47 17.42 -21.57
N ALA B 36 16.23 17.90 -21.67
CA ALA B 36 15.16 17.12 -22.27
C ALA B 36 15.47 16.75 -23.71
N LYS B 37 15.98 17.73 -24.47
CA LYS B 37 16.45 17.55 -25.83
C LYS B 37 17.55 16.51 -25.95
N GLU B 38 18.51 16.51 -25.02
CA GLU B 38 19.60 15.54 -25.05
C GLU B 38 19.07 14.14 -24.80
N ILE B 39 18.18 14.01 -23.81
CA ILE B 39 17.50 12.77 -23.53
C ILE B 39 16.68 12.31 -24.74
N LYS B 40 16.01 13.25 -25.40
CA LYS B 40 15.24 12.95 -26.60
C LYS B 40 16.09 12.27 -27.67
N SER B 41 17.31 12.77 -27.88
CA SER B 41 18.20 12.20 -28.89
C SER B 41 18.64 10.77 -28.55
N LEU B 42 18.65 10.44 -27.27
CA LEU B 42 18.96 9.07 -26.85
C LEU B 42 17.78 8.14 -27.10
N VAL B 43 16.60 8.59 -26.68
CA VAL B 43 15.37 7.82 -26.86
C VAL B 43 15.09 7.55 -28.35
N GLU B 44 15.20 8.58 -29.17
CA GLU B 44 14.95 8.46 -30.62
C GLU B 44 15.96 7.56 -31.34
N ASN B 45 17.04 7.21 -30.65
CA ASN B 45 18.05 6.28 -31.13
C ASN B 45 17.98 4.96 -30.37
N ASP B 46 16.83 4.71 -29.76
CA ASP B 46 16.52 3.45 -29.05
C ASP B 46 17.42 3.15 -27.86
N ILE B 47 17.86 4.18 -27.17
CA ILE B 47 18.61 4.00 -25.93
C ILE B 47 17.63 4.11 -24.77
N GLU B 48 17.69 3.13 -23.88
CA GLU B 48 16.81 3.10 -22.70
C GLU B 48 17.45 3.90 -21.59
N VAL B 49 16.73 4.92 -21.10
CA VAL B 49 17.31 5.91 -20.20
C VAL B 49 16.66 5.94 -18.83
N GLY B 50 17.48 5.71 -17.81
CA GLY B 50 17.10 5.97 -16.42
C GLY B 50 17.78 7.24 -15.94
N ILE B 51 17.07 8.06 -15.19
CA ILE B 51 17.64 9.30 -14.67
C ILE B 51 17.55 9.36 -13.15
N VAL B 52 18.66 9.69 -12.51
CA VAL B 52 18.69 9.94 -11.07
C VAL B 52 19.08 11.39 -10.83
N ILE B 53 18.24 12.10 -10.09
CA ILE B 53 18.35 13.54 -9.93
C ILE B 53 18.62 13.88 -8.46
N GLY B 54 19.53 14.83 -8.24
CA GLY B 54 19.82 15.32 -6.88
C GLY B 54 18.83 16.38 -6.42
N GLY B 55 19.06 16.92 -5.22
CA GLY B 55 18.13 17.87 -4.60
C GLY B 55 18.79 19.10 -4.02
N GLY B 56 20.10 19.19 -4.21
CA GLY B 56 20.93 20.24 -3.62
C GLY B 56 20.59 21.65 -4.04
N ASN B 57 19.82 21.81 -5.11
CA ASN B 57 19.35 23.14 -5.50
C ASN B 57 18.28 23.68 -4.57
N ILE B 58 17.74 22.80 -3.71
CA ILE B 58 16.67 23.15 -2.78
C ILE B 58 17.08 22.94 -1.32
N ILE B 59 17.40 21.69 -0.95
CA ILE B 59 17.85 21.38 0.40
C ILE B 59 18.88 20.25 0.41
N ARG B 60 19.94 20.43 1.19
CA ARG B 60 20.84 19.35 1.56
C ARG B 60 20.74 19.14 3.07
N GLY B 61 20.61 17.88 3.49
CA GLY B 61 20.56 17.52 4.90
C GLY B 61 21.70 17.98 5.77
N VAL B 62 22.94 17.93 5.25
CA VAL B 62 24.10 18.42 6.01
C VAL B 62 23.96 19.92 6.34
N SER B 63 23.69 20.74 5.32
CA SER B 63 23.46 22.18 5.51
C SER B 63 22.30 22.42 6.48
N ALA B 64 21.24 21.65 6.29
CA ALA B 64 20.03 21.77 7.10
C ALA B 64 20.26 21.46 8.59
N ALA B 65 21.22 20.58 8.89
CA ALA B 65 21.50 20.17 10.27
C ALA B 65 22.45 21.08 11.05
N GLN B 66 23.11 22.01 10.34
CA GLN B 66 23.94 23.03 10.97
C GLN B 66 23.15 23.77 12.04
N GLY B 67 23.75 23.92 13.22
CA GLY B 67 23.09 24.59 14.33
C GLY B 67 22.36 23.63 15.26
N GLY B 68 22.02 22.45 14.75
CA GLY B 68 21.37 21.42 15.55
C GLY B 68 19.88 21.59 15.80
N ILE B 69 19.22 22.39 14.96
CA ILE B 69 17.77 22.59 15.07
C ILE B 69 17.05 21.43 14.34
N ILE B 70 17.48 21.16 13.12
CA ILE B 70 16.95 20.03 12.36
C ILE B 70 17.89 18.83 12.53
N ARG B 71 17.33 17.70 12.97
CA ARG B 71 18.10 16.46 13.06
C ARG B 71 18.60 16.04 11.69
N ARG B 72 19.84 15.60 11.62
CA ARG B 72 20.46 15.18 10.37
C ARG B 72 19.54 14.27 9.55
N THR B 73 18.92 13.30 10.21
CA THR B 73 17.97 12.38 9.57
C THR B 73 16.78 13.08 8.89
N SER B 74 16.16 14.02 9.60
CA SER B 74 15.01 14.76 9.05
C SER B 74 15.43 15.67 7.91
N GLY B 75 16.64 16.20 8.02
CA GLY B 75 17.26 16.93 6.91
C GLY B 75 17.36 16.09 5.65
N ASP B 76 17.84 14.86 5.78
CA ASP B 76 17.99 13.98 4.62
C ASP B 76 16.65 13.65 3.97
N TYR B 77 15.60 13.53 4.76
CA TYR B 77 14.25 13.32 4.20
C TYR B 77 13.76 14.54 3.45
N MET B 78 14.03 15.71 4.02
CA MET B 78 13.74 16.98 3.36
C MET B 78 14.45 17.05 2.02
N GLY B 79 15.71 16.62 1.99
CA GLY B 79 16.48 16.54 0.75
C GLY B 79 15.91 15.52 -0.24
N MET B 80 15.35 14.43 0.28
CA MET B 80 14.83 13.39 -0.58
C MET B 80 13.54 13.86 -1.24
N LEU B 81 12.75 14.64 -0.51
CA LEU B 81 11.54 15.27 -1.05
C LEU B 81 11.88 16.26 -2.15
N ALA B 82 12.93 17.04 -1.92
CA ALA B 82 13.39 18.02 -2.90
C ALA B 82 13.76 17.36 -4.21
N THR B 83 14.27 16.12 -4.16
CA THR B 83 14.59 15.39 -5.38
C THR B 83 13.35 15.01 -6.17
N VAL B 84 12.23 14.82 -5.47
CA VAL B 84 10.98 14.45 -6.13
C VAL B 84 10.41 15.66 -6.87
N ILE B 85 10.52 16.83 -6.24
CA ILE B 85 10.17 18.09 -6.89
C ILE B 85 10.96 18.31 -8.19
N ASN B 86 12.25 17.97 -8.18
CA ASN B 86 13.09 18.12 -9.36
C ASN B 86 12.68 17.12 -10.41
N ALA B 87 12.43 15.90 -9.97
CA ALA B 87 11.98 14.82 -10.82
C ALA B 87 10.69 15.18 -11.55
N VAL B 88 9.77 15.80 -10.82
CA VAL B 88 8.49 16.19 -11.41
C VAL B 88 8.67 17.25 -12.48
N ALA B 89 9.47 18.26 -12.20
CA ALA B 89 9.81 19.29 -13.19
C ALA B 89 10.55 18.68 -14.38
N MET B 90 11.40 17.70 -14.10
CA MET B 90 12.14 17.01 -15.15
C MET B 90 11.17 16.26 -16.08
N GLN B 91 10.18 15.61 -15.47
CA GLN B 91 9.14 14.88 -16.20
C GLN B 91 8.37 15.78 -17.15
N GLU B 92 8.02 16.98 -16.67
CA GLU B 92 7.19 17.88 -17.45
C GLU B 92 7.94 18.41 -18.65
N ALA B 93 9.24 18.64 -18.48
CA ALA B 93 10.11 19.05 -19.57
C ALA B 93 10.20 17.95 -20.64
N LEU B 94 10.22 16.69 -20.19
CA LEU B 94 10.31 15.55 -21.08
C LEU B 94 8.98 15.29 -21.79
N GLU B 95 7.89 15.26 -21.03
CA GLU B 95 6.55 15.04 -21.60
C GLU B 95 6.20 16.15 -22.59
N HIS B 96 6.67 17.36 -22.31
CA HIS B 96 6.44 18.53 -23.17
C HIS B 96 6.92 18.32 -24.62
N ILE B 97 8.09 17.73 -24.80
CA ILE B 97 8.60 17.43 -26.15
C ILE B 97 8.23 16.02 -26.60
N GLY B 98 7.13 15.49 -26.07
CA GLY B 98 6.56 14.23 -26.54
C GLY B 98 7.27 12.95 -26.12
N LEU B 99 7.89 12.96 -24.95
CA LEU B 99 8.53 11.76 -24.41
C LEU B 99 7.64 11.10 -23.38
N ASP B 100 7.50 9.79 -23.48
CA ASP B 100 6.76 9.06 -22.46
C ASP B 100 7.68 8.81 -21.25
N THR B 101 7.22 9.24 -20.08
CA THR B 101 8.04 9.15 -18.87
C THR B 101 7.27 8.60 -17.67
N ARG B 102 8.02 8.14 -16.69
CA ARG B 102 7.47 7.66 -15.45
C ARG B 102 8.42 8.13 -14.36
N VAL B 103 7.84 8.61 -13.25
CA VAL B 103 8.64 8.92 -12.07
C VAL B 103 8.43 7.83 -11.04
N GLN B 104 9.54 7.34 -10.48
CA GLN B 104 9.49 6.38 -9.42
C GLN B 104 10.29 6.92 -8.26
N SER B 105 9.71 6.83 -7.06
CA SER B 105 10.31 7.41 -5.87
C SER B 105 10.61 6.32 -4.86
N ALA B 106 11.80 6.38 -4.26
CA ALA B 106 12.21 5.41 -3.25
C ALA B 106 11.37 5.60 -1.99
N ILE B 107 10.79 6.79 -1.87
CA ILE B 107 9.86 7.10 -0.80
C ILE B 107 8.46 7.26 -1.38
N GLU B 108 7.51 6.54 -0.81
CA GLU B 108 6.17 6.48 -1.37
C GLU B 108 5.39 7.79 -1.23
N ILE B 109 5.06 8.40 -2.36
CA ILE B 109 4.18 9.56 -2.41
C ILE B 109 3.06 9.22 -3.37
N LYS B 110 2.08 8.52 -2.81
CA LYS B 110 1.05 7.80 -3.55
C LYS B 110 0.35 8.61 -4.64
N GLU B 111 0.04 9.86 -4.33
CA GLU B 111 -0.81 10.67 -5.19
C GLU B 111 -0.04 11.30 -6.35
N ILE B 112 1.28 11.43 -6.22
CA ILE B 112 2.01 12.19 -7.24
C ILE B 112 2.90 11.38 -8.18
N CYS B 113 3.41 10.24 -7.71
CA CYS B 113 4.21 9.35 -8.54
C CYS B 113 4.16 7.92 -8.01
N GLU B 114 4.58 6.96 -8.83
CA GLU B 114 4.62 5.56 -8.39
C GLU B 114 5.89 5.27 -7.58
N SER B 115 5.86 4.19 -6.81
CA SER B 115 7.01 3.78 -6.00
C SER B 115 8.06 3.12 -6.86
N TYR B 116 9.30 3.09 -6.36
CA TYR B 116 10.31 2.29 -7.02
C TYR B 116 9.95 0.82 -6.88
N ILE B 117 9.79 0.17 -8.02
CA ILE B 117 9.59 -1.26 -8.06
C ILE B 117 10.50 -1.78 -9.14
N TYR B 118 11.48 -2.56 -8.72
CA TYR B 118 12.51 -3.13 -9.56
C TYR B 118 11.97 -3.56 -10.95
N ARG B 119 11.03 -4.49 -10.95
CA ARG B 119 10.49 -5.07 -12.19
C ARG B 119 9.67 -4.10 -13.06
N LYS B 120 9.03 -3.11 -12.45
CA LYS B 120 8.25 -2.14 -13.21
C LYS B 120 9.14 -1.16 -13.95
N ALA B 121 10.17 -0.69 -13.26
CA ALA B 121 11.16 0.20 -13.82
C ALA B 121 11.72 -0.39 -15.12
N ILE B 122 12.15 -1.65 -15.07
CA ILE B 122 12.70 -2.36 -16.22
C ILE B 122 11.67 -2.44 -17.33
N ARG B 123 10.45 -2.83 -16.95
CA ARG B 123 9.29 -2.90 -17.84
C ARG B 123 9.03 -1.57 -18.55
N HIS B 124 9.05 -0.47 -17.81
CA HIS B 124 8.93 0.87 -18.40
C HIS B 124 10.05 1.13 -19.41
N LEU B 125 11.27 0.73 -19.08
CA LEU B 125 12.41 0.91 -19.97
C LEU B 125 12.32 0.04 -21.23
N GLU B 126 11.75 -1.16 -21.12
CA GLU B 126 11.59 -2.03 -22.29
C GLU B 126 10.60 -1.42 -23.29
N LYS B 127 9.64 -0.67 -22.75
CA LYS B 127 8.62 -0.02 -23.57
C LYS B 127 9.08 1.32 -24.14
N GLY B 128 10.35 1.68 -23.90
CA GLY B 128 10.92 2.90 -24.45
C GLY B 128 10.66 4.16 -23.63
N ARG B 129 10.27 3.99 -22.38
CA ARG B 129 9.94 5.10 -21.52
C ARG B 129 11.16 5.55 -20.72
N VAL B 130 11.23 6.84 -20.44
CA VAL B 130 12.27 7.37 -19.58
C VAL B 130 11.82 7.23 -18.13
N VAL B 131 12.68 6.66 -17.30
CA VAL B 131 12.36 6.53 -15.88
C VAL B 131 13.22 7.49 -15.07
N ILE B 132 12.55 8.34 -14.31
CA ILE B 132 13.20 9.27 -13.42
C ILE B 132 13.02 8.73 -12.00
N PHE B 133 14.14 8.51 -11.32
CA PHE B 133 14.14 7.96 -9.97
C PHE B 133 14.34 9.07 -8.94
N GLY B 134 13.32 9.29 -8.12
CA GLY B 134 13.39 10.29 -7.07
C GLY B 134 13.62 9.68 -5.70
N ALA B 135 14.00 10.53 -4.75
CA ALA B 135 14.20 10.17 -3.34
C ALA B 135 15.41 9.27 -3.08
N GLY B 136 16.32 9.23 -4.06
CA GLY B 136 17.58 8.50 -3.93
C GLY B 136 17.39 7.04 -3.61
N THR B 137 18.05 6.59 -2.54
CA THR B 137 17.97 5.21 -2.06
C THR B 137 16.77 5.00 -1.13
N GLY B 138 16.15 6.10 -0.69
CA GLY B 138 15.06 6.05 0.29
C GLY B 138 15.59 5.97 1.71
N ASN B 139 16.90 6.05 1.86
CA ASN B 139 17.55 6.03 3.17
C ASN B 139 18.35 7.30 3.36
N PRO B 140 18.31 7.86 4.57
CA PRO B 140 19.16 8.99 4.87
C PRO B 140 20.62 8.56 4.94
N PHE B 141 21.52 9.53 4.93
CA PHE B 141 22.97 9.29 5.07
C PHE B 141 23.70 8.79 3.83
N PHE B 142 22.95 8.41 2.80
CA PHE B 142 23.55 8.04 1.54
C PHE B 142 23.53 9.24 0.59
N THR B 143 24.30 9.17 -0.49
CA THR B 143 24.42 10.30 -1.45
C THR B 143 23.67 10.02 -2.76
N THR B 144 23.41 11.07 -3.53
CA THR B 144 22.83 10.93 -4.87
C THR B 144 23.68 10.03 -5.77
N ASP B 145 25.01 10.18 -5.67
CA ASP B 145 25.98 9.33 -6.39
C ASP B 145 25.80 7.84 -6.11
N THR B 146 25.68 7.51 -4.84
CA THR B 146 25.42 6.16 -4.41
C THR B 146 24.06 5.68 -4.94
N ALA B 147 23.03 6.51 -4.78
CA ALA B 147 21.70 6.19 -5.26
C ALA B 147 21.70 5.92 -6.77
N ALA B 148 22.40 6.77 -7.52
CA ALA B 148 22.48 6.63 -8.96
C ALA B 148 23.18 5.34 -9.36
N THR B 149 24.30 5.03 -8.71
CA THR B 149 25.06 3.81 -8.96
C THR B 149 24.23 2.56 -8.64
N LEU B 150 23.49 2.64 -7.54
CA LEU B 150 22.58 1.58 -7.13
C LEU B 150 21.52 1.33 -8.19
N ARG B 151 20.74 2.37 -8.52
CA ARG B 151 19.71 2.24 -9.54
C ARG B 151 20.30 1.76 -10.86
N ALA B 152 21.54 2.17 -11.16
CA ALA B 152 22.18 1.80 -12.42
C ALA B 152 22.40 0.30 -12.52
N ILE B 153 22.91 -0.30 -11.45
CA ILE B 153 23.20 -1.73 -11.42
C ILE B 153 21.88 -2.53 -11.40
N GLU B 154 20.91 -2.02 -10.64
CA GLU B 154 19.59 -2.63 -10.52
C GLU B 154 18.90 -2.78 -11.89
N ILE B 155 18.97 -1.76 -12.72
CA ILE B 155 18.31 -1.82 -14.04
C ILE B 155 19.17 -2.53 -15.10
N GLY B 156 20.38 -2.93 -14.72
CA GLY B 156 21.29 -3.62 -15.62
C GLY B 156 21.94 -2.69 -16.63
N SER B 157 22.37 -1.52 -16.17
CA SER B 157 22.90 -0.48 -17.04
C SER B 157 24.20 -0.89 -17.71
N ASP B 158 24.40 -0.38 -18.91
CA ASP B 158 25.67 -0.56 -19.60
C ASP B 158 26.70 0.39 -19.01
N LEU B 159 26.23 1.53 -18.52
CA LEU B 159 27.05 2.46 -17.76
C LEU B 159 26.23 3.47 -16.96
N ILE B 160 26.93 4.21 -16.09
CA ILE B 160 26.37 5.38 -15.43
C ILE B 160 27.08 6.62 -15.97
N ILE B 161 26.29 7.64 -16.31
CA ILE B 161 26.86 8.90 -16.73
C ILE B 161 26.64 9.95 -15.66
N LYS B 162 27.74 10.41 -15.08
CA LYS B 162 27.71 11.52 -14.13
C LYS B 162 27.85 12.79 -14.93
N ALA B 163 26.71 13.43 -15.19
CA ALA B 163 26.67 14.67 -15.93
C ALA B 163 26.99 15.80 -14.97
N THR B 164 28.09 16.50 -15.27
CA THR B 164 28.57 17.63 -14.49
C THR B 164 28.77 18.84 -15.42
N LYS B 165 29.35 19.91 -14.88
CA LYS B 165 29.60 21.13 -15.63
C LYS B 165 30.94 21.07 -16.39
N VAL B 166 31.81 20.15 -15.98
CA VAL B 166 33.17 20.01 -16.52
C VAL B 166 33.20 18.92 -17.62
N ASP B 167 34.21 18.99 -18.50
CA ASP B 167 34.36 18.09 -19.66
C ASP B 167 34.63 16.64 -19.27
N GLY B 168 35.18 16.45 -18.07
CA GLY B 168 35.58 15.13 -17.59
C GLY B 168 36.11 15.24 -16.19
N ILE B 169 37.12 14.43 -15.87
CA ILE B 169 37.74 14.44 -14.54
C ILE B 169 39.05 15.20 -14.62
N TYR B 170 39.22 16.19 -13.75
CA TYR B 170 40.45 16.99 -13.70
C TYR B 170 41.10 16.87 -12.32
N ASP B 171 42.36 17.32 -12.22
CA ASP B 171 43.07 17.35 -10.94
C ASP B 171 42.76 18.60 -10.13
N LYS B 172 42.41 19.69 -10.83
CA LYS B 172 42.04 20.96 -10.21
C LYS B 172 40.79 21.55 -10.88
N ASP B 173 40.11 22.47 -10.20
CA ASP B 173 38.97 23.19 -10.78
C ASP B 173 39.40 24.03 -11.99
N ALA B 180 45.33 21.50 -13.61
CA ALA B 180 46.18 21.86 -14.75
C ALA B 180 46.16 20.80 -15.86
N LYS B 181 45.16 19.91 -15.83
CA LYS B 181 45.02 18.83 -16.83
C LYS B 181 43.73 18.03 -16.68
N LYS B 182 43.30 17.39 -17.76
CA LYS B 182 42.12 16.52 -17.75
C LYS B 182 42.55 15.05 -17.80
N LEU B 183 41.83 14.20 -17.06
CA LEU B 183 42.20 12.79 -16.95
C LEU B 183 41.24 11.88 -17.71
N ASP B 184 41.76 11.26 -18.77
CA ASP B 184 40.96 10.48 -19.73
C ASP B 184 40.41 9.15 -19.20
N THR B 185 41.30 8.22 -18.85
CA THR B 185 40.87 6.95 -18.27
C THR B 185 41.38 6.73 -16.85
N LEU B 186 40.55 6.11 -16.02
CA LEU B 186 40.86 5.86 -14.62
C LEU B 186 40.50 4.46 -14.15
N SER B 187 41.36 3.90 -13.31
CA SER B 187 41.06 2.68 -12.59
C SER B 187 40.06 2.99 -11.45
N TYR B 188 39.36 1.97 -10.98
CA TYR B 188 38.50 2.12 -9.79
C TYR B 188 39.32 2.49 -8.55
N ASN B 189 40.40 1.74 -8.32
CA ASN B 189 41.29 2.00 -7.18
C ASN B 189 41.96 3.37 -7.21
N ASP B 190 42.38 3.80 -8.40
CA ASP B 190 42.88 5.16 -8.61
C ASP B 190 41.86 6.21 -8.14
N ALA B 191 40.59 5.95 -8.41
CA ALA B 191 39.52 6.83 -7.96
C ALA B 191 39.27 6.74 -6.44
N LEU B 192 39.54 5.57 -5.86
CA LEU B 192 39.39 5.38 -4.40
C LEU B 192 40.56 5.97 -3.64
N ILE B 193 41.75 5.91 -4.22
CA ILE B 193 42.97 6.36 -3.55
C ILE B 193 43.11 7.89 -3.62
N GLY B 194 43.25 8.42 -4.85
CA GLY B 194 43.63 9.81 -5.08
C GLY B 194 42.77 10.92 -4.48
N ASP B 195 43.35 12.13 -4.45
CA ASP B 195 42.68 13.32 -3.93
C ASP B 195 41.60 13.81 -4.88
N ILE B 196 41.74 13.45 -6.15
CA ILE B 196 40.71 13.75 -7.17
C ILE B 196 39.46 12.93 -6.87
N GLU B 197 38.34 13.63 -6.71
CA GLU B 197 37.09 12.96 -6.38
C GLU B 197 36.17 12.88 -7.59
N VAL B 198 35.70 11.66 -7.89
CA VAL B 198 34.78 11.42 -8.99
C VAL B 198 33.38 11.34 -8.41
N MET B 199 33.20 10.37 -7.50
CA MET B 199 32.03 10.26 -6.65
C MET B 199 32.57 9.87 -5.27
N ASP B 200 31.68 9.61 -4.30
CA ASP B 200 32.14 9.16 -2.99
C ASP B 200 32.50 7.68 -3.00
N ASP B 201 33.29 7.26 -2.01
CA ASP B 201 33.87 5.92 -1.97
C ASP B 201 32.88 4.78 -2.10
N THR B 202 31.70 4.92 -1.50
CA THR B 202 30.73 3.83 -1.52
C THR B 202 30.14 3.60 -2.91
N ALA B 203 29.96 4.69 -3.66
CA ALA B 203 29.49 4.60 -5.04
C ALA B 203 30.51 3.94 -5.97
N ILE B 204 31.79 4.26 -5.78
CA ILE B 204 32.87 3.72 -6.60
C ILE B 204 33.07 2.23 -6.33
N SER B 205 33.06 1.85 -5.06
CA SER B 205 33.13 0.45 -4.62
C SER B 205 31.95 -0.36 -5.14
N LEU B 206 30.76 0.22 -5.07
CA LEU B 206 29.57 -0.40 -5.63
C LEU B 206 29.73 -0.62 -7.14
N ALA B 207 30.37 0.33 -7.81
CA ALA B 207 30.59 0.25 -9.26
C ALA B 207 31.65 -0.79 -9.60
N LYS B 208 32.73 -0.79 -8.82
CA LYS B 208 33.82 -1.74 -8.99
C LYS B 208 33.34 -3.17 -8.80
N ASP B 209 32.68 -3.42 -7.67
CA ASP B 209 32.20 -4.76 -7.36
C ASP B 209 31.31 -5.33 -8.47
N ASN B 210 30.62 -4.45 -9.18
CA ASN B 210 29.65 -4.88 -10.18
C ASN B 210 30.06 -4.61 -11.63
N LYS B 211 31.33 -4.25 -11.82
CA LYS B 211 31.92 -4.02 -13.16
C LYS B 211 31.12 -3.04 -14.02
N LEU B 212 30.79 -1.90 -13.43
CA LEU B 212 29.93 -0.91 -14.04
C LEU B 212 30.76 0.33 -14.37
N PRO B 213 30.95 0.61 -15.67
CA PRO B 213 31.77 1.76 -16.07
C PRO B 213 31.11 3.07 -15.67
N ILE B 214 31.93 4.07 -15.35
CA ILE B 214 31.44 5.39 -14.98
C ILE B 214 31.97 6.45 -15.93
N VAL B 215 31.05 7.10 -16.63
CA VAL B 215 31.43 8.20 -17.49
C VAL B 215 31.16 9.52 -16.78
N VAL B 216 32.11 10.43 -16.84
CA VAL B 216 31.92 11.81 -16.39
C VAL B 216 32.04 12.70 -17.62
N CYS B 217 30.99 13.44 -17.93
CA CYS B 217 30.99 14.34 -19.07
C CYS B 217 30.16 15.59 -18.86
N ASN B 218 30.33 16.56 -19.77
CA ASN B 218 29.63 17.83 -19.73
C ASN B 218 28.21 17.68 -20.28
N MET B 219 27.25 18.27 -19.59
CA MET B 219 25.85 18.20 -19.98
C MET B 219 25.48 19.21 -21.09
N PHE B 220 26.31 20.23 -21.28
CA PHE B 220 25.98 21.38 -22.12
C PHE B 220 26.45 21.33 -23.58
N LYS B 221 27.22 20.30 -23.96
CA LYS B 221 27.69 20.17 -25.36
C LYS B 221 26.83 19.20 -26.17
N LYS B 222 26.22 19.71 -27.24
CA LYS B 222 25.16 18.97 -27.96
C LYS B 222 25.63 17.73 -28.69
N GLY B 223 24.81 16.69 -28.63
CA GLY B 223 25.10 15.42 -29.29
C GLY B 223 26.13 14.56 -28.56
N ASN B 224 26.75 15.15 -27.53
CA ASN B 224 27.85 14.49 -26.85
C ASN B 224 27.41 13.18 -26.16
N LEU B 225 26.34 13.27 -25.38
CA LEU B 225 25.80 12.12 -24.68
C LEU B 225 25.55 10.94 -25.64
N LEU B 226 24.94 11.24 -26.79
CA LEU B 226 24.61 10.24 -27.80
C LEU B 226 25.87 9.55 -28.31
N GLN B 227 26.93 10.33 -28.46
CA GLN B 227 28.22 9.84 -28.95
C GLN B 227 28.93 8.94 -27.94
N VAL B 228 28.81 9.26 -26.65
CA VAL B 228 29.43 8.48 -25.60
C VAL B 228 28.79 7.10 -25.49
N ILE B 229 27.47 7.07 -25.53
CA ILE B 229 26.72 5.84 -25.35
C ILE B 229 26.73 4.97 -26.60
N LYS B 230 26.42 5.58 -27.75
CA LYS B 230 26.24 4.84 -28.99
C LYS B 230 27.57 4.49 -29.65
N HIS B 231 28.58 5.33 -29.45
CA HIS B 231 29.84 5.18 -30.20
C HIS B 231 31.11 5.06 -29.36
N GLN B 232 31.01 5.30 -28.05
CA GLN B 232 32.18 5.42 -27.17
C GLN B 232 33.14 6.53 -27.64
N GLN B 233 32.57 7.61 -28.16
CA GLN B 233 33.34 8.77 -28.60
C GLN B 233 32.82 10.06 -27.95
N GLY B 234 33.06 11.22 -28.57
CA GLY B 234 32.71 12.49 -27.94
C GLY B 234 33.72 12.83 -26.86
N VAL B 235 33.33 13.69 -25.92
CA VAL B 235 34.25 14.12 -24.86
C VAL B 235 33.74 13.77 -23.48
N PHE B 236 34.61 13.14 -22.69
CA PHE B 236 34.25 12.53 -21.41
C PHE B 236 35.49 11.93 -20.74
N SER B 237 35.37 11.65 -19.45
CA SER B 237 36.34 10.85 -18.71
C SER B 237 35.68 9.56 -18.26
N MET B 238 36.47 8.48 -18.18
CA MET B 238 35.92 7.18 -17.80
C MET B 238 36.64 6.52 -16.61
N VAL B 239 35.85 6.08 -15.64
CA VAL B 239 36.35 5.24 -14.55
C VAL B 239 35.94 3.78 -14.80
N LYS B 240 36.94 2.92 -15.04
CA LYS B 240 36.72 1.48 -15.21
C LYS B 240 37.98 0.67 -14.86
N ASN C 7 17.98 7.59 29.22
CA ASN C 7 17.86 6.13 28.86
C ASN C 7 18.79 5.74 27.71
N LYS C 8 19.65 4.76 27.96
CA LYS C 8 20.53 4.21 26.92
C LYS C 8 19.72 3.53 25.81
N ARG C 9 20.15 3.76 24.57
CA ARG C 9 19.53 3.15 23.39
C ARG C 9 20.59 2.43 22.58
N VAL C 10 20.39 1.14 22.30
CA VAL C 10 21.35 0.34 21.55
C VAL C 10 20.75 -0.32 20.32
N LEU C 11 21.62 -0.60 19.35
CA LEU C 11 21.25 -1.48 18.27
C LEU C 11 22.12 -2.74 18.23
N VAL C 12 21.46 -3.88 18.35
CA VAL C 12 22.14 -5.16 18.31
C VAL C 12 21.96 -5.86 16.96
N LYS C 13 23.07 -6.16 16.31
CA LYS C 13 23.06 -6.88 15.05
C LYS C 13 23.43 -8.34 15.24
N PHE C 14 22.61 -9.22 14.67
CA PHE C 14 22.95 -10.63 14.57
C PHE C 14 23.00 -10.98 13.11
N SER C 15 23.95 -11.82 12.73
CA SER C 15 23.89 -12.46 11.42
C SER C 15 22.77 -13.48 11.45
N GLY C 16 22.21 -13.79 10.29
CA GLY C 16 21.23 -14.86 10.18
C GLY C 16 21.75 -16.19 10.70
N GLU C 17 23.01 -16.49 10.39
CA GLU C 17 23.65 -17.75 10.80
C GLU C 17 23.69 -17.98 12.32
N ALA C 18 23.79 -16.89 13.08
CA ALA C 18 23.73 -16.96 14.53
C ALA C 18 22.41 -17.55 15.04
N LEU C 19 21.37 -17.51 14.22
CA LEU C 19 20.07 -18.04 14.61
C LEU C 19 19.91 -19.54 14.32
N ALA C 20 20.90 -20.12 13.65
CA ALA C 20 20.83 -21.51 13.20
C ALA C 20 21.41 -22.51 14.22
N GLY C 21 22.36 -22.05 15.03
CA GLY C 21 23.00 -22.88 16.05
C GLY C 21 23.87 -23.97 15.44
N ASP C 22 23.52 -25.22 15.72
CA ASP C 22 24.27 -26.38 15.24
C ASP C 22 24.26 -26.58 13.72
N ASN C 23 23.10 -26.44 13.08
CA ASN C 23 23.04 -26.39 11.62
C ASN C 23 23.61 -25.07 11.13
N GLN C 24 24.04 -25.03 9.88
CA GLN C 24 24.38 -23.75 9.24
C GLN C 24 23.07 -23.08 8.83
N PHE C 25 22.03 -23.90 8.69
CA PHE C 25 20.79 -23.48 8.05
C PHE C 25 19.54 -23.58 8.95
N GLY C 26 18.57 -22.71 8.69
CA GLY C 26 17.31 -22.72 9.45
C GLY C 26 17.32 -21.92 10.73
N ILE C 27 16.30 -22.11 11.56
CA ILE C 27 16.19 -21.44 12.85
C ILE C 27 16.19 -22.47 13.98
N ASP C 28 17.15 -22.35 14.90
CA ASP C 28 17.12 -23.15 16.13
C ASP C 28 16.36 -22.38 17.22
N ILE C 29 15.26 -22.97 17.65
CA ILE C 29 14.34 -22.33 18.57
C ILE C 29 14.93 -22.06 19.98
N HIS C 30 15.83 -22.93 20.43
CA HIS C 30 16.54 -22.75 21.70
C HIS C 30 17.45 -21.54 21.68
N VAL C 31 18.18 -21.36 20.58
CA VAL C 31 19.07 -20.22 20.40
C VAL C 31 18.25 -18.93 20.41
N LEU C 32 17.07 -19.01 19.81
CA LEU C 32 16.15 -17.89 19.72
C LEU C 32 15.67 -17.49 21.11
N ASP C 33 15.43 -18.51 21.94
CA ASP C 33 15.14 -18.34 23.37
C ASP C 33 16.23 -17.65 24.15
N HIS C 34 17.45 -18.20 24.06
CA HIS C 34 18.60 -17.66 24.77
C HIS C 34 18.84 -16.18 24.45
N ILE C 35 18.65 -15.81 23.18
CA ILE C 35 18.77 -14.42 22.74
C ILE C 35 17.69 -13.53 23.37
N ALA C 36 16.45 -14.02 23.34
CA ALA C 36 15.30 -13.33 23.93
C ALA C 36 15.51 -12.98 25.41
N LYS C 37 16.06 -13.93 26.17
CA LYS C 37 16.31 -13.71 27.59
C LYS C 37 17.38 -12.64 27.79
N GLU C 38 18.40 -12.63 26.92
CA GLU C 38 19.43 -11.59 26.95
C GLU C 38 18.83 -10.22 26.69
N ILE C 39 17.97 -10.12 25.69
CA ILE C 39 17.24 -8.88 25.38
C ILE C 39 16.32 -8.47 26.54
N LYS C 40 15.67 -9.46 27.15
CA LYS C 40 14.79 -9.20 28.30
C LYS C 40 15.51 -8.41 29.40
N SER C 41 16.72 -8.87 29.74
CA SER C 41 17.52 -8.24 30.79
C SER C 41 17.87 -6.77 30.44
N LEU C 42 18.05 -6.49 29.16
CA LEU C 42 18.27 -5.12 28.70
C LEU C 42 17.03 -4.26 28.95
N VAL C 43 15.88 -4.77 28.56
CA VAL C 43 14.62 -4.05 28.70
C VAL C 43 14.24 -3.80 30.17
N GLU C 44 14.47 -4.81 31.01
CA GLU C 44 14.22 -4.72 32.44
C GLU C 44 15.13 -3.71 33.14
N ASN C 45 16.20 -3.32 32.45
CA ASN C 45 17.14 -2.33 32.95
C ASN C 45 17.00 -1.00 32.22
N ASP C 46 15.81 -0.80 31.64
CA ASP C 46 15.41 0.43 30.95
C ASP C 46 16.33 0.84 29.80
N ILE C 47 16.92 -0.15 29.15
CA ILE C 47 17.72 0.06 27.96
C ILE C 47 16.79 -0.14 26.78
N GLU C 48 16.85 0.78 25.82
CA GLU C 48 15.99 0.76 24.65
C GLU C 48 16.69 0.04 23.50
N VAL C 49 16.04 -1.01 22.99
CA VAL C 49 16.71 -1.98 22.14
C VAL C 49 16.11 -2.05 20.73
N GLY C 50 16.96 -1.77 19.75
CA GLY C 50 16.70 -2.06 18.36
C GLY C 50 17.52 -3.27 17.97
N ILE C 51 16.92 -4.15 17.17
CA ILE C 51 17.61 -5.32 16.63
C ILE C 51 17.56 -5.34 15.10
N VAL C 52 18.69 -5.65 14.46
CA VAL C 52 18.66 -6.02 13.05
C VAL C 52 19.30 -7.37 12.84
N ILE C 53 18.74 -8.08 11.87
CA ILE C 53 18.94 -9.51 11.74
C ILE C 53 19.18 -9.88 10.28
N GLY C 54 20.18 -10.72 10.04
CA GLY C 54 20.49 -11.21 8.69
C GLY C 54 19.59 -12.37 8.27
N GLY C 55 19.79 -12.87 7.05
CA GLY C 55 18.98 -13.96 6.52
C GLY C 55 19.83 -15.10 5.99
N GLY C 56 21.07 -15.09 6.43
CA GLY C 56 22.11 -15.99 6.01
C GLY C 56 21.81 -17.42 6.25
N ASN C 57 21.07 -17.70 7.29
CA ASN C 57 20.68 -19.04 7.58
C ASN C 57 19.68 -19.56 6.61
N ILE C 58 19.13 -18.71 5.79
CA ILE C 58 18.17 -19.17 4.82
C ILE C 58 18.61 -18.92 3.39
N ILE C 59 18.92 -17.69 3.09
CA ILE C 59 19.35 -17.32 1.77
C ILE C 59 20.37 -16.22 1.74
N ARG C 60 21.40 -16.37 0.93
CA ARG C 60 22.36 -15.31 0.67
C ARG C 60 22.26 -14.94 -0.80
N GLY C 61 22.11 -13.65 -1.07
CA GLY C 61 21.99 -13.12 -2.43
C GLY C 61 23.13 -13.47 -3.36
N VAL C 62 24.35 -13.44 -2.83
CA VAL C 62 25.53 -13.78 -3.63
C VAL C 62 25.59 -15.28 -3.95
N SER C 63 25.26 -16.12 -2.96
CA SER C 63 25.25 -17.57 -3.15
C SER C 63 24.16 -17.96 -4.15
N ALA C 64 22.98 -17.36 -3.97
CA ALA C 64 21.84 -17.60 -4.86
C ALA C 64 22.15 -17.29 -6.33
N ALA C 65 23.02 -16.32 -6.57
CA ALA C 65 23.32 -15.84 -7.93
C ALA C 65 24.40 -16.65 -8.65
N GLN C 66 25.14 -17.46 -7.91
CA GLN C 66 26.14 -18.35 -8.51
C GLN C 66 25.53 -19.33 -9.50
N GLY C 67 26.13 -19.43 -10.67
CA GLY C 67 25.61 -20.28 -11.74
C GLY C 67 24.76 -19.49 -12.72
N GLY C 68 24.48 -18.25 -12.38
CA GLY C 68 23.85 -17.29 -13.29
C GLY C 68 22.39 -17.49 -13.66
N ILE C 69 21.66 -18.33 -12.90
CA ILE C 69 20.24 -18.51 -13.15
C ILE C 69 19.43 -17.44 -12.39
N ILE C 70 19.81 -17.19 -11.15
CA ILE C 70 19.16 -16.16 -10.36
C ILE C 70 19.97 -14.86 -10.40
N ARG C 71 19.40 -13.81 -10.99
CA ARG C 71 20.00 -12.46 -10.96
C ARG C 71 20.30 -12.01 -9.53
N ARG C 72 21.44 -11.34 -9.37
CA ARG C 72 21.91 -10.87 -8.08
C ARG C 72 20.87 -10.04 -7.32
N THR C 73 20.16 -9.15 -8.01
CA THR C 73 19.16 -8.31 -7.36
C THR C 73 18.02 -9.14 -6.77
N SER C 74 17.54 -10.11 -7.55
CA SER C 74 16.46 -10.97 -7.12
C SER C 74 16.93 -11.84 -5.97
N GLY C 75 18.18 -12.27 -6.07
CA GLY C 75 18.86 -12.95 -4.98
C GLY C 75 18.86 -12.12 -3.71
N ASP C 76 19.20 -10.84 -3.83
CA ASP C 76 19.17 -9.97 -2.65
C ASP C 76 17.77 -9.75 -2.09
N TYR C 77 16.76 -9.74 -2.96
CA TYR C 77 15.37 -9.60 -2.48
C TYR C 77 14.92 -10.87 -1.76
N MET C 78 15.36 -12.02 -2.25
CA MET C 78 15.12 -13.29 -1.58
C MET C 78 15.72 -13.25 -0.17
N GLY C 79 16.96 -12.75 -0.06
CA GLY C 79 17.64 -12.59 1.22
C GLY C 79 16.94 -11.63 2.16
N MET C 80 16.35 -10.59 1.60
CA MET C 80 15.66 -9.60 2.43
C MET C 80 14.36 -10.17 2.96
N LEU C 81 13.71 -11.05 2.19
CA LEU C 81 12.54 -11.75 2.70
C LEU C 81 12.93 -12.70 3.81
N ALA C 82 14.08 -13.35 3.67
CA ALA C 82 14.57 -14.27 4.68
C ALA C 82 14.76 -13.59 6.04
N THR C 83 15.21 -12.33 6.02
CA THR C 83 15.41 -11.57 7.26
C THR C 83 14.08 -11.27 7.91
N VAL C 84 13.02 -11.18 7.11
CA VAL C 84 11.71 -10.87 7.67
C VAL C 84 11.19 -12.12 8.40
N ILE C 85 11.46 -13.28 7.83
CA ILE C 85 11.16 -14.56 8.47
C ILE C 85 11.87 -14.67 9.83
N ASN C 86 13.16 -14.39 9.86
CA ASN C 86 13.94 -14.37 11.11
C ASN C 86 13.37 -13.37 12.11
N ALA C 87 12.99 -12.19 11.64
CA ALA C 87 12.46 -11.13 12.50
C ALA C 87 11.14 -11.56 13.14
N VAL C 88 10.24 -12.10 12.31
CA VAL C 88 8.98 -12.62 12.80
C VAL C 88 9.28 -13.66 13.88
N ALA C 89 10.20 -14.58 13.61
CA ALA C 89 10.56 -15.60 14.58
C ALA C 89 11.12 -14.98 15.87
N MET C 90 11.97 -13.97 15.72
CA MET C 90 12.56 -13.27 16.85
C MET C 90 11.47 -12.57 17.70
N GLN C 91 10.53 -11.92 17.02
CA GLN C 91 9.39 -11.28 17.67
C GLN C 91 8.59 -12.23 18.56
N GLU C 92 8.40 -13.46 18.10
CA GLU C 92 7.62 -14.47 18.82
C GLU C 92 8.36 -14.95 20.06
N ALA C 93 9.67 -15.12 19.94
CA ALA C 93 10.52 -15.56 21.03
C ALA C 93 10.54 -14.49 22.12
N LEU C 94 10.58 -13.24 21.70
CA LEU C 94 10.58 -12.10 22.61
C LEU C 94 9.24 -12.00 23.34
N GLU C 95 8.14 -12.11 22.60
CA GLU C 95 6.83 -11.95 23.18
C GLU C 95 6.39 -13.15 24.01
N HIS C 96 6.90 -14.34 23.65
CA HIS C 96 6.67 -15.53 24.46
C HIS C 96 7.09 -15.25 25.89
N ILE C 97 8.13 -14.44 26.05
CA ILE C 97 8.76 -14.26 27.35
C ILE C 97 8.39 -12.91 28.01
N GLY C 98 7.33 -12.29 27.48
CA GLY C 98 6.69 -11.15 28.14
C GLY C 98 6.92 -9.77 27.54
N LEU C 99 7.87 -9.65 26.62
CA LEU C 99 8.26 -8.36 26.06
C LEU C 99 7.31 -7.85 24.98
N ASP C 100 7.10 -6.53 24.95
CA ASP C 100 6.39 -5.87 23.86
C ASP C 100 7.34 -5.55 22.71
N THR C 101 6.97 -5.94 21.49
CA THR C 101 7.85 -5.77 20.33
C THR C 101 7.09 -5.27 19.11
N ARG C 102 7.82 -4.61 18.21
CA ARG C 102 7.32 -4.35 16.87
C ARG C 102 8.39 -4.79 15.86
N VAL C 103 7.94 -5.32 14.73
CA VAL C 103 8.83 -5.56 13.62
C VAL C 103 8.58 -4.46 12.59
N GLN C 104 9.67 -3.83 12.14
CA GLN C 104 9.58 -2.83 11.09
C GLN C 104 10.41 -3.24 9.88
N SER C 105 9.77 -3.35 8.73
CA SER C 105 10.47 -3.81 7.54
C SER C 105 10.75 -2.71 6.54
N ALA C 106 11.96 -2.71 5.97
CA ALA C 106 12.37 -1.75 4.94
C ALA C 106 11.65 -2.02 3.63
N ILE C 107 11.10 -3.22 3.52
CA ILE C 107 10.25 -3.63 2.42
C ILE C 107 8.83 -3.82 2.96
N GLU C 108 7.87 -3.10 2.39
CA GLU C 108 6.49 -3.12 2.85
C GLU C 108 5.82 -4.48 2.68
N ILE C 109 5.43 -5.09 3.80
CA ILE C 109 4.67 -6.35 3.87
C ILE C 109 3.65 -6.14 4.98
N LYS C 110 2.65 -5.31 4.71
CA LYS C 110 1.85 -4.75 5.82
C LYS C 110 0.99 -5.76 6.60
N GLU C 111 0.61 -6.85 5.95
CA GLU C 111 -0.11 -7.92 6.62
C GLU C 111 0.74 -8.67 7.67
N ILE C 112 2.05 -8.56 7.57
CA ILE C 112 2.94 -9.31 8.46
C ILE C 112 3.63 -8.43 9.52
N CYS C 113 4.05 -7.24 9.13
CA CYS C 113 4.72 -6.31 10.05
C CYS C 113 4.55 -4.85 9.60
N GLU C 114 4.91 -3.92 10.47
CA GLU C 114 4.95 -2.50 10.10
C GLU C 114 6.09 -2.21 9.11
N SER C 115 5.90 -1.17 8.31
CA SER C 115 6.97 -0.65 7.47
C SER C 115 7.91 0.17 8.33
N TYR C 116 9.16 0.29 7.93
CA TYR C 116 10.06 1.19 8.62
C TYR C 116 9.54 2.63 8.46
N ILE C 117 9.32 3.28 9.60
CA ILE C 117 8.90 4.68 9.66
C ILE C 117 9.69 5.34 10.78
N TYR C 118 10.63 6.19 10.38
CA TYR C 118 11.57 6.84 11.26
C TYR C 118 10.95 7.25 12.63
N ARG C 119 9.97 8.13 12.59
CA ARG C 119 9.35 8.67 13.79
C ARG C 119 8.58 7.65 14.64
N LYS C 120 7.99 6.65 13.99
CA LYS C 120 7.30 5.55 14.67
C LYS C 120 8.21 4.61 15.45
N ALA C 121 9.32 4.18 14.82
CA ALA C 121 10.30 3.32 15.47
C ALA C 121 10.83 3.91 16.78
N ILE C 122 11.14 5.21 16.76
CA ILE C 122 11.60 5.93 17.94
C ILE C 122 10.49 6.00 19.01
N ARG C 123 9.27 6.33 18.59
CA ARG C 123 8.12 6.31 19.47
C ARG C 123 7.97 4.94 20.17
N HIS C 124 8.12 3.86 19.42
CA HIS C 124 8.07 2.51 19.99
C HIS C 124 9.14 2.34 21.07
N LEU C 125 10.38 2.75 20.75
CA LEU C 125 11.51 2.62 21.66
C LEU C 125 11.34 3.42 22.95
N GLU C 126 10.74 4.60 22.83
CA GLU C 126 10.44 5.46 23.97
C GLU C 126 9.39 4.86 24.88
N LYS C 127 8.61 3.93 24.35
CA LYS C 127 7.58 3.28 25.14
C LYS C 127 8.08 1.96 25.77
N GLY C 128 9.35 1.64 25.55
CA GLY C 128 9.95 0.43 26.12
C GLY C 128 9.82 -0.82 25.26
N ARG C 129 9.39 -0.64 24.02
CA ARG C 129 9.24 -1.75 23.07
C ARG C 129 10.54 -2.07 22.35
N VAL C 130 10.74 -3.36 22.08
CA VAL C 130 11.84 -3.80 21.24
C VAL C 130 11.45 -3.63 19.77
N VAL C 131 12.32 -2.98 18.99
CA VAL C 131 12.08 -2.85 17.57
C VAL C 131 13.05 -3.75 16.82
N ILE C 132 12.47 -4.62 15.99
CA ILE C 132 13.26 -5.52 15.15
C ILE C 132 13.12 -5.01 13.74
N PHE C 133 14.26 -4.76 13.10
CA PHE C 133 14.27 -4.23 11.76
C PHE C 133 14.56 -5.35 10.76
N GLY C 134 13.60 -5.61 9.88
CA GLY C 134 13.76 -6.60 8.81
C GLY C 134 14.04 -5.98 7.46
N ALA C 135 14.53 -6.79 6.53
CA ALA C 135 14.80 -6.38 5.12
C ALA C 135 15.97 -5.41 4.95
N GLY C 136 16.81 -5.30 5.98
CA GLY C 136 18.04 -4.50 5.91
C GLY C 136 17.75 -3.05 5.53
N THR C 137 18.42 -2.58 4.48
CA THR C 137 18.20 -1.24 3.95
C THR C 137 17.00 -1.20 3.02
N GLY C 138 16.52 -2.37 2.59
CA GLY C 138 15.53 -2.45 1.53
C GLY C 138 16.13 -2.29 0.13
N ASN C 139 17.43 -2.05 0.05
CA ASN C 139 18.12 -1.99 -1.24
C ASN C 139 19.02 -3.22 -1.42
N PRO C 140 19.09 -3.72 -2.64
CA PRO C 140 20.01 -4.78 -2.97
C PRO C 140 21.43 -4.28 -2.96
N PHE C 141 22.36 -5.18 -2.80
CA PHE C 141 23.74 -4.84 -2.85
C PHE C 141 24.29 -4.28 -1.59
N PHE C 142 23.51 -4.19 -0.54
CA PHE C 142 24.01 -3.68 0.71
C PHE C 142 24.00 -4.81 1.69
N THR C 143 24.78 -4.72 2.74
CA THR C 143 24.96 -5.80 3.68
C THR C 143 24.14 -5.57 4.93
N THR C 144 24.00 -6.62 5.74
CA THR C 144 23.32 -6.52 7.02
C THR C 144 24.05 -5.59 7.98
N ASP C 145 25.39 -5.57 7.86
CA ASP C 145 26.25 -4.68 8.65
C ASP C 145 25.93 -3.21 8.43
N THR C 146 25.83 -2.81 7.15
CA THR C 146 25.48 -1.45 6.75
C THR C 146 24.06 -1.07 7.19
N ALA C 147 23.11 -1.97 6.98
CA ALA C 147 21.74 -1.74 7.37
C ALA C 147 21.68 -1.46 8.87
N ALA C 148 22.43 -2.25 9.63
CA ALA C 148 22.43 -2.15 11.07
C ALA C 148 23.05 -0.83 11.53
N THR C 149 24.10 -0.40 10.83
CA THR C 149 24.75 0.85 11.16
C THR C 149 23.84 2.02 10.82
N LEU C 150 23.16 1.90 9.68
CA LEU C 150 22.15 2.86 9.25
C LEU C 150 21.08 3.03 10.32
N ARG C 151 20.46 1.91 10.68
CA ARG C 151 19.41 1.88 11.67
C ARG C 151 19.88 2.44 13.03
N ALA C 152 21.07 2.06 13.45
CA ALA C 152 21.62 2.53 14.72
C ALA C 152 21.71 4.05 14.75
N ILE C 153 22.18 4.64 13.64
CA ILE C 153 22.34 6.08 13.57
C ILE C 153 20.99 6.79 13.50
N GLU C 154 20.04 6.23 12.75
CA GLU C 154 18.72 6.82 12.63
C GLU C 154 17.98 6.91 13.96
N ILE C 155 18.14 5.89 14.81
CA ILE C 155 17.39 5.85 16.06
C ILE C 155 18.12 6.58 17.18
N GLY C 156 19.32 7.07 16.88
CA GLY C 156 20.15 7.78 17.86
C GLY C 156 20.78 6.88 18.91
N SER C 157 21.34 5.75 18.47
CA SER C 157 21.98 4.79 19.38
C SER C 157 23.23 5.35 20.04
N ASP C 158 23.45 4.93 21.27
CA ASP C 158 24.71 5.25 21.95
C ASP C 158 25.80 4.34 21.45
N LEU C 159 25.40 3.24 20.79
CA LEU C 159 26.33 2.29 20.21
C LEU C 159 25.61 1.19 19.44
N ILE C 160 26.33 0.60 18.48
CA ILE C 160 25.90 -0.61 17.80
C ILE C 160 26.70 -1.82 18.30
N ILE C 161 26.01 -2.94 18.50
CA ILE C 161 26.63 -4.19 18.92
C ILE C 161 26.51 -5.26 17.86
N LYS C 162 27.65 -5.73 17.36
CA LYS C 162 27.70 -6.86 16.45
C LYS C 162 27.88 -8.11 17.31
N ALA C 163 26.83 -8.91 17.44
CA ALA C 163 26.87 -10.11 18.26
C ALA C 163 27.37 -11.31 17.47
N THR C 164 28.54 -11.81 17.84
CA THR C 164 29.22 -12.87 17.09
C THR C 164 29.59 -14.06 17.97
N LYS C 165 30.12 -15.12 17.33
CA LYS C 165 30.49 -16.37 18.01
C LYS C 165 31.83 -16.25 18.74
N VAL C 166 32.44 -15.08 18.65
CA VAL C 166 33.80 -14.87 19.12
C VAL C 166 33.83 -13.73 20.16
N ASP C 167 34.76 -13.80 21.10
CA ASP C 167 34.87 -12.84 22.22
C ASP C 167 34.95 -11.37 21.83
N GLY C 168 35.52 -11.10 20.65
CA GLY C 168 35.59 -9.73 20.13
C GLY C 168 36.29 -9.69 18.80
N ILE C 169 37.08 -8.64 18.59
CA ILE C 169 37.86 -8.47 17.38
C ILE C 169 39.23 -9.07 17.57
N TYR C 170 39.62 -9.93 16.63
CA TYR C 170 40.93 -10.59 16.67
C TYR C 170 41.74 -10.20 15.45
N ASP C 171 43.07 -10.10 15.62
CA ASP C 171 43.98 -9.75 14.53
C ASP C 171 44.16 -10.89 13.53
N LYS C 172 43.79 -12.09 13.92
CA LYS C 172 43.91 -13.25 13.10
C LYS C 172 42.78 -14.15 13.48
N ASP C 173 42.27 -14.97 12.60
CA ASP C 173 41.14 -15.76 13.00
C ASP C 173 41.52 -16.64 14.14
N PRO C 174 40.67 -16.64 15.13
CA PRO C 174 40.86 -17.36 16.38
C PRO C 174 40.77 -18.82 16.22
N ASN C 175 40.13 -19.27 15.16
CA ASN C 175 39.98 -20.68 14.96
C ASN C 175 40.97 -21.25 14.01
N LYS C 176 41.83 -20.39 13.51
CA LYS C 176 42.87 -20.84 12.64
C LYS C 176 44.16 -20.83 13.42
N PHE C 177 44.73 -19.67 13.60
CA PHE C 177 46.04 -19.54 14.18
C PHE C 177 46.33 -20.01 15.61
N LYS C 178 45.40 -19.77 16.51
CA LYS C 178 45.53 -20.22 17.89
C LYS C 178 46.64 -19.42 18.56
N ASP C 179 47.32 -18.64 17.78
CA ASP C 179 48.31 -17.71 18.27
C ASP C 179 47.59 -16.41 18.17
N ALA C 180 46.30 -16.50 17.89
CA ALA C 180 45.52 -15.28 17.65
C ALA C 180 45.31 -14.46 18.92
N LYS C 181 45.54 -13.15 18.80
CA LYS C 181 45.38 -12.23 19.92
C LYS C 181 44.11 -11.39 19.78
N LYS C 182 43.62 -10.86 20.90
CA LYS C 182 42.40 -10.04 20.89
C LYS C 182 42.73 -8.55 21.00
N LEU C 183 42.08 -7.76 20.15
CA LEU C 183 42.25 -6.31 20.18
C LEU C 183 41.09 -5.68 20.93
N ASP C 184 41.40 -5.01 22.04
CA ASP C 184 40.37 -4.40 22.87
C ASP C 184 39.81 -3.12 22.25
N THR C 185 40.69 -2.31 21.70
CA THR C 185 40.32 -1.00 21.16
C THR C 185 41.00 -0.74 19.82
N LEU C 186 40.21 -0.31 18.85
CA LEU C 186 40.69 0.06 17.54
C LEU C 186 40.08 1.39 17.16
N SER C 187 40.80 2.15 16.35
CA SER C 187 40.23 3.30 15.69
C SER C 187 39.45 2.82 14.46
N TYR C 188 38.62 3.70 13.91
CA TYR C 188 37.89 3.37 12.69
C TYR C 188 38.86 3.08 11.53
N ASN C 189 39.95 3.85 11.47
CA ASN C 189 40.97 3.66 10.45
C ASN C 189 41.70 2.33 10.53
N ASP C 190 42.04 1.90 11.74
CA ASP C 190 42.57 0.56 11.98
C ASP C 190 41.67 -0.49 11.32
N ALA C 191 40.35 -0.26 11.39
CA ALA C 191 39.37 -1.16 10.82
C ALA C 191 39.16 -0.96 9.31
N LEU C 192 39.59 0.18 8.78
CA LEU C 192 39.58 0.42 7.33
C LEU C 192 40.87 -0.03 6.64
N ILE C 193 42.00 0.27 7.28
CA ILE C 193 43.31 0.16 6.65
C ILE C 193 44.06 -1.12 7.04
N GLY C 194 43.70 -1.68 8.19
CA GLY C 194 44.28 -2.96 8.65
C GLY C 194 43.74 -4.15 7.85
N ASP C 195 44.23 -5.34 8.19
CA ASP C 195 43.80 -6.57 7.52
C ASP C 195 42.44 -7.07 8.03
N ILE C 196 42.29 -7.07 9.36
CA ILE C 196 41.12 -7.63 10.07
C ILE C 196 39.77 -7.05 9.66
N GLU C 197 38.81 -7.91 9.31
CA GLU C 197 37.48 -7.40 9.01
C GLU C 197 36.59 -7.39 10.26
N VAL C 198 35.87 -6.29 10.43
CA VAL C 198 34.98 -6.07 11.57
C VAL C 198 33.57 -6.04 11.02
N MET C 199 33.33 -5.06 10.16
CA MET C 199 32.16 -4.99 9.31
C MET C 199 32.72 -4.56 7.97
N ASP C 200 31.91 -4.60 6.91
CA ASP C 200 32.35 -4.08 5.61
C ASP C 200 32.70 -2.59 5.67
N ASP C 201 33.54 -2.16 4.73
CA ASP C 201 34.07 -0.79 4.66
C ASP C 201 33.02 0.32 4.78
N THR C 202 31.91 0.19 4.08
CA THR C 202 30.88 1.25 4.06
C THR C 202 30.07 1.40 5.37
N ALA C 203 29.92 0.30 6.11
CA ALA C 203 29.32 0.35 7.44
C ALA C 203 30.26 1.07 8.42
N ILE C 204 31.55 0.80 8.29
CA ILE C 204 32.53 1.43 9.15
C ILE C 204 32.70 2.92 8.82
N SER C 205 32.63 3.27 7.54
CA SER C 205 32.64 4.67 7.11
C SER C 205 31.45 5.41 7.69
N LEU C 206 30.29 4.76 7.64
CA LEU C 206 29.06 5.34 8.13
C LEU C 206 29.17 5.61 9.63
N ALA C 207 29.69 4.64 10.38
CA ALA C 207 29.89 4.78 11.82
C ALA C 207 30.92 5.86 12.17
N LYS C 208 31.98 5.96 11.35
CA LYS C 208 33.02 6.96 11.55
C LYS C 208 32.49 8.37 11.35
N ASP C 209 31.81 8.59 10.22
CA ASP C 209 31.23 9.90 9.88
C ASP C 209 30.27 10.42 10.95
N ASN C 210 29.58 9.50 11.63
CA ASN C 210 28.54 9.90 12.59
C ASN C 210 28.86 9.65 14.06
N LYS C 211 30.12 9.33 14.36
CA LYS C 211 30.58 9.14 15.74
C LYS C 211 29.89 7.99 16.50
N LEU C 212 29.51 6.95 15.78
CA LEU C 212 28.82 5.80 16.34
C LEU C 212 29.83 4.74 16.78
N PRO C 213 29.97 4.50 18.11
CA PRO C 213 30.89 3.45 18.55
C PRO C 213 30.38 2.07 18.15
N ILE C 214 31.30 1.19 17.77
CA ILE C 214 30.95 -0.18 17.42
C ILE C 214 31.56 -1.15 18.41
N VAL C 215 30.71 -1.97 19.00
CA VAL C 215 31.14 -2.98 19.94
C VAL C 215 30.89 -4.37 19.34
N VAL C 216 31.91 -5.22 19.41
CA VAL C 216 31.81 -6.59 18.94
C VAL C 216 32.00 -7.51 20.15
N CYS C 217 31.02 -8.37 20.41
CA CYS C 217 31.10 -9.25 21.57
C CYS C 217 30.39 -10.58 21.37
N ASN C 218 30.66 -11.51 22.29
CA ASN C 218 30.04 -12.83 22.27
C ASN C 218 28.60 -12.81 22.78
N MET C 219 27.71 -13.28 21.92
CA MET C 219 26.28 -13.31 22.19
C MET C 219 25.90 -14.32 23.27
N PHE C 220 26.66 -15.41 23.35
CA PHE C 220 26.35 -16.56 24.21
C PHE C 220 26.71 -16.37 25.69
N LYS C 221 27.54 -15.36 25.99
CA LYS C 221 27.94 -15.07 27.38
C LYS C 221 26.78 -14.48 28.17
N LYS C 222 26.24 -15.25 29.11
CA LYS C 222 25.08 -14.81 29.90
C LYS C 222 25.35 -13.52 30.68
N GLY C 223 24.57 -12.50 30.37
CA GLY C 223 24.65 -11.22 31.08
C GLY C 223 25.72 -10.28 30.55
N ASN C 224 26.39 -10.66 29.47
CA ASN C 224 27.48 -9.87 28.94
C ASN C 224 26.97 -8.61 28.25
N LEU C 225 25.92 -8.78 27.48
CA LEU C 225 25.31 -7.68 26.74
C LEU C 225 24.96 -6.55 27.71
N LEU C 226 24.35 -6.90 28.83
CA LEU C 226 24.01 -5.94 29.88
C LEU C 226 25.22 -5.24 30.50
N GLN C 227 26.30 -6.00 30.72
CA GLN C 227 27.54 -5.43 31.28
C GLN C 227 28.19 -4.45 30.32
N VAL C 228 28.10 -4.76 29.02
CA VAL C 228 28.66 -3.93 27.96
C VAL C 228 27.96 -2.57 27.92
N ILE C 229 26.64 -2.60 27.81
CA ILE C 229 25.83 -1.39 27.67
C ILE C 229 25.79 -0.55 28.95
N LYS C 230 25.36 -1.15 30.05
CA LYS C 230 25.10 -0.41 31.27
C LYS C 230 26.37 0.01 32.00
N HIS C 231 27.28 -0.95 32.17
CA HIS C 231 28.49 -0.71 32.95
C HIS C 231 29.73 -0.43 32.12
N GLN C 232 29.63 -0.63 30.80
CA GLN C 232 30.77 -0.47 29.87
C GLN C 232 31.89 -1.44 30.25
N GLN C 233 31.46 -2.62 30.71
CA GLN C 233 32.34 -3.69 31.16
C GLN C 233 31.98 -4.99 30.42
N GLY C 234 32.18 -6.14 31.05
CA GLY C 234 31.99 -7.41 30.37
C GLY C 234 33.16 -7.71 29.44
N VAL C 235 32.96 -8.60 28.47
CA VAL C 235 33.99 -8.97 27.50
C VAL C 235 33.59 -8.50 26.10
N PHE C 236 34.41 -7.65 25.50
CA PHE C 236 34.07 -7.03 24.22
C PHE C 236 35.28 -6.46 23.47
N SER C 237 35.02 -5.97 22.26
CA SER C 237 35.95 -5.11 21.52
C SER C 237 35.21 -3.88 21.02
N MET C 238 35.90 -2.75 21.00
CA MET C 238 35.27 -1.50 20.54
C MET C 238 36.08 -0.79 19.47
N VAL C 239 35.36 -0.37 18.44
CA VAL C 239 35.91 0.51 17.40
C VAL C 239 35.37 1.90 17.68
N LYS C 240 36.27 2.80 18.06
CA LYS C 240 35.93 4.21 18.27
C LYS C 240 37.02 5.11 17.69
N ASN D 7 -7.29 -22.87 -26.31
CA ASN D 7 -6.03 -22.93 -25.50
C ASN D 7 -6.22 -23.59 -24.14
N LYS D 8 -5.45 -24.64 -23.88
CA LYS D 8 -5.53 -25.33 -22.61
C LYS D 8 -4.88 -24.53 -21.47
N ARG D 9 -5.55 -24.54 -20.33
CA ARG D 9 -5.02 -23.88 -19.15
C ARG D 9 -4.88 -24.87 -18.02
N VAL D 10 -3.68 -24.93 -17.46
CA VAL D 10 -3.40 -25.80 -16.32
C VAL D 10 -2.86 -25.04 -15.13
N LEU D 11 -3.12 -25.58 -13.95
CA LEU D 11 -2.36 -25.21 -12.77
C LEU D 11 -1.46 -26.37 -12.32
N VAL D 12 -0.18 -26.07 -12.21
CA VAL D 12 0.83 -27.03 -11.75
C VAL D 12 1.25 -26.67 -10.31
N LYS D 13 1.11 -27.64 -9.40
CA LYS D 13 1.52 -27.46 -8.02
C LYS D 13 2.75 -28.31 -7.70
N PHE D 14 3.74 -27.70 -7.06
CA PHE D 14 4.89 -28.42 -6.53
C PHE D 14 4.93 -28.12 -5.05
N SER D 15 5.35 -29.11 -4.24
CA SER D 15 5.64 -28.83 -2.83
C SER D 15 6.96 -28.07 -2.73
N GLY D 16 7.18 -27.42 -1.59
CA GLY D 16 8.46 -26.81 -1.28
C GLY D 16 9.61 -27.78 -1.43
N GLU D 17 9.47 -28.97 -0.84
CA GLU D 17 10.47 -30.05 -0.90
C GLU D 17 10.91 -30.41 -2.31
N ALA D 18 9.98 -30.38 -3.26
CA ALA D 18 10.27 -30.65 -4.67
C ALA D 18 11.41 -29.80 -5.21
N LEU D 19 11.62 -28.62 -4.62
CA LEU D 19 12.65 -27.69 -5.07
C LEU D 19 14.00 -27.91 -4.39
N ALA D 20 14.02 -28.72 -3.33
CA ALA D 20 15.21 -28.90 -2.53
C ALA D 20 16.20 -29.92 -3.13
N GLY D 21 15.69 -30.89 -3.89
CA GLY D 21 16.53 -31.92 -4.50
C GLY D 21 17.13 -32.86 -3.46
N ASP D 22 18.45 -33.09 -3.54
CA ASP D 22 19.19 -33.96 -2.61
C ASP D 22 18.86 -33.65 -1.15
N ASN D 23 19.12 -32.39 -0.76
CA ASN D 23 18.92 -31.94 0.61
C ASN D 23 17.45 -31.79 0.97
N GLN D 24 17.18 -31.74 2.27
CA GLN D 24 15.82 -31.45 2.74
C GLN D 24 15.58 -29.93 2.74
N PHE D 25 16.62 -29.18 3.10
CA PHE D 25 16.58 -27.71 3.17
C PHE D 25 17.03 -27.07 1.85
N GLY D 26 16.51 -25.87 1.56
CA GLY D 26 17.06 -25.01 0.52
C GLY D 26 16.43 -25.12 -0.86
N ILE D 27 17.09 -24.50 -1.83
CA ILE D 27 16.68 -24.59 -3.24
C ILE D 27 17.81 -25.19 -4.08
N ASP D 28 17.53 -26.27 -4.79
CA ASP D 28 18.48 -26.85 -5.75
C ASP D 28 18.30 -26.17 -7.10
N ILE D 29 19.29 -25.38 -7.48
CA ILE D 29 19.24 -24.58 -8.71
C ILE D 29 19.02 -25.44 -9.98
N HIS D 30 19.58 -26.65 -9.98
CA HIS D 30 19.43 -27.60 -11.09
C HIS D 30 18.00 -28.13 -11.23
N VAL D 31 17.33 -28.36 -10.12
CA VAL D 31 15.94 -28.83 -10.12
C VAL D 31 15.04 -27.75 -10.73
N LEU D 32 15.35 -26.51 -10.37
CA LEU D 32 14.66 -25.32 -10.84
C LEU D 32 14.84 -25.18 -12.34
N ASP D 33 16.09 -25.32 -12.80
CA ASP D 33 16.42 -25.40 -14.22
C ASP D 33 15.60 -26.44 -14.97
N HIS D 34 15.55 -27.65 -14.43
CA HIS D 34 14.80 -28.74 -15.05
C HIS D 34 13.29 -28.50 -15.09
N ILE D 35 12.72 -27.89 -14.05
CA ILE D 35 11.28 -27.59 -14.05
C ILE D 35 10.92 -26.53 -15.08
N ALA D 36 11.75 -25.48 -15.12
CA ALA D 36 11.66 -24.43 -16.15
C ALA D 36 11.53 -24.99 -17.56
N LYS D 37 12.40 -25.94 -17.91
CA LYS D 37 12.41 -26.52 -19.25
C LYS D 37 11.11 -27.23 -19.57
N GLU D 38 10.56 -27.94 -18.58
CA GLU D 38 9.25 -28.58 -18.70
C GLU D 38 8.13 -27.55 -18.89
N ILE D 39 8.14 -26.51 -18.07
CA ILE D 39 7.18 -25.42 -18.24
C ILE D 39 7.32 -24.80 -19.64
N LYS D 40 8.55 -24.60 -20.08
CA LYS D 40 8.83 -24.01 -21.38
C LYS D 40 8.19 -24.78 -22.53
N SER D 41 8.18 -26.10 -22.44
CA SER D 41 7.59 -26.96 -23.48
C SER D 41 6.06 -26.84 -23.49
N LEU D 42 5.46 -26.54 -22.34
CA LEU D 42 4.02 -26.30 -22.29
C LEU D 42 3.68 -25.02 -23.03
N VAL D 43 4.41 -23.95 -22.72
CA VAL D 43 4.22 -22.64 -23.34
C VAL D 43 4.47 -22.63 -24.86
N GLU D 44 5.51 -23.35 -25.30
CA GLU D 44 5.79 -23.55 -26.73
C GLU D 44 4.61 -24.23 -27.43
N ASN D 45 3.78 -24.94 -26.67
CA ASN D 45 2.61 -25.59 -27.25
C ASN D 45 1.31 -24.89 -26.93
N ASP D 46 1.41 -23.59 -26.67
CA ASP D 46 0.27 -22.69 -26.42
C ASP D 46 -0.61 -23.11 -25.23
N ILE D 47 0.03 -23.74 -24.25
CA ILE D 47 -0.64 -24.10 -23.02
C ILE D 47 -0.40 -22.96 -22.05
N GLU D 48 -1.47 -22.53 -21.38
CA GLU D 48 -1.39 -21.45 -20.42
C GLU D 48 -1.16 -22.02 -19.04
N VAL D 49 -0.13 -21.51 -18.38
CA VAL D 49 0.41 -22.16 -17.19
C VAL D 49 0.43 -21.27 -15.94
N GLY D 50 -0.24 -21.76 -14.91
CA GLY D 50 -0.18 -21.19 -13.58
C GLY D 50 0.56 -22.18 -12.71
N ILE D 51 1.36 -21.66 -11.79
CA ILE D 51 2.11 -22.51 -10.87
C ILE D 51 1.82 -22.05 -9.44
N VAL D 52 1.66 -23.01 -8.53
CA VAL D 52 1.74 -22.67 -7.11
C VAL D 52 2.77 -23.57 -6.45
N ILE D 53 3.57 -22.96 -5.58
CA ILE D 53 4.64 -23.67 -4.88
C ILE D 53 4.49 -23.48 -3.38
N GLY D 54 4.75 -24.57 -2.64
CA GLY D 54 4.80 -24.50 -1.18
C GLY D 54 6.16 -23.99 -0.74
N GLY D 55 6.37 -23.93 0.58
CA GLY D 55 7.60 -23.39 1.13
C GLY D 55 8.27 -24.30 2.11
N GLY D 56 7.96 -25.58 2.05
CA GLY D 56 8.40 -26.56 3.04
C GLY D 56 9.89 -26.85 3.04
N ASN D 57 10.56 -26.54 1.92
CA ASN D 57 12.02 -26.59 1.86
C ASN D 57 12.69 -25.55 2.75
N ILE D 58 11.91 -24.58 3.23
CA ILE D 58 12.45 -23.51 4.06
C ILE D 58 11.79 -23.48 5.43
N ILE D 59 10.47 -23.37 5.45
CA ILE D 59 9.76 -23.26 6.71
C ILE D 59 8.34 -23.84 6.63
N ARG D 60 8.06 -24.75 7.57
CA ARG D 60 6.71 -25.23 7.79
C ARG D 60 6.11 -24.59 9.04
N GLY D 61 4.95 -23.99 8.90
CA GLY D 61 4.22 -23.41 10.03
C GLY D 61 4.06 -24.38 11.19
N VAL D 62 3.66 -25.61 10.89
CA VAL D 62 3.42 -26.62 11.94
C VAL D 62 4.72 -27.00 12.69
N SER D 63 5.83 -27.13 11.97
CA SER D 63 7.12 -27.44 12.57
C SER D 63 7.65 -26.28 13.38
N ALA D 64 7.43 -25.07 12.87
CA ALA D 64 7.82 -23.84 13.55
C ALA D 64 7.12 -23.67 14.91
N ALA D 65 5.84 -24.04 14.96
CA ALA D 65 5.03 -23.85 16.16
C ALA D 65 5.35 -24.84 17.28
N GLN D 66 5.72 -26.08 16.93
CA GLN D 66 5.98 -27.09 17.96
C GLN D 66 7.04 -26.62 18.97
N GLY D 67 6.79 -26.89 20.25
CA GLY D 67 7.62 -26.36 21.33
C GLY D 67 7.10 -25.04 21.88
N GLY D 68 6.10 -24.47 21.20
CA GLY D 68 5.32 -23.35 21.72
C GLY D 68 5.97 -21.97 21.82
N ILE D 69 7.11 -21.77 21.19
CA ILE D 69 7.74 -20.44 21.22
C ILE D 69 7.16 -19.57 20.11
N ILE D 70 6.99 -20.16 18.93
CA ILE D 70 6.36 -19.48 17.81
C ILE D 70 4.91 -19.92 17.71
N ARG D 71 3.99 -18.96 17.79
CA ARG D 71 2.56 -19.20 17.62
C ARG D 71 2.27 -19.75 16.22
N ARG D 72 1.27 -20.61 16.12
CA ARG D 72 0.97 -21.30 14.87
C ARG D 72 0.68 -20.33 13.72
N THR D 73 -0.01 -19.24 14.03
CA THR D 73 -0.39 -18.26 13.01
C THR D 73 0.84 -17.55 12.41
N SER D 74 1.78 -17.17 13.27
CA SER D 74 3.05 -16.57 12.83
C SER D 74 3.89 -17.56 12.03
N GLY D 75 3.89 -18.82 12.47
CA GLY D 75 4.54 -19.91 11.77
C GLY D 75 4.03 -20.03 10.33
N ASP D 76 2.73 -19.90 10.15
CA ASP D 76 2.16 -19.99 8.82
C ASP D 76 2.53 -18.81 7.94
N TYR D 77 2.65 -17.62 8.54
CA TYR D 77 3.05 -16.43 7.79
C TYR D 77 4.51 -16.50 7.38
N MET D 78 5.34 -17.06 8.25
CA MET D 78 6.72 -17.35 7.92
C MET D 78 6.77 -18.30 6.73
N GLY D 79 5.83 -19.25 6.69
CA GLY D 79 5.73 -20.22 5.61
C GLY D 79 5.27 -19.61 4.31
N MET D 80 4.36 -18.65 4.39
CA MET D 80 3.88 -17.99 3.18
C MET D 80 4.99 -17.12 2.57
N LEU D 81 5.82 -16.50 3.40
CA LEU D 81 6.99 -15.73 2.92
C LEU D 81 8.00 -16.65 2.22
N ALA D 82 8.11 -17.87 2.71
CA ALA D 82 9.02 -18.86 2.13
C ALA D 82 8.58 -19.23 0.72
N THR D 83 7.27 -19.26 0.49
CA THR D 83 6.73 -19.58 -0.83
C THR D 83 7.05 -18.49 -1.83
N VAL D 84 7.10 -17.24 -1.34
CA VAL D 84 7.41 -16.08 -2.19
C VAL D 84 8.88 -16.12 -2.60
N ILE D 85 9.76 -16.46 -1.66
CA ILE D 85 11.16 -16.73 -1.94
C ILE D 85 11.32 -17.78 -3.04
N ASN D 86 10.56 -18.88 -2.95
CA ASN D 86 10.58 -19.93 -3.98
C ASN D 86 10.08 -19.44 -5.33
N ALA D 87 9.01 -18.66 -5.28
CA ALA D 87 8.39 -18.12 -6.49
C ALA D 87 9.36 -17.20 -7.22
N VAL D 88 10.04 -16.35 -6.46
CA VAL D 88 11.05 -15.47 -7.02
C VAL D 88 12.16 -16.27 -7.69
N ALA D 89 12.65 -17.30 -7.00
CA ALA D 89 13.67 -18.17 -7.58
C ALA D 89 13.15 -18.87 -8.85
N MET D 90 11.87 -19.26 -8.81
CA MET D 90 11.22 -19.95 -9.92
C MET D 90 11.09 -19.03 -11.12
N GLN D 91 10.70 -17.79 -10.87
CA GLN D 91 10.58 -16.77 -11.90
C GLN D 91 11.90 -16.54 -12.63
N GLU D 92 12.99 -16.47 -11.87
CA GLU D 92 14.32 -16.29 -12.43
C GLU D 92 14.73 -17.44 -13.35
N ALA D 93 14.38 -18.66 -12.96
CA ALA D 93 14.74 -19.83 -13.73
C ALA D 93 13.96 -19.85 -15.04
N LEU D 94 12.70 -19.43 -14.94
CA LEU D 94 11.80 -19.38 -16.10
C LEU D 94 12.27 -18.33 -17.10
N GLU D 95 12.66 -17.17 -16.59
CA GLU D 95 13.07 -16.06 -17.43
C GLU D 95 14.50 -16.18 -17.95
N HIS D 96 15.33 -16.93 -17.23
CA HIS D 96 16.68 -17.26 -17.70
C HIS D 96 16.61 -17.97 -19.06
N ILE D 97 15.49 -18.63 -19.31
CA ILE D 97 15.33 -19.53 -20.45
C ILE D 97 14.33 -18.96 -21.49
N GLY D 98 14.00 -17.67 -21.34
CA GLY D 98 13.20 -16.95 -22.34
C GLY D 98 11.72 -16.73 -22.06
N LEU D 99 11.21 -17.27 -20.97
CA LEU D 99 9.79 -17.17 -20.70
C LEU D 99 9.39 -15.85 -20.04
N ASP D 100 8.29 -15.27 -20.48
CA ASP D 100 7.70 -14.13 -19.77
C ASP D 100 6.84 -14.64 -18.62
N THR D 101 7.04 -14.07 -17.43
CA THR D 101 6.38 -14.55 -16.23
C THR D 101 5.97 -13.41 -15.32
N ARG D 102 4.99 -13.71 -14.47
CA ARG D 102 4.62 -12.80 -13.42
C ARG D 102 4.45 -13.58 -12.12
N VAL D 103 4.84 -12.97 -11.01
CA VAL D 103 4.55 -13.52 -9.69
C VAL D 103 3.42 -12.71 -9.08
N GLN D 104 2.38 -13.41 -8.62
CA GLN D 104 1.29 -12.79 -7.88
C GLN D 104 1.19 -13.42 -6.49
N SER D 105 1.27 -12.58 -5.47
CA SER D 105 1.28 -13.07 -4.11
C SER D 105 -0.01 -12.76 -3.40
N ALA D 106 -0.53 -13.76 -2.67
CA ALA D 106 -1.74 -13.59 -1.87
C ALA D 106 -1.51 -12.59 -0.73
N ILE D 107 -0.23 -12.29 -0.48
CA ILE D 107 0.19 -11.34 0.53
C ILE D 107 0.97 -10.21 -0.13
N GLU D 108 0.46 -8.99 0.00
CA GLU D 108 0.99 -7.85 -0.74
C GLU D 108 2.44 -7.53 -0.37
N ILE D 109 3.35 -7.69 -1.34
CA ILE D 109 4.76 -7.32 -1.20
C ILE D 109 5.18 -6.63 -2.50
N LYS D 110 4.68 -5.42 -2.70
CA LYS D 110 4.69 -4.83 -4.06
C LYS D 110 6.06 -4.46 -4.65
N GLU D 111 7.07 -4.39 -3.80
CA GLU D 111 8.44 -4.14 -4.25
C GLU D 111 9.07 -5.38 -4.92
N ILE D 112 8.51 -6.55 -4.62
CA ILE D 112 9.06 -7.81 -5.07
C ILE D 112 8.19 -8.49 -6.14
N CYS D 113 6.89 -8.45 -5.99
CA CYS D 113 5.98 -9.06 -6.97
C CYS D 113 4.64 -8.35 -6.95
N GLU D 114 3.81 -8.57 -7.97
CA GLU D 114 2.47 -7.97 -7.93
C GLU D 114 1.55 -8.77 -6.99
N SER D 115 0.43 -8.18 -6.60
CA SER D 115 -0.51 -8.85 -5.71
C SER D 115 -1.37 -9.78 -6.54
N TYR D 116 -2.05 -10.71 -5.88
CA TYR D 116 -3.04 -11.50 -6.57
C TYR D 116 -4.24 -10.62 -6.91
N ILE D 117 -4.53 -10.53 -8.20
CA ILE D 117 -5.70 -9.87 -8.74
C ILE D 117 -6.30 -10.79 -9.79
N TYR D 118 -7.47 -11.32 -9.47
CA TYR D 118 -8.24 -12.21 -10.34
C TYR D 118 -8.11 -11.93 -11.86
N ARG D 119 -8.61 -10.78 -12.29
CA ARG D 119 -8.71 -10.45 -13.70
C ARG D 119 -7.35 -10.27 -14.38
N LYS D 120 -6.37 -9.81 -13.60
CA LYS D 120 -5.02 -9.60 -14.08
C LYS D 120 -4.29 -10.91 -14.35
N ALA D 121 -4.34 -11.84 -13.41
CA ALA D 121 -3.76 -13.17 -13.58
C ALA D 121 -4.22 -13.83 -14.88
N ILE D 122 -5.53 -13.75 -15.15
CA ILE D 122 -6.11 -14.26 -16.38
C ILE D 122 -5.63 -13.48 -17.61
N ARG D 123 -5.51 -12.17 -17.46
CA ARG D 123 -4.98 -11.31 -18.52
C ARG D 123 -3.53 -11.71 -18.81
N HIS D 124 -2.76 -11.97 -17.76
CA HIS D 124 -1.39 -12.45 -17.93
C HIS D 124 -1.33 -13.76 -18.71
N LEU D 125 -2.18 -14.72 -18.33
CA LEU D 125 -2.23 -16.04 -18.97
C LEU D 125 -2.64 -15.97 -20.42
N GLU D 126 -3.60 -15.10 -20.73
CA GLU D 126 -4.06 -14.88 -22.10
C GLU D 126 -2.97 -14.35 -23.02
N LYS D 127 -2.04 -13.57 -22.48
CA LYS D 127 -0.91 -13.07 -23.29
C LYS D 127 0.21 -14.11 -23.38
N GLY D 128 -0.03 -15.29 -22.81
CA GLY D 128 0.94 -16.38 -22.84
C GLY D 128 2.08 -16.33 -21.82
N ARG D 129 1.89 -15.58 -20.74
CA ARG D 129 2.86 -15.52 -19.65
C ARG D 129 2.58 -16.61 -18.63
N VAL D 130 3.64 -17.11 -17.99
CA VAL D 130 3.49 -18.03 -16.85
C VAL D 130 3.18 -17.22 -15.59
N VAL D 131 2.14 -17.63 -14.88
CA VAL D 131 1.81 -16.97 -13.63
C VAL D 131 2.18 -17.85 -12.46
N ILE D 132 3.02 -17.33 -11.57
CA ILE D 132 3.42 -18.07 -10.38
C ILE D 132 2.73 -17.41 -9.20
N PHE D 133 2.01 -18.22 -8.43
CA PHE D 133 1.27 -17.73 -7.27
C PHE D 133 2.01 -18.07 -5.96
N GLY D 134 2.27 -17.02 -5.22
CA GLY D 134 2.92 -17.05 -3.94
C GLY D 134 1.99 -16.76 -2.79
N ALA D 135 2.37 -17.24 -1.63
CA ALA D 135 1.66 -17.10 -0.38
C ALA D 135 0.41 -17.93 -0.20
N GLY D 136 0.24 -18.97 -0.97
CA GLY D 136 -0.91 -19.79 -0.84
C GLY D 136 -2.17 -19.03 -0.96
N THR D 137 -3.04 -19.18 0.02
CA THR D 137 -4.32 -18.49 0.05
C THR D 137 -4.19 -17.14 0.76
N GLY D 138 -3.05 -16.90 1.38
CA GLY D 138 -2.89 -15.69 2.18
C GLY D 138 -3.43 -15.85 3.58
N ASN D 139 -4.06 -17.01 3.86
CA ASN D 139 -4.57 -17.30 5.20
C ASN D 139 -3.79 -18.42 5.84
N PRO D 140 -3.45 -18.27 7.13
CA PRO D 140 -2.91 -19.40 7.87
C PRO D 140 -3.92 -20.53 7.94
N PHE D 141 -3.44 -21.72 8.28
CA PHE D 141 -4.29 -22.90 8.51
C PHE D 141 -4.82 -23.54 7.25
N PHE D 142 -4.32 -23.12 6.10
CA PHE D 142 -4.65 -23.75 4.84
C PHE D 142 -3.37 -24.27 4.19
N THR D 143 -3.52 -25.31 3.37
CA THR D 143 -2.39 -25.96 2.76
C THR D 143 -2.11 -25.44 1.36
N THR D 144 -0.93 -25.75 0.85
CA THR D 144 -0.56 -25.43 -0.51
C THR D 144 -1.47 -26.12 -1.52
N ASP D 145 -1.89 -27.35 -1.19
CA ASP D 145 -2.86 -28.10 -1.98
C ASP D 145 -4.16 -27.32 -2.17
N THR D 146 -4.73 -26.82 -1.06
CA THR D 146 -5.94 -26.03 -1.07
C THR D 146 -5.75 -24.75 -1.88
N ALA D 147 -4.67 -24.03 -1.61
CA ALA D 147 -4.32 -22.83 -2.36
C ALA D 147 -4.27 -23.14 -3.83
N ALA D 148 -3.62 -24.26 -4.18
CA ALA D 148 -3.43 -24.63 -5.56
C ALA D 148 -4.77 -24.97 -6.21
N THR D 149 -5.64 -25.65 -5.46
CA THR D 149 -6.96 -25.97 -5.99
C THR D 149 -7.78 -24.68 -6.18
N LEU D 150 -7.71 -23.79 -5.20
CA LEU D 150 -8.33 -22.49 -5.26
C LEU D 150 -7.94 -21.71 -6.51
N ARG D 151 -6.65 -21.57 -6.74
CA ARG D 151 -6.14 -20.82 -7.86
C ARG D 151 -6.51 -21.46 -9.20
N ALA D 152 -6.46 -22.80 -9.25
CA ALA D 152 -6.84 -23.54 -10.46
C ALA D 152 -8.26 -23.21 -10.90
N ILE D 153 -9.19 -23.20 -9.94
CA ILE D 153 -10.58 -22.90 -10.23
C ILE D 153 -10.78 -21.43 -10.60
N GLU D 154 -10.12 -20.53 -9.88
CA GLU D 154 -10.21 -19.12 -10.18
C GLU D 154 -9.73 -18.77 -11.59
N ILE D 155 -8.69 -19.46 -12.07
CA ILE D 155 -8.15 -19.17 -13.40
C ILE D 155 -8.87 -19.94 -14.52
N GLY D 156 -9.82 -20.79 -14.13
CA GLY D 156 -10.57 -21.60 -15.08
C GLY D 156 -9.70 -22.67 -15.70
N SER D 157 -8.90 -23.33 -14.86
CA SER D 157 -8.06 -24.43 -15.30
C SER D 157 -8.88 -25.58 -15.84
N ASP D 158 -8.31 -26.28 -16.82
CA ASP D 158 -8.90 -27.52 -17.33
C ASP D 158 -8.57 -28.66 -16.39
N LEU D 159 -7.47 -28.51 -15.66
CA LEU D 159 -7.08 -29.45 -14.63
C LEU D 159 -6.03 -28.86 -13.70
N ILE D 160 -5.85 -29.50 -12.55
CA ILE D 160 -4.71 -29.22 -11.68
C ILE D 160 -3.77 -30.43 -11.68
N ILE D 161 -2.47 -30.17 -11.89
CA ILE D 161 -1.47 -31.20 -11.77
C ILE D 161 -0.69 -31.02 -10.46
N LYS D 162 -0.72 -32.06 -9.63
CA LYS D 162 0.15 -32.13 -8.46
C LYS D 162 1.43 -32.86 -8.85
N ALA D 163 2.52 -32.11 -8.98
CA ALA D 163 3.78 -32.68 -9.47
C ALA D 163 4.66 -33.24 -8.35
N THR D 164 4.68 -34.56 -8.21
CA THR D 164 5.40 -35.24 -7.13
C THR D 164 6.55 -36.13 -7.64
N LYS D 165 7.16 -36.87 -6.72
CA LYS D 165 8.34 -37.70 -6.98
C LYS D 165 7.97 -39.13 -7.32
N VAL D 166 6.66 -39.38 -7.42
CA VAL D 166 6.12 -40.71 -7.66
C VAL D 166 5.24 -40.68 -8.92
N ASP D 167 5.10 -41.82 -9.60
CA ASP D 167 4.42 -41.91 -10.90
C ASP D 167 2.93 -41.53 -10.93
N GLY D 168 2.28 -41.61 -9.78
CA GLY D 168 0.86 -41.32 -9.66
C GLY D 168 0.34 -41.58 -8.26
N ILE D 169 -0.90 -42.03 -8.16
CA ILE D 169 -1.51 -42.32 -6.88
C ILE D 169 -1.38 -43.79 -6.56
N TYR D 170 -0.84 -44.08 -5.38
CA TYR D 170 -0.65 -45.44 -4.90
C TYR D 170 -1.53 -45.79 -3.72
N ASP D 171 -1.60 -47.08 -3.39
CA ASP D 171 -2.31 -47.52 -2.20
C ASP D 171 -1.35 -47.73 -1.02
N LYS D 172 -0.04 -47.55 -1.28
CA LYS D 172 1.01 -47.68 -0.26
C LYS D 172 2.30 -46.97 -0.70
N ASP D 173 3.27 -46.86 0.21
CA ASP D 173 4.59 -46.36 -0.14
C ASP D 173 5.41 -47.40 -0.92
N ALA D 180 2.58 -52.86 -3.65
CA ALA D 180 2.18 -51.45 -3.79
C ALA D 180 1.85 -51.14 -5.26
N LYS D 181 0.57 -50.91 -5.54
CA LYS D 181 0.09 -50.78 -6.91
C LYS D 181 -0.44 -49.39 -7.23
N LYS D 182 -0.30 -49.00 -8.49
CA LYS D 182 -0.71 -47.68 -8.97
C LYS D 182 -2.19 -47.70 -9.33
N LEU D 183 -2.90 -46.62 -8.95
CA LEU D 183 -4.32 -46.50 -9.27
C LEU D 183 -4.49 -45.41 -10.33
N ASP D 184 -4.94 -45.82 -11.50
CA ASP D 184 -5.00 -44.92 -12.66
C ASP D 184 -6.11 -43.88 -12.53
N THR D 185 -7.25 -44.30 -12.00
CA THR D 185 -8.42 -43.44 -11.91
C THR D 185 -9.21 -43.68 -10.61
N LEU D 186 -9.52 -42.58 -9.93
CA LEU D 186 -10.33 -42.60 -8.72
C LEU D 186 -11.41 -41.55 -8.84
N SER D 187 -12.56 -41.79 -8.22
CA SER D 187 -13.55 -40.74 -8.03
C SER D 187 -13.04 -39.83 -6.91
N TYR D 188 -13.68 -38.68 -6.74
CA TYR D 188 -13.40 -37.79 -5.62
C TYR D 188 -13.66 -38.48 -4.27
N ASN D 189 -14.71 -39.30 -4.23
CA ASN D 189 -15.09 -40.04 -3.02
C ASN D 189 -14.05 -41.05 -2.52
N ASP D 190 -13.42 -41.78 -3.42
CA ASP D 190 -12.39 -42.70 -3.01
C ASP D 190 -11.25 -41.96 -2.38
N ALA D 191 -10.91 -40.82 -2.95
CA ALA D 191 -9.85 -39.97 -2.42
C ALA D 191 -10.22 -39.41 -1.06
N LEU D 192 -11.47 -39.03 -0.95
CA LEU D 192 -12.04 -38.58 0.26
C LEU D 192 -12.15 -39.65 1.35
N ILE D 193 -12.60 -40.82 0.96
CA ILE D 193 -12.78 -41.89 1.91
C ILE D 193 -11.69 -42.90 2.01
N GLY D 194 -10.85 -42.99 1.01
CA GLY D 194 -9.84 -44.02 1.02
C GLY D 194 -8.73 -43.73 1.96
N ASP D 195 -7.94 -44.72 2.34
CA ASP D 195 -6.79 -44.38 3.13
C ASP D 195 -5.60 -44.13 2.25
N ILE D 196 -5.69 -43.20 1.30
CA ILE D 196 -4.57 -42.90 0.42
C ILE D 196 -4.40 -41.42 0.17
N GLU D 197 -3.17 -41.00 -0.02
CA GLU D 197 -2.91 -39.58 -0.19
C GLU D 197 -2.88 -39.05 -1.59
N VAL D 198 -3.67 -38.04 -1.78
CA VAL D 198 -3.73 -37.28 -2.98
C VAL D 198 -3.44 -35.90 -2.44
N MET D 199 -4.47 -35.27 -1.92
CA MET D 199 -4.35 -33.96 -1.31
C MET D 199 -5.24 -34.02 -0.07
N ASP D 200 -5.20 -32.97 0.74
CA ASP D 200 -6.07 -32.93 1.93
C ASP D 200 -7.54 -32.72 1.53
N ASP D 201 -8.44 -33.04 2.45
CA ASP D 201 -9.88 -33.10 2.19
C ASP D 201 -10.53 -31.84 1.64
N THR D 202 -10.22 -30.67 2.22
CA THR D 202 -10.85 -29.43 1.74
C THR D 202 -10.45 -29.15 0.28
N ALA D 203 -9.19 -29.40 -0.06
CA ALA D 203 -8.71 -29.33 -1.44
C ALA D 203 -9.51 -30.23 -2.39
N ILE D 204 -9.72 -31.48 -1.99
CA ILE D 204 -10.44 -32.45 -2.82
C ILE D 204 -11.91 -32.05 -2.94
N SER D 205 -12.52 -31.67 -1.81
CA SER D 205 -13.91 -31.19 -1.77
C SER D 205 -14.06 -30.01 -2.71
N LEU D 206 -13.08 -29.12 -2.69
CA LEU D 206 -13.09 -27.94 -3.53
C LEU D 206 -13.08 -28.37 -4.99
N ALA D 207 -12.21 -29.32 -5.31
CA ALA D 207 -12.08 -29.83 -6.68
C ALA D 207 -13.33 -30.58 -7.12
N LYS D 208 -13.92 -31.33 -6.19
CA LYS D 208 -15.16 -32.05 -6.45
C LYS D 208 -16.30 -31.08 -6.78
N ASP D 209 -16.47 -30.06 -5.94
CA ASP D 209 -17.58 -29.09 -6.09
C ASP D 209 -17.55 -28.32 -7.40
N ASN D 210 -16.36 -28.07 -7.92
CA ASN D 210 -16.25 -27.31 -9.15
C ASN D 210 -15.83 -28.14 -10.36
N LYS D 211 -15.96 -29.45 -10.22
CA LYS D 211 -15.84 -30.39 -11.34
C LYS D 211 -14.44 -30.34 -11.96
N LEU D 212 -13.44 -30.03 -11.14
CA LEU D 212 -12.06 -29.86 -11.59
C LEU D 212 -11.26 -31.16 -11.43
N PRO D 213 -10.75 -31.71 -12.54
CA PRO D 213 -9.98 -32.95 -12.51
C PRO D 213 -8.62 -32.74 -11.88
N ILE D 214 -8.16 -33.73 -11.12
CA ILE D 214 -6.87 -33.67 -10.45
C ILE D 214 -5.97 -34.75 -11.04
N VAL D 215 -4.80 -34.35 -11.50
CA VAL D 215 -3.84 -35.27 -12.07
C VAL D 215 -2.58 -35.30 -11.19
N VAL D 216 -2.16 -36.50 -10.79
CA VAL D 216 -0.93 -36.67 -10.03
C VAL D 216 0.09 -37.38 -10.90
N CYS D 217 1.26 -36.75 -11.10
CA CYS D 217 2.29 -37.35 -11.94
C CYS D 217 3.70 -37.00 -11.48
N ASN D 218 4.66 -37.72 -12.04
CA ASN D 218 6.08 -37.53 -11.73
C ASN D 218 6.68 -36.33 -12.47
N MET D 219 7.27 -35.42 -11.70
CA MET D 219 7.89 -34.21 -12.24
C MET D 219 9.16 -34.45 -13.06
N PHE D 220 9.90 -35.51 -12.73
CA PHE D 220 11.22 -35.74 -13.33
C PHE D 220 11.18 -36.42 -14.70
N LYS D 221 10.02 -36.97 -15.07
CA LYS D 221 9.86 -37.63 -16.38
C LYS D 221 9.82 -36.60 -17.52
N LYS D 222 10.90 -36.55 -18.30
CA LYS D 222 11.02 -35.57 -19.38
C LYS D 222 9.89 -35.67 -20.41
N GLY D 223 9.16 -34.57 -20.59
CA GLY D 223 8.12 -34.49 -21.60
C GLY D 223 6.79 -35.04 -21.17
N ASN D 224 6.68 -35.45 -19.90
CA ASN D 224 5.47 -36.08 -19.39
C ASN D 224 4.33 -35.09 -19.16
N LEU D 225 4.65 -33.91 -18.62
CA LEU D 225 3.66 -32.86 -18.46
C LEU D 225 2.91 -32.56 -19.76
N LEU D 226 3.66 -32.41 -20.85
CA LEU D 226 3.09 -32.11 -22.16
C LEU D 226 2.17 -33.22 -22.65
N GLN D 227 2.61 -34.47 -22.49
CA GLN D 227 1.83 -35.65 -22.82
C GLN D 227 0.53 -35.72 -22.02
N VAL D 228 0.60 -35.27 -20.76
CA VAL D 228 -0.54 -35.30 -19.86
C VAL D 228 -1.59 -34.27 -20.26
N ILE D 229 -1.15 -33.04 -20.46
CA ILE D 229 -2.05 -31.93 -20.79
C ILE D 229 -2.57 -32.00 -22.22
N LYS D 230 -1.65 -32.00 -23.18
CA LYS D 230 -2.02 -31.87 -24.59
C LYS D 230 -2.72 -33.09 -25.17
N HIS D 231 -2.19 -34.28 -24.88
CA HIS D 231 -2.68 -35.50 -25.50
C HIS D 231 -3.51 -36.37 -24.55
N GLN D 232 -3.52 -36.02 -23.27
CA GLN D 232 -4.16 -36.84 -22.23
C GLN D 232 -3.54 -38.24 -22.21
N GLN D 233 -2.21 -38.25 -22.29
CA GLN D 233 -1.42 -39.48 -22.29
C GLN D 233 -0.23 -39.30 -21.34
N GLY D 234 0.85 -40.06 -21.57
CA GLY D 234 1.96 -40.06 -20.62
C GLY D 234 1.65 -40.94 -19.41
N VAL D 235 2.32 -40.67 -18.29
CA VAL D 235 2.14 -41.47 -17.07
C VAL D 235 1.63 -40.60 -15.92
N PHE D 236 0.52 -41.02 -15.31
CA PHE D 236 -0.20 -40.18 -14.34
C PHE D 236 -1.32 -40.96 -13.64
N SER D 237 -1.86 -40.36 -12.59
CA SER D 237 -3.16 -40.76 -12.03
C SER D 237 -4.13 -39.58 -12.08
N MET D 238 -5.41 -39.87 -12.28
CA MET D 238 -6.44 -38.84 -12.29
C MET D 238 -7.50 -39.10 -11.23
N VAL D 239 -7.87 -38.05 -10.51
CA VAL D 239 -9.02 -38.09 -9.60
C VAL D 239 -10.22 -37.47 -10.30
N LYS D 240 -11.25 -38.28 -10.48
CA LYS D 240 -12.39 -38.08 -11.39
C LYS D 240 -12.17 -37.04 -12.50
N ASN E 7 -8.63 -12.71 30.76
CA ASN E 7 -9.60 -11.89 30.00
C ASN E 7 -10.15 -12.65 28.78
N LYS E 8 -11.48 -12.73 28.69
CA LYS E 8 -12.16 -13.60 27.72
C LYS E 8 -12.26 -12.98 26.32
N ARG E 9 -12.08 -13.82 25.29
CA ARG E 9 -12.15 -13.35 23.89
C ARG E 9 -13.03 -14.27 23.04
N VAL E 10 -13.91 -13.67 22.23
CA VAL E 10 -14.87 -14.44 21.43
C VAL E 10 -15.04 -13.88 20.03
N LEU E 11 -15.38 -14.78 19.11
CA LEU E 11 -15.79 -14.40 17.79
C LEU E 11 -17.26 -14.76 17.61
N VAL E 12 -18.09 -13.75 17.32
CA VAL E 12 -19.49 -13.99 16.98
C VAL E 12 -19.72 -13.87 15.48
N LYS E 13 -20.39 -14.89 14.95
CA LYS E 13 -20.69 -14.96 13.53
C LYS E 13 -22.17 -14.75 13.32
N PHE E 14 -22.51 -13.90 12.36
CA PHE E 14 -23.89 -13.77 11.92
C PHE E 14 -23.95 -14.08 10.43
N SER E 15 -25.07 -14.63 10.00
CA SER E 15 -25.38 -14.72 8.58
C SER E 15 -25.89 -13.36 8.14
N GLY E 16 -25.70 -13.02 6.87
CA GLY E 16 -26.24 -11.79 6.30
C GLY E 16 -27.74 -11.66 6.51
N GLU E 17 -28.48 -12.70 6.16
CA GLU E 17 -29.95 -12.70 6.25
C GLU E 17 -30.49 -12.53 7.66
N ALA E 18 -29.64 -12.73 8.67
CA ALA E 18 -30.01 -12.45 10.06
C ALA E 18 -30.15 -10.95 10.31
N LEU E 19 -29.50 -10.11 9.51
CA LEU E 19 -29.61 -8.65 9.63
C LEU E 19 -30.78 -8.09 8.82
N ALA E 20 -31.54 -8.98 8.18
CA ALA E 20 -32.64 -8.57 7.33
C ALA E 20 -33.98 -8.56 8.07
N GLY E 21 -34.12 -9.41 9.10
CA GLY E 21 -35.33 -9.47 9.91
C GLY E 21 -36.50 -10.21 9.28
N ASP E 22 -37.53 -9.44 8.90
CA ASP E 22 -38.76 -10.02 8.35
C ASP E 22 -38.80 -10.18 6.82
N ASN E 23 -37.67 -9.91 6.17
CA ASN E 23 -37.51 -10.17 4.75
C ASN E 23 -36.29 -11.07 4.56
N GLN E 24 -36.14 -11.62 3.36
CA GLN E 24 -34.94 -12.39 3.03
C GLN E 24 -33.80 -11.41 2.76
N PHE E 25 -34.17 -10.17 2.44
CA PHE E 25 -33.22 -9.21 1.89
C PHE E 25 -33.24 -7.86 2.59
N GLY E 26 -32.07 -7.22 2.64
CA GLY E 26 -31.94 -5.87 3.17
C GLY E 26 -31.28 -5.81 4.53
N ILE E 27 -31.29 -4.62 5.13
CA ILE E 27 -30.79 -4.45 6.48
C ILE E 27 -31.91 -3.91 7.36
N ASP E 28 -32.21 -4.63 8.45
CA ASP E 28 -33.20 -4.21 9.43
C ASP E 28 -32.50 -3.47 10.55
N ILE E 29 -32.78 -2.17 10.65
CA ILE E 29 -32.06 -1.29 11.59
C ILE E 29 -32.32 -1.64 13.07
N HIS E 30 -33.54 -2.11 13.36
CA HIS E 30 -33.93 -2.51 14.72
C HIS E 30 -33.16 -3.75 15.17
N VAL E 31 -33.06 -4.74 14.28
CA VAL E 31 -32.28 -5.96 14.53
C VAL E 31 -30.83 -5.60 14.83
N LEU E 32 -30.23 -4.76 13.98
CA LEU E 32 -28.85 -4.31 14.19
C LEU E 32 -28.65 -3.64 15.54
N ASP E 33 -29.57 -2.76 15.91
CA ASP E 33 -29.50 -2.14 17.22
C ASP E 33 -29.71 -3.13 18.36
N HIS E 34 -30.60 -4.11 18.16
CA HIS E 34 -30.78 -5.17 19.14
C HIS E 34 -29.46 -5.88 19.40
N ILE E 35 -28.76 -6.22 18.32
CA ILE E 35 -27.47 -6.92 18.36
C ILE E 35 -26.38 -6.04 18.98
N ALA E 36 -26.39 -4.76 18.63
CA ALA E 36 -25.47 -3.80 19.23
C ALA E 36 -25.55 -3.82 20.77
N LYS E 37 -26.77 -3.87 21.31
CA LYS E 37 -26.96 -3.88 22.76
C LYS E 37 -26.45 -5.17 23.40
N GLU E 38 -26.64 -6.29 22.72
CA GLU E 38 -26.05 -7.55 23.17
C GLU E 38 -24.52 -7.47 23.19
N ILE E 39 -23.93 -6.99 22.10
CA ILE E 39 -22.49 -6.78 22.07
C ILE E 39 -22.04 -5.81 23.19
N LYS E 40 -22.83 -4.76 23.45
CA LYS E 40 -22.48 -3.78 24.47
C LYS E 40 -22.36 -4.43 25.83
N SER E 41 -23.28 -5.35 26.11
CA SER E 41 -23.27 -6.17 27.30
C SER E 41 -21.93 -6.87 27.50
N LEU E 42 -21.36 -7.39 26.41
CA LEU E 42 -20.10 -8.15 26.46
C LEU E 42 -18.89 -7.27 26.75
N VAL E 43 -18.84 -6.10 26.12
CA VAL E 43 -17.72 -5.19 26.28
C VAL E 43 -17.65 -4.65 27.71
N GLU E 44 -18.80 -4.23 28.26
CA GLU E 44 -18.85 -3.71 29.63
C GLU E 44 -18.51 -4.76 30.70
N ASN E 45 -18.43 -6.02 30.28
CA ASN E 45 -18.02 -7.10 31.16
C ASN E 45 -16.60 -7.59 30.83
N ASP E 46 -15.89 -6.79 30.04
CA ASP E 46 -14.50 -7.05 29.64
C ASP E 46 -14.31 -8.27 28.76
N ILE E 47 -15.28 -8.51 27.87
CA ILE E 47 -15.14 -9.58 26.90
C ILE E 47 -14.72 -8.96 25.58
N GLU E 48 -13.62 -9.46 25.02
CA GLU E 48 -13.08 -8.93 23.79
C GLU E 48 -13.83 -9.57 22.62
N VAL E 49 -14.38 -8.74 21.74
CA VAL E 49 -15.34 -9.21 20.74
C VAL E 49 -14.90 -8.97 19.31
N GLY E 50 -14.66 -10.07 18.60
CA GLY E 50 -14.58 -10.05 17.15
C GLY E 50 -15.89 -10.51 16.54
N ILE E 51 -16.31 -9.87 15.46
CA ILE E 51 -17.52 -10.25 14.73
C ILE E 51 -17.21 -10.54 13.26
N VAL E 52 -17.72 -11.66 12.73
CA VAL E 52 -17.77 -11.80 11.27
C VAL E 52 -19.22 -11.89 10.77
N ILE E 53 -19.49 -11.08 9.75
CA ILE E 53 -20.81 -10.93 9.21
C ILE E 53 -20.87 -11.50 7.78
N GLY E 54 -21.97 -12.18 7.47
CA GLY E 54 -22.21 -12.66 6.11
C GLY E 54 -22.86 -11.61 5.21
N GLY E 55 -23.06 -11.96 3.95
CA GLY E 55 -23.59 -11.03 2.96
C GLY E 55 -24.84 -11.50 2.25
N GLY E 56 -25.41 -12.61 2.74
CA GLY E 56 -26.54 -13.28 2.08
C GLY E 56 -27.82 -12.49 1.97
N ASN E 57 -27.95 -11.46 2.81
CA ASN E 57 -29.10 -10.55 2.74
C ASN E 57 -29.03 -9.63 1.53
N ILE E 58 -27.87 -9.58 0.88
CA ILE E 58 -27.66 -8.69 -0.26
C ILE E 58 -27.38 -9.47 -1.55
N ILE E 59 -26.28 -10.21 -1.60
CA ILE E 59 -26.04 -11.13 -2.71
C ILE E 59 -25.30 -12.40 -2.24
N ARG E 60 -25.67 -13.53 -2.84
CA ARG E 60 -24.95 -14.78 -2.65
C ARG E 60 -24.26 -15.17 -3.95
N GLY E 61 -22.98 -15.56 -3.83
CA GLY E 61 -22.20 -16.04 -4.97
C GLY E 61 -22.88 -17.08 -5.84
N VAL E 62 -23.43 -18.12 -5.23
CA VAL E 62 -24.07 -19.21 -5.97
C VAL E 62 -25.35 -18.82 -6.72
N SER E 63 -26.18 -17.99 -6.09
CA SER E 63 -27.44 -17.51 -6.71
C SER E 63 -27.18 -16.60 -7.90
N ALA E 64 -26.22 -15.69 -7.75
CA ALA E 64 -25.82 -14.77 -8.82
C ALA E 64 -25.24 -15.51 -10.03
N ALA E 65 -24.59 -16.64 -9.78
CA ALA E 65 -23.96 -17.44 -10.82
C ALA E 65 -24.92 -18.31 -11.61
N GLN E 66 -26.13 -18.54 -11.06
CA GLN E 66 -27.19 -19.27 -11.77
C GLN E 66 -27.52 -18.59 -13.09
N GLY E 67 -27.68 -19.38 -14.15
CA GLY E 67 -27.95 -18.85 -15.49
C GLY E 67 -26.70 -18.70 -16.34
N GLY E 68 -25.55 -18.53 -15.70
CA GLY E 68 -24.26 -18.48 -16.39
C GLY E 68 -23.77 -17.12 -16.85
N ILE E 69 -24.46 -16.05 -16.45
CA ILE E 69 -24.12 -14.71 -16.91
C ILE E 69 -22.95 -14.15 -16.07
N ILE E 70 -22.96 -14.48 -14.79
CA ILE E 70 -21.95 -14.01 -13.85
C ILE E 70 -21.06 -15.19 -13.47
N ARG E 71 -19.77 -15.11 -13.78
CA ARG E 71 -18.81 -16.12 -13.34
C ARG E 71 -18.84 -16.26 -11.82
N ARG E 72 -18.85 -17.51 -11.36
CA ARG E 72 -18.93 -17.84 -9.94
C ARG E 72 -17.91 -17.10 -9.07
N THR E 73 -16.70 -16.88 -9.58
CA THR E 73 -15.67 -16.14 -8.85
C THR E 73 -16.09 -14.67 -8.62
N SER E 74 -16.61 -14.04 -9.68
CA SER E 74 -17.10 -12.67 -9.61
C SER E 74 -18.32 -12.58 -8.73
N GLY E 75 -19.12 -13.65 -8.75
CA GLY E 75 -20.25 -13.79 -7.85
C GLY E 75 -19.78 -13.69 -6.42
N ASP E 76 -18.77 -14.47 -6.06
CA ASP E 76 -18.25 -14.45 -4.69
C ASP E 76 -17.65 -13.12 -4.28
N TYR E 77 -17.04 -12.41 -5.23
CA TYR E 77 -16.48 -11.09 -4.92
C TYR E 77 -17.59 -10.09 -4.67
N MET E 78 -18.68 -10.23 -5.43
CA MET E 78 -19.89 -9.46 -5.16
C MET E 78 -20.39 -9.76 -3.76
N GLY E 79 -20.37 -11.05 -3.38
CA GLY E 79 -20.77 -11.48 -2.05
C GLY E 79 -19.90 -10.90 -0.94
N MET E 80 -18.59 -10.87 -1.17
CA MET E 80 -17.66 -10.36 -0.17
C MET E 80 -17.80 -8.85 0.02
N LEU E 81 -18.13 -8.14 -1.06
CA LEU E 81 -18.34 -6.69 -0.97
C LEU E 81 -19.55 -6.38 -0.14
N ALA E 82 -20.58 -7.22 -0.31
CA ALA E 82 -21.82 -7.11 0.43
C ALA E 82 -21.65 -7.30 1.94
N THR E 83 -20.68 -8.13 2.34
CA THR E 83 -20.41 -8.32 3.77
C THR E 83 -19.86 -7.03 4.36
N VAL E 84 -19.08 -6.29 3.55
CA VAL E 84 -18.50 -5.02 3.99
C VAL E 84 -19.59 -3.98 4.20
N ILE E 85 -20.59 -3.96 3.31
CA ILE E 85 -21.77 -3.12 3.48
C ILE E 85 -22.50 -3.41 4.80
N ASN E 86 -22.57 -4.69 5.19
CA ASN E 86 -23.18 -5.08 6.47
C ASN E 86 -22.30 -4.66 7.63
N ALA E 87 -21.01 -4.90 7.50
CA ALA E 87 -20.03 -4.55 8.51
C ALA E 87 -20.08 -3.07 8.83
N VAL E 88 -20.24 -2.25 7.80
CA VAL E 88 -20.34 -0.79 7.96
C VAL E 88 -21.59 -0.38 8.72
N ALA E 89 -22.74 -0.97 8.39
CA ALA E 89 -23.98 -0.72 9.12
C ALA E 89 -23.87 -1.21 10.56
N MET E 90 -23.22 -2.35 10.73
CA MET E 90 -23.01 -2.92 12.05
C MET E 90 -22.17 -1.96 12.91
N GLN E 91 -21.10 -1.43 12.33
CA GLN E 91 -20.27 -0.42 12.98
C GLN E 91 -21.07 0.80 13.41
N GLU E 92 -21.93 1.32 12.53
CA GLU E 92 -22.76 2.48 12.85
C GLU E 92 -23.64 2.22 14.06
N ALA E 93 -24.12 0.99 14.18
CA ALA E 93 -24.99 0.61 15.28
C ALA E 93 -24.25 0.57 16.61
N LEU E 94 -23.02 0.06 16.59
CA LEU E 94 -22.18 -0.04 17.77
C LEU E 94 -21.69 1.34 18.22
N GLU E 95 -21.25 2.13 17.25
CA GLU E 95 -20.77 3.48 17.50
C GLU E 95 -21.88 4.36 18.07
N HIS E 96 -23.10 4.15 17.57
CA HIS E 96 -24.27 4.91 18.04
C HIS E 96 -24.50 4.75 19.56
N ILE E 97 -23.93 3.70 20.14
CA ILE E 97 -24.24 3.31 21.49
C ILE E 97 -23.02 3.39 22.42
N GLY E 98 -21.98 4.06 21.93
CA GLY E 98 -20.79 4.39 22.73
C GLY E 98 -19.62 3.44 22.61
N LEU E 99 -19.73 2.46 21.69
CA LEU E 99 -18.68 1.45 21.57
C LEU E 99 -17.63 1.82 20.53
N ASP E 100 -16.37 1.69 20.91
CA ASP E 100 -15.27 1.89 19.98
C ASP E 100 -15.14 0.65 19.09
N THR E 101 -15.22 0.86 17.79
CA THR E 101 -15.17 -0.24 16.84
C THR E 101 -14.25 0.02 15.66
N ARG E 102 -13.72 -1.05 15.10
CA ARG E 102 -12.91 -1.00 13.91
C ARG E 102 -13.41 -2.08 12.98
N VAL E 103 -13.52 -1.75 11.70
CA VAL E 103 -13.82 -2.73 10.68
C VAL E 103 -12.53 -3.08 9.93
N GLN E 104 -12.28 -4.38 9.77
CA GLN E 104 -11.15 -4.85 8.99
C GLN E 104 -11.67 -5.76 7.89
N SER E 105 -11.21 -5.52 6.67
CA SER E 105 -11.69 -6.27 5.52
C SER E 105 -10.58 -7.13 4.91
N ALA E 106 -10.90 -8.38 4.60
CA ALA E 106 -9.94 -9.27 3.92
C ALA E 106 -9.61 -8.76 2.51
N ILE E 107 -10.46 -7.87 1.99
CA ILE E 107 -10.24 -7.23 0.73
C ILE E 107 -10.00 -5.74 0.95
N GLU E 108 -8.88 -5.23 0.47
CA GLU E 108 -8.53 -3.84 0.71
C GLU E 108 -9.51 -2.85 0.06
N ILE E 109 -10.12 -2.02 0.92
CA ILE E 109 -10.93 -0.88 0.48
C ILE E 109 -10.45 0.34 1.27
N LYS E 110 -9.36 0.94 0.82
CA LYS E 110 -8.55 1.86 1.63
C LYS E 110 -9.31 3.05 2.21
N GLU E 111 -10.25 3.59 1.45
CA GLU E 111 -10.98 4.76 1.91
C GLU E 111 -12.10 4.42 2.91
N ILE E 112 -12.54 3.17 2.92
CA ILE E 112 -13.73 2.78 3.70
C ILE E 112 -13.43 2.07 5.03
N CYS E 113 -12.39 1.24 5.06
CA CYS E 113 -11.95 0.56 6.29
C CYS E 113 -10.49 0.12 6.20
N GLU E 114 -9.95 -0.38 7.31
CA GLU E 114 -8.63 -0.97 7.33
C GLU E 114 -8.66 -2.36 6.70
N SER E 115 -7.51 -2.82 6.21
CA SER E 115 -7.32 -4.20 5.79
C SER E 115 -7.23 -5.06 7.02
N TYR E 116 -7.49 -6.34 6.86
CA TYR E 116 -7.17 -7.30 7.90
C TYR E 116 -5.67 -7.39 8.09
N ILE E 117 -5.22 -7.12 9.31
CA ILE E 117 -3.85 -7.36 9.70
C ILE E 117 -3.89 -8.02 11.05
N TYR E 118 -3.35 -9.24 11.09
CA TYR E 118 -3.40 -10.11 12.25
C TYR E 118 -3.11 -9.40 13.58
N ARG E 119 -1.93 -8.81 13.68
CA ARG E 119 -1.47 -8.16 14.90
C ARG E 119 -2.26 -6.90 15.26
N LYS E 120 -2.72 -6.18 14.23
CA LYS E 120 -3.56 -5.01 14.42
C LYS E 120 -4.88 -5.37 15.08
N ALA E 121 -5.49 -6.44 14.56
CA ALA E 121 -6.75 -6.93 15.08
C ALA E 121 -6.63 -7.24 16.57
N ILE E 122 -5.60 -7.97 16.95
CA ILE E 122 -5.37 -8.34 18.35
C ILE E 122 -5.12 -7.11 19.20
N ARG E 123 -4.32 -6.17 18.67
CA ARG E 123 -4.03 -4.91 19.34
C ARG E 123 -5.33 -4.12 19.61
N HIS E 124 -6.22 -4.05 18.62
CA HIS E 124 -7.53 -3.40 18.78
C HIS E 124 -8.31 -4.07 19.91
N LEU E 125 -8.37 -5.40 19.88
CA LEU E 125 -9.10 -6.17 20.87
C LEU E 125 -8.59 -5.92 22.29
N GLU E 126 -7.26 -5.89 22.46
CA GLU E 126 -6.66 -5.67 23.79
C GLU E 126 -7.00 -4.30 24.36
N LYS E 127 -7.26 -3.35 23.47
CA LYS E 127 -7.73 -2.02 23.85
C LYS E 127 -9.23 -2.00 24.14
N GLY E 128 -9.90 -3.13 23.96
CA GLY E 128 -11.32 -3.26 24.30
C GLY E 128 -12.27 -2.78 23.23
N ARG E 129 -11.77 -2.69 22.01
CA ARG E 129 -12.57 -2.28 20.86
C ARG E 129 -13.25 -3.50 20.22
N VAL E 130 -14.37 -3.27 19.57
CA VAL E 130 -15.01 -4.32 18.80
C VAL E 130 -14.43 -4.35 17.40
N VAL E 131 -13.98 -5.53 16.97
CA VAL E 131 -13.46 -5.69 15.62
C VAL E 131 -14.46 -6.48 14.80
N ILE E 132 -14.85 -5.89 13.66
CA ILE E 132 -15.76 -6.52 12.72
C ILE E 132 -14.97 -6.88 11.48
N PHE E 133 -14.99 -8.16 11.14
CA PHE E 133 -14.26 -8.64 9.96
C PHE E 133 -15.17 -8.78 8.74
N GLY E 134 -14.86 -8.03 7.70
CA GLY E 134 -15.62 -8.07 6.46
C GLY E 134 -14.89 -8.85 5.38
N ALA E 135 -15.64 -9.23 4.35
CA ALA E 135 -15.11 -9.89 3.13
C ALA E 135 -14.54 -11.28 3.36
N GLY E 136 -14.97 -11.90 4.45
CA GLY E 136 -14.65 -13.29 4.73
C GLY E 136 -13.17 -13.61 4.80
N THR E 137 -12.76 -14.56 3.98
CA THR E 137 -11.39 -15.02 3.87
C THR E 137 -10.61 -14.14 2.90
N GLY E 138 -11.35 -13.38 2.08
CA GLY E 138 -10.76 -12.68 0.94
C GLY E 138 -10.65 -13.60 -0.27
N ASN E 139 -11.11 -14.84 -0.10
CA ASN E 139 -11.07 -15.81 -1.19
C ASN E 139 -12.46 -16.23 -1.59
N PRO E 140 -12.71 -16.30 -2.90
CA PRO E 140 -13.93 -16.93 -3.37
C PRO E 140 -13.97 -18.41 -3.00
N PHE E 141 -15.17 -18.99 -3.08
CA PHE E 141 -15.41 -20.42 -2.83
C PHE E 141 -15.40 -20.87 -1.37
N PHE E 142 -15.11 -19.95 -0.45
CA PHE E 142 -15.21 -20.27 0.97
C PHE E 142 -16.46 -19.65 1.55
N THR E 143 -16.95 -20.22 2.66
CA THR E 143 -18.15 -19.74 3.34
C THR E 143 -17.83 -18.78 4.49
N THR E 144 -18.83 -18.00 4.91
CA THR E 144 -18.73 -17.17 6.11
C THR E 144 -18.35 -18.01 7.34
N ASP E 145 -18.93 -19.21 7.44
CA ASP E 145 -18.64 -20.14 8.54
C ASP E 145 -17.15 -20.41 8.70
N THR E 146 -16.50 -20.66 7.57
CA THR E 146 -15.07 -20.92 7.48
C THR E 146 -14.26 -19.67 7.82
N ALA E 147 -14.63 -18.55 7.21
CA ALA E 147 -14.02 -17.26 7.53
C ALA E 147 -14.08 -16.94 9.03
N ALA E 148 -15.22 -17.21 9.63
CA ALA E 148 -15.43 -16.97 11.05
C ALA E 148 -14.53 -17.87 11.92
N THR E 149 -14.45 -19.16 11.59
CA THR E 149 -13.62 -20.08 12.36
C THR E 149 -12.14 -19.67 12.24
N LEU E 150 -11.72 -19.36 11.02
CA LEU E 150 -10.38 -18.86 10.78
C LEU E 150 -10.08 -17.62 11.62
N ARG E 151 -10.88 -16.57 11.46
CA ARG E 151 -10.73 -15.36 12.27
C ARG E 151 -10.76 -15.70 13.75
N ALA E 152 -11.61 -16.64 14.16
CA ALA E 152 -11.71 -17.06 15.56
C ALA E 152 -10.40 -17.65 16.08
N ILE E 153 -9.80 -18.53 15.29
CA ILE E 153 -8.52 -19.14 15.67
C ILE E 153 -7.37 -18.12 15.60
N GLU E 154 -7.38 -17.29 14.57
CA GLU E 154 -6.32 -16.30 14.37
C GLU E 154 -6.19 -15.34 15.55
N ILE E 155 -7.32 -14.90 16.11
CA ILE E 155 -7.28 -13.97 17.25
C ILE E 155 -7.11 -14.66 18.60
N GLY E 156 -7.04 -16.00 18.60
CA GLY E 156 -6.92 -16.76 19.83
C GLY E 156 -8.20 -16.73 20.65
N SER E 157 -9.32 -17.00 19.99
CA SER E 157 -10.61 -17.01 20.64
C SER E 157 -10.76 -18.19 21.60
N ASP E 158 -11.59 -17.99 22.62
CA ASP E 158 -11.93 -19.04 23.56
C ASP E 158 -13.07 -19.89 23.01
N LEU E 159 -13.88 -19.28 22.14
CA LEU E 159 -14.90 -19.98 21.35
C LEU E 159 -15.41 -19.17 20.15
N ILE E 160 -15.99 -19.88 19.19
CA ILE E 160 -16.79 -19.23 18.17
C ILE E 160 -18.27 -19.42 18.51
N ILE E 161 -19.03 -18.33 18.39
CA ILE E 161 -20.47 -18.38 18.55
C ILE E 161 -21.15 -18.14 17.21
N LYS E 162 -22.00 -19.08 16.84
CA LYS E 162 -22.81 -18.97 15.63
C LYS E 162 -24.21 -18.56 16.05
N ALA E 163 -24.51 -17.27 15.87
CA ALA E 163 -25.81 -16.72 16.20
C ALA E 163 -26.77 -16.90 15.03
N THR E 164 -27.78 -17.75 15.24
CA THR E 164 -28.88 -17.95 14.29
C THR E 164 -30.23 -17.69 14.94
N LYS E 165 -31.31 -18.24 14.39
CA LYS E 165 -32.66 -17.97 14.88
C LYS E 165 -33.11 -19.01 15.91
N VAL E 166 -32.56 -20.21 15.78
CA VAL E 166 -32.90 -21.35 16.62
C VAL E 166 -32.11 -21.35 17.94
N ASP E 167 -32.62 -22.06 18.94
CA ASP E 167 -32.05 -22.08 20.30
C ASP E 167 -30.75 -22.88 20.41
N GLY E 168 -30.42 -23.61 19.34
CA GLY E 168 -29.23 -24.45 19.31
C GLY E 168 -29.24 -25.38 18.10
N ILE E 169 -28.82 -26.62 18.33
CA ILE E 169 -28.79 -27.62 17.27
C ILE E 169 -29.90 -28.64 17.48
N TYR E 170 -30.78 -28.73 16.48
CA TYR E 170 -31.89 -29.68 16.51
C TYR E 170 -31.71 -30.70 15.40
N ASP E 171 -32.30 -31.88 15.57
CA ASP E 171 -32.20 -32.93 14.55
C ASP E 171 -32.92 -32.52 13.26
N LYS E 172 -34.19 -32.14 13.39
CA LYS E 172 -35.01 -31.72 12.26
C LYS E 172 -35.47 -30.29 12.51
N ASP E 173 -35.06 -29.37 11.64
CA ASP E 173 -35.26 -27.92 11.83
C ASP E 173 -36.30 -27.54 12.89
N LYS E 181 -35.81 -32.56 18.37
CA LYS E 181 -35.00 -32.89 19.54
C LYS E 181 -33.75 -32.01 19.58
N LYS E 182 -33.59 -31.26 20.67
CA LYS E 182 -32.43 -30.38 20.83
C LYS E 182 -31.23 -31.13 21.40
N LEU E 183 -30.08 -30.91 20.75
CA LEU E 183 -28.83 -31.54 21.14
C LEU E 183 -27.97 -30.60 21.98
N ASP E 184 -27.74 -30.97 23.25
CA ASP E 184 -26.89 -30.20 24.17
C ASP E 184 -25.44 -30.11 23.67
N THR E 185 -24.84 -31.27 23.39
CA THR E 185 -23.41 -31.36 23.06
C THR E 185 -23.17 -32.39 21.95
N LEU E 186 -22.34 -31.98 20.97
CA LEU E 186 -21.87 -32.87 19.93
C LEU E 186 -20.36 -32.94 19.97
N SER E 187 -19.81 -34.07 19.52
CA SER E 187 -18.40 -34.10 19.17
C SER E 187 -18.20 -33.49 17.78
N TYR E 188 -16.97 -33.04 17.50
CA TYR E 188 -16.61 -32.56 16.17
C TYR E 188 -16.98 -33.59 15.10
N ASN E 189 -16.63 -34.85 15.34
CA ASN E 189 -16.94 -35.96 14.43
C ASN E 189 -18.44 -36.15 14.14
N ASP E 190 -19.27 -36.08 15.20
CA ASP E 190 -20.73 -36.15 15.04
C ASP E 190 -21.26 -35.09 14.07
N ALA E 191 -20.67 -33.90 14.13
CA ALA E 191 -21.03 -32.82 13.22
C ALA E 191 -20.61 -33.13 11.77
N LEU E 192 -19.51 -33.86 11.60
CA LEU E 192 -19.04 -34.25 10.27
C LEU E 192 -19.77 -35.50 9.74
N ILE E 193 -19.90 -36.50 10.60
CA ILE E 193 -20.42 -37.82 10.21
C ILE E 193 -21.96 -37.87 10.14
N GLY E 194 -22.61 -37.13 11.05
CA GLY E 194 -24.07 -37.08 11.09
C GLY E 194 -24.67 -36.19 9.99
N ASP E 195 -25.97 -36.33 9.77
CA ASP E 195 -26.67 -35.58 8.71
C ASP E 195 -27.26 -34.24 9.18
N ILE E 196 -27.09 -33.92 10.47
CA ILE E 196 -27.43 -32.60 10.98
C ILE E 196 -26.29 -31.65 10.63
N GLU E 197 -26.63 -30.49 10.06
CA GLU E 197 -25.60 -29.55 9.60
C GLU E 197 -25.45 -28.32 10.52
N VAL E 198 -24.32 -28.24 11.20
CA VAL E 198 -23.99 -27.13 12.08
C VAL E 198 -23.38 -26.02 11.23
N MET E 199 -22.20 -26.31 10.70
CA MET E 199 -21.51 -25.50 9.72
C MET E 199 -21.01 -26.47 8.65
N ASP E 200 -20.41 -25.95 7.57
CA ASP E 200 -19.83 -26.81 6.54
C ASP E 200 -18.59 -27.53 7.06
N ASP E 201 -18.24 -28.64 6.41
CA ASP E 201 -17.19 -29.54 6.90
C ASP E 201 -15.80 -28.93 7.10
N THR E 202 -15.40 -28.00 6.24
CA THR E 202 -14.07 -27.40 6.36
C THR E 202 -13.95 -26.50 7.59
N ALA E 203 -15.03 -25.80 7.92
CA ALA E 203 -15.13 -25.04 9.17
C ALA E 203 -15.05 -25.90 10.44
N ILE E 204 -15.78 -27.02 10.46
CA ILE E 204 -15.78 -27.93 11.60
C ILE E 204 -14.40 -28.55 11.80
N SER E 205 -13.79 -28.98 10.69
CA SER E 205 -12.43 -29.52 10.71
C SER E 205 -11.40 -28.45 11.10
N LEU E 206 -11.63 -27.23 10.70
CA LEU E 206 -10.77 -26.14 11.12
C LEU E 206 -10.82 -26.05 12.64
N ALA E 207 -12.04 -26.05 13.19
CA ALA E 207 -12.26 -25.96 14.63
C ALA E 207 -11.69 -27.15 15.36
N LYS E 208 -11.95 -28.34 14.81
CA LYS E 208 -11.52 -29.60 15.38
C LYS E 208 -10.01 -29.62 15.57
N ASP E 209 -9.28 -29.46 14.46
CA ASP E 209 -7.82 -29.48 14.45
C ASP E 209 -7.22 -28.48 15.44
N ASN E 210 -7.96 -27.42 15.76
CA ASN E 210 -7.46 -26.36 16.61
C ASN E 210 -8.11 -26.25 18.01
N LYS E 211 -8.91 -27.25 18.39
CA LYS E 211 -9.53 -27.33 19.72
C LYS E 211 -10.40 -26.10 20.07
N LEU E 212 -11.17 -25.64 19.10
CA LEU E 212 -11.98 -24.44 19.25
C LEU E 212 -13.45 -24.80 19.43
N PRO E 213 -13.99 -24.61 20.65
CA PRO E 213 -15.40 -24.92 20.91
C PRO E 213 -16.33 -24.11 20.00
N ILE E 214 -17.41 -24.74 19.55
CA ILE E 214 -18.43 -24.03 18.76
C ILE E 214 -19.75 -24.01 19.53
N VAL E 215 -20.25 -22.80 19.77
CA VAL E 215 -21.54 -22.63 20.41
C VAL E 215 -22.53 -22.16 19.37
N VAL E 216 -23.71 -22.78 19.36
CA VAL E 216 -24.80 -22.33 18.51
C VAL E 216 -25.92 -21.89 19.44
N CYS E 217 -26.32 -20.62 19.33
CA CYS E 217 -27.36 -20.06 20.18
C CYS E 217 -28.18 -18.97 19.50
N ASN E 218 -29.29 -18.60 20.15
CA ASN E 218 -30.22 -17.59 19.66
C ASN E 218 -29.78 -16.17 19.98
N MET E 219 -30.05 -15.27 19.03
CA MET E 219 -29.62 -13.88 19.10
C MET E 219 -30.71 -12.96 19.67
N PHE E 220 -31.95 -13.45 19.71
CA PHE E 220 -33.12 -12.66 20.12
C PHE E 220 -33.52 -12.84 21.59
N LYS E 221 -32.56 -13.12 22.48
CA LYS E 221 -32.87 -13.19 23.92
C LYS E 221 -31.82 -12.51 24.80
N LYS E 222 -32.21 -11.36 25.38
CA LYS E 222 -31.30 -10.47 26.12
C LYS E 222 -30.52 -11.21 27.19
N GLY E 223 -29.21 -10.97 27.23
CA GLY E 223 -28.35 -11.51 28.28
C GLY E 223 -27.78 -12.89 28.03
N ASN E 224 -28.40 -13.65 27.13
CA ASN E 224 -27.99 -15.02 26.84
C ASN E 224 -26.52 -15.14 26.47
N LEU E 225 -26.07 -14.25 25.60
CA LEU E 225 -24.71 -14.25 25.09
C LEU E 225 -23.73 -14.08 26.25
N LEU E 226 -24.03 -13.13 27.13
CA LEU E 226 -23.22 -12.89 28.31
C LEU E 226 -23.13 -14.15 29.18
N GLN E 227 -24.26 -14.84 29.34
CA GLN E 227 -24.31 -16.06 30.13
C GLN E 227 -23.49 -17.20 29.53
N VAL E 228 -23.54 -17.33 28.21
CA VAL E 228 -22.78 -18.34 27.48
C VAL E 228 -21.27 -18.16 27.67
N ILE E 229 -20.78 -16.94 27.39
CA ILE E 229 -19.36 -16.63 27.45
C ILE E 229 -18.83 -16.59 28.90
N LYS E 230 -19.55 -15.91 29.78
CA LYS E 230 -19.05 -15.59 31.11
C LYS E 230 -19.21 -16.75 32.09
N HIS E 231 -20.34 -17.44 32.05
CA HIS E 231 -20.65 -18.46 33.05
C HIS E 231 -20.82 -19.88 32.49
N GLN E 232 -20.74 -20.01 31.17
CA GLN E 232 -21.11 -21.25 30.47
C GLN E 232 -22.53 -21.68 30.86
N GLN E 233 -23.46 -20.73 30.79
CA GLN E 233 -24.87 -21.00 31.02
C GLN E 233 -25.73 -20.33 29.94
N GLY E 234 -26.99 -20.05 30.23
CA GLY E 234 -27.92 -19.61 29.21
C GLY E 234 -28.37 -20.79 28.37
N VAL E 235 -28.93 -20.50 27.19
CA VAL E 235 -29.40 -21.53 26.26
C VAL E 235 -28.59 -21.56 24.96
N PHE E 236 -28.05 -22.74 24.65
CA PHE E 236 -27.13 -22.92 23.55
C PHE E 236 -26.88 -24.41 23.31
N SER E 237 -26.33 -24.72 22.15
CA SER E 237 -25.78 -26.04 21.88
C SER E 237 -24.28 -25.87 21.69
N MET E 238 -23.51 -26.89 22.05
CA MET E 238 -22.06 -26.81 21.95
C MET E 238 -21.43 -27.97 21.17
N VAL E 239 -20.66 -27.64 20.13
CA VAL E 239 -19.88 -28.66 19.41
C VAL E 239 -18.47 -28.75 20.01
N LYS E 240 -18.23 -29.87 20.68
CA LYS E 240 -17.07 -30.11 21.56
C LYS E 240 -16.69 -28.93 22.46
N ASN F 7 -15.46 6.63 -32.26
CA ASN F 7 -15.46 8.09 -32.56
C ASN F 7 -16.51 8.86 -31.74
N LYS F 8 -17.80 8.54 -31.92
CA LYS F 8 -18.83 9.03 -31.00
C LYS F 8 -18.60 8.43 -29.61
N ARG F 9 -18.60 9.29 -28.59
CA ARG F 9 -18.43 8.86 -27.21
C ARG F 9 -19.65 9.25 -26.38
N VAL F 10 -20.16 8.31 -25.59
CA VAL F 10 -21.34 8.55 -24.75
C VAL F 10 -21.16 7.99 -23.35
N LEU F 11 -21.84 8.60 -22.38
CA LEU F 11 -21.96 8.03 -21.06
C LEU F 11 -23.39 7.62 -20.82
N VAL F 12 -23.58 6.38 -20.40
CA VAL F 12 -24.92 5.87 -20.09
C VAL F 12 -25.09 5.74 -18.58
N LYS F 13 -26.15 6.34 -18.08
CA LYS F 13 -26.44 6.30 -16.66
C LYS F 13 -27.71 5.50 -16.40
N PHE F 14 -27.61 4.57 -15.45
CA PHE F 14 -28.72 3.77 -14.97
C PHE F 14 -28.83 4.05 -13.48
N SER F 15 -30.05 4.11 -12.96
CA SER F 15 -30.20 3.97 -11.53
C SER F 15 -29.96 2.49 -11.21
N GLY F 16 -29.58 2.21 -9.96
CA GLY F 16 -29.42 0.84 -9.52
C GLY F 16 -30.67 0.00 -9.71
N GLU F 17 -31.83 0.61 -9.48
CA GLU F 17 -33.13 -0.06 -9.59
C GLU F 17 -33.42 -0.60 -10.99
N ALA F 18 -32.73 -0.04 -11.99
CA ALA F 18 -32.87 -0.48 -13.36
C ALA F 18 -32.44 -1.93 -13.53
N LEU F 19 -31.58 -2.41 -12.63
CA LEU F 19 -31.03 -3.75 -12.73
C LEU F 19 -31.87 -4.82 -12.03
N ALA F 20 -32.93 -4.40 -11.34
CA ALA F 20 -33.68 -5.28 -10.43
C ALA F 20 -34.97 -5.92 -10.97
N GLY F 21 -35.58 -5.39 -12.00
CA GLY F 21 -36.77 -6.05 -12.49
C GLY F 21 -38.06 -6.07 -11.67
N ASP F 22 -38.46 -7.27 -11.25
CA ASP F 22 -39.74 -7.49 -10.60
C ASP F 22 -39.93 -6.69 -9.35
N ASN F 23 -38.92 -6.72 -8.51
CA ASN F 23 -39.05 -6.07 -7.24
C ASN F 23 -38.05 -5.00 -7.09
N GLN F 24 -38.25 -4.23 -6.06
CA GLN F 24 -37.44 -3.09 -5.81
C GLN F 24 -35.97 -3.43 -5.61
N PHE F 25 -35.67 -4.66 -5.21
CA PHE F 25 -34.37 -5.05 -4.65
C PHE F 25 -33.60 -6.03 -5.54
N GLY F 26 -32.28 -5.87 -5.55
CA GLY F 26 -31.38 -6.89 -6.09
C GLY F 26 -30.96 -6.72 -7.53
N ILE F 27 -30.51 -7.83 -8.10
CA ILE F 27 -30.08 -7.88 -9.49
C ILE F 27 -30.83 -8.99 -10.20
N ASP F 28 -31.59 -8.62 -11.22
CA ASP F 28 -32.23 -9.57 -12.13
C ASP F 28 -31.32 -9.86 -13.32
N ILE F 29 -30.94 -11.13 -13.43
CA ILE F 29 -30.01 -11.60 -14.44
C ILE F 29 -30.51 -11.37 -15.88
N HIS F 30 -31.82 -11.56 -16.10
CA HIS F 30 -32.42 -11.36 -17.42
C HIS F 30 -32.36 -9.89 -17.84
N VAL F 31 -32.67 -9.01 -16.89
CA VAL F 31 -32.61 -7.56 -17.13
C VAL F 31 -31.18 -7.15 -17.46
N LEU F 32 -30.24 -7.77 -16.76
CA LEU F 32 -28.82 -7.50 -16.95
C LEU F 32 -28.35 -7.88 -18.36
N ASP F 33 -28.68 -9.10 -18.79
CA ASP F 33 -28.40 -9.58 -20.13
C ASP F 33 -29.00 -8.67 -21.22
N HIS F 34 -30.28 -8.36 -21.07
CA HIS F 34 -30.98 -7.45 -21.99
C HIS F 34 -30.27 -6.10 -22.11
N ILE F 35 -29.78 -5.56 -20.99
CA ILE F 35 -29.03 -4.31 -21.01
C ILE F 35 -27.71 -4.45 -21.77
N ALA F 36 -26.97 -5.50 -21.43
CA ALA F 36 -25.66 -5.79 -22.04
C ALA F 36 -25.73 -5.86 -23.56
N LYS F 37 -26.80 -6.48 -24.06
CA LYS F 37 -27.06 -6.59 -25.50
C LYS F 37 -27.27 -5.23 -26.15
N GLU F 38 -27.93 -4.34 -25.43
CA GLU F 38 -28.15 -2.98 -25.91
C GLU F 38 -26.82 -2.26 -26.03
N ILE F 39 -25.98 -2.40 -25.01
CA ILE F 39 -24.63 -1.83 -25.05
C ILE F 39 -23.83 -2.44 -26.21
N LYS F 40 -23.92 -3.76 -26.37
CA LYS F 40 -23.25 -4.45 -27.45
C LYS F 40 -23.57 -3.83 -28.81
N SER F 41 -24.83 -3.45 -29.04
CA SER F 41 -25.21 -2.84 -30.32
C SER F 41 -24.49 -1.51 -30.55
N LEU F 42 -24.14 -0.82 -29.46
CA LEU F 42 -23.35 0.41 -29.55
C LEU F 42 -21.90 0.13 -29.90
N VAL F 43 -21.31 -0.87 -29.25
CA VAL F 43 -19.90 -1.22 -29.44
C VAL F 43 -19.62 -1.71 -30.86
N GLU F 44 -20.56 -2.51 -31.39
CA GLU F 44 -20.50 -3.04 -32.76
C GLU F 44 -20.60 -1.95 -33.84
N ASN F 45 -21.13 -0.80 -33.48
CA ASN F 45 -21.21 0.33 -34.40
C ASN F 45 -20.19 1.42 -34.06
N ASP F 46 -19.17 1.03 -33.29
CA ASP F 46 -18.01 1.88 -33.00
C ASP F 46 -18.37 3.11 -32.18
N ILE F 47 -19.27 2.92 -31.23
CA ILE F 47 -19.59 3.96 -30.28
C ILE F 47 -18.87 3.64 -28.98
N GLU F 48 -18.22 4.65 -28.42
CA GLU F 48 -17.45 4.49 -27.21
C GLU F 48 -18.35 4.71 -26.01
N VAL F 49 -18.41 3.73 -25.13
CA VAL F 49 -19.40 3.71 -24.05
C VAL F 49 -18.80 3.68 -22.66
N GLY F 50 -19.10 4.71 -21.89
CA GLY F 50 -18.87 4.72 -20.47
C GLY F 50 -20.22 4.47 -19.86
N ILE F 51 -20.25 3.80 -18.70
CA ILE F 51 -21.48 3.50 -17.99
C ILE F 51 -21.32 3.90 -16.52
N VAL F 52 -22.36 4.52 -15.97
CA VAL F 52 -22.44 4.76 -14.53
C VAL F 52 -23.72 4.14 -13.99
N ILE F 53 -23.61 3.32 -12.94
CA ILE F 53 -24.77 2.67 -12.35
C ILE F 53 -24.90 3.08 -10.88
N GLY F 54 -26.12 3.41 -10.46
CA GLY F 54 -26.41 3.73 -9.05
C GLY F 54 -26.46 2.50 -8.18
N GLY F 55 -26.82 2.70 -6.91
CA GLY F 55 -26.82 1.61 -5.94
C GLY F 55 -28.17 1.34 -5.32
N GLY F 56 -29.17 2.11 -5.72
CA GLY F 56 -30.50 2.08 -5.12
C GLY F 56 -31.21 0.74 -5.04
N ASN F 57 -30.78 -0.19 -5.89
CA ASN F 57 -31.32 -1.55 -5.84
C ASN F 57 -30.88 -2.33 -4.61
N ILE F 58 -29.84 -1.83 -3.93
CA ILE F 58 -29.28 -2.53 -2.77
C ILE F 58 -29.46 -1.75 -1.47
N ILE F 59 -29.05 -0.49 -1.46
CA ILE F 59 -29.14 0.31 -0.24
C ILE F 59 -29.60 1.75 -0.51
N ARG F 60 -30.71 2.13 0.13
CA ARG F 60 -31.43 3.37 -0.19
C ARG F 60 -30.75 4.67 0.28
N GLY F 61 -31.17 5.78 -0.32
CA GLY F 61 -30.69 7.13 0.05
C GLY F 61 -31.31 7.66 1.34
N VAL F 62 -32.60 8.00 1.31
CA VAL F 62 -33.28 8.57 2.47
C VAL F 62 -33.89 7.51 3.42
N SER F 63 -33.57 6.24 3.19
CA SER F 63 -34.04 5.12 4.03
C SER F 63 -32.95 4.54 4.95
N ALA F 64 -31.70 4.72 4.55
CA ALA F 64 -30.55 4.25 5.34
C ALA F 64 -30.21 5.20 6.50
N ALA F 65 -30.60 6.46 6.37
CA ALA F 65 -30.36 7.50 7.38
C ALA F 65 -31.55 7.70 8.32
N GLN F 66 -32.45 6.70 8.35
CA GLN F 66 -33.68 6.77 9.17
C GLN F 66 -33.55 6.08 10.53
N GLY F 67 -34.41 6.47 11.46
CA GLY F 67 -34.37 5.97 12.84
C GLY F 67 -33.24 6.59 13.65
N GLY F 68 -32.28 7.20 12.97
CA GLY F 68 -31.14 7.87 13.60
C GLY F 68 -30.11 6.93 14.17
N ILE F 69 -29.59 6.04 13.32
CA ILE F 69 -28.54 5.07 13.72
C ILE F 69 -27.36 5.06 12.74
N ILE F 70 -27.63 5.17 11.44
CA ILE F 70 -26.57 5.34 10.42
C ILE F 70 -26.45 6.80 9.99
N ARG F 71 -25.30 7.41 10.26
CA ARG F 71 -24.99 8.79 9.80
C ARG F 71 -24.98 8.85 8.28
N ARG F 72 -25.24 10.04 7.72
CA ARG F 72 -25.43 10.22 6.28
C ARG F 72 -24.29 9.63 5.43
N THR F 73 -23.05 9.93 5.78
CA THR F 73 -21.87 9.57 4.98
C THR F 73 -21.59 8.06 4.86
N SER F 74 -21.81 7.32 5.94
CA SER F 74 -21.64 5.86 5.93
C SER F 74 -22.65 5.16 5.02
N GLY F 75 -23.92 5.56 5.11
CA GLY F 75 -24.97 5.07 4.22
C GLY F 75 -24.70 5.44 2.76
N ASP F 76 -23.97 6.53 2.57
CA ASP F 76 -23.51 6.93 1.25
C ASP F 76 -22.32 6.06 0.81
N TYR F 77 -21.44 5.72 1.76
CA TYR F 77 -20.31 4.82 1.49
C TYR F 77 -20.79 3.40 1.23
N MET F 78 -21.85 3.00 1.93
CA MET F 78 -22.57 1.74 1.62
C MET F 78 -23.11 1.79 0.20
N GLY F 79 -23.67 2.94 -0.18
CA GLY F 79 -24.19 3.16 -1.52
C GLY F 79 -23.12 3.04 -2.59
N MET F 80 -21.96 3.63 -2.35
CA MET F 80 -20.85 3.56 -3.28
C MET F 80 -20.36 2.13 -3.46
N LEU F 81 -20.36 1.37 -2.37
CA LEU F 81 -20.02 -0.05 -2.42
C LEU F 81 -21.03 -0.85 -3.24
N ALA F 82 -22.30 -0.50 -3.09
CA ALA F 82 -23.36 -1.09 -3.90
C ALA F 82 -23.09 -0.90 -5.38
N THR F 83 -22.73 0.31 -5.78
CA THR F 83 -22.47 0.58 -7.20
C THR F 83 -21.35 -0.32 -7.74
N VAL F 84 -20.35 -0.61 -6.91
CA VAL F 84 -19.26 -1.49 -7.30
C VAL F 84 -19.79 -2.90 -7.59
N ILE F 85 -20.63 -3.43 -6.68
CA ILE F 85 -21.32 -4.69 -6.88
C ILE F 85 -22.06 -4.72 -8.22
N ASN F 86 -22.86 -3.67 -8.47
CA ASN F 86 -23.57 -3.53 -9.75
C ASN F 86 -22.62 -3.43 -10.95
N ALA F 87 -21.50 -2.75 -10.76
CA ALA F 87 -20.50 -2.60 -11.82
C ALA F 87 -19.90 -3.95 -12.20
N VAL F 88 -19.65 -4.79 -11.20
CA VAL F 88 -19.09 -6.11 -11.43
C VAL F 88 -20.09 -6.99 -12.20
N ALA F 89 -21.34 -7.01 -11.73
CA ALA F 89 -22.42 -7.72 -12.40
C ALA F 89 -22.53 -7.34 -13.88
N MET F 90 -22.59 -6.03 -14.14
CA MET F 90 -22.69 -5.51 -15.50
C MET F 90 -21.48 -5.94 -16.32
N GLN F 91 -20.28 -5.83 -15.74
CA GLN F 91 -19.06 -6.28 -16.41
C GLN F 91 -19.17 -7.72 -16.89
N GLU F 92 -19.68 -8.59 -16.03
CA GLU F 92 -19.88 -10.01 -16.33
C GLU F 92 -20.89 -10.25 -17.43
N ALA F 93 -21.95 -9.45 -17.44
CA ALA F 93 -22.99 -9.56 -18.44
C ALA F 93 -22.44 -9.13 -19.79
N LEU F 94 -21.62 -8.08 -19.77
CA LEU F 94 -20.95 -7.55 -20.94
C LEU F 94 -19.95 -8.53 -21.56
N GLU F 95 -19.13 -9.16 -20.72
CA GLU F 95 -18.10 -10.09 -21.21
C GLU F 95 -18.65 -11.45 -21.60
N HIS F 96 -19.75 -11.86 -20.96
CA HIS F 96 -20.44 -13.10 -21.32
C HIS F 96 -20.95 -13.02 -22.76
N ILE F 97 -21.27 -11.80 -23.18
CA ILE F 97 -21.86 -11.54 -24.48
C ILE F 97 -20.76 -11.17 -25.50
N GLY F 98 -19.51 -11.18 -25.03
CA GLY F 98 -18.33 -11.09 -25.90
C GLY F 98 -17.56 -9.77 -25.90
N LEU F 99 -17.91 -8.86 -25.00
CA LEU F 99 -17.29 -7.53 -25.00
C LEU F 99 -16.15 -7.38 -24.00
N ASP F 100 -15.16 -6.59 -24.36
CA ASP F 100 -14.05 -6.29 -23.48
C ASP F 100 -14.45 -5.10 -22.64
N THR F 101 -14.26 -5.20 -21.32
CA THR F 101 -14.72 -4.16 -20.40
C THR F 101 -13.77 -3.93 -19.26
N ARG F 102 -13.78 -2.72 -18.73
CA ARG F 102 -12.98 -2.39 -17.55
C ARG F 102 -13.85 -1.63 -16.58
N VAL F 103 -13.70 -1.95 -15.29
CA VAL F 103 -14.33 -1.16 -14.24
C VAL F 103 -13.30 -0.21 -13.65
N GLN F 104 -13.61 1.07 -13.65
CA GLN F 104 -12.73 2.08 -13.07
C GLN F 104 -13.44 2.72 -11.91
N SER F 105 -13.01 2.32 -10.72
CA SER F 105 -13.66 2.72 -9.50
C SER F 105 -12.99 3.94 -8.89
N ALA F 106 -13.83 4.87 -8.44
CA ALA F 106 -13.37 6.06 -7.74
C ALA F 106 -12.85 5.70 -6.36
N ILE F 107 -13.31 4.56 -5.84
CA ILE F 107 -12.77 4.02 -4.59
C ILE F 107 -11.87 2.84 -4.90
N GLU F 108 -10.66 2.89 -4.36
CA GLU F 108 -9.64 1.90 -4.61
C GLU F 108 -10.00 0.53 -4.02
N ILE F 109 -10.25 -0.44 -4.89
CA ILE F 109 -10.40 -1.85 -4.53
C ILE F 109 -9.62 -2.68 -5.57
N LYS F 110 -8.29 -2.68 -5.44
CA LYS F 110 -7.40 -3.19 -6.51
C LYS F 110 -7.65 -4.65 -6.88
N GLU F 111 -8.18 -5.43 -5.93
CA GLU F 111 -8.41 -6.85 -6.14
C GLU F 111 -9.62 -7.13 -7.02
N ILE F 112 -10.55 -6.19 -7.06
CA ILE F 112 -11.80 -6.37 -7.79
C ILE F 112 -11.88 -5.53 -9.06
N CYS F 113 -11.29 -4.34 -9.04
CA CYS F 113 -11.30 -3.46 -10.20
C CYS F 113 -10.15 -2.45 -10.25
N GLU F 114 -9.96 -1.87 -11.43
CA GLU F 114 -8.98 -0.81 -11.63
C GLU F 114 -9.44 0.47 -10.94
N SER F 115 -8.47 1.29 -10.56
CA SER F 115 -8.76 2.60 -10.02
C SER F 115 -8.94 3.56 -11.17
N TYR F 116 -9.86 4.52 -11.01
CA TYR F 116 -10.03 5.55 -12.02
C TYR F 116 -8.74 6.33 -12.20
N ILE F 117 -8.25 6.36 -13.45
CA ILE F 117 -7.12 7.20 -13.85
C ILE F 117 -7.42 7.71 -15.25
N TYR F 118 -7.56 9.03 -15.38
CA TYR F 118 -7.94 9.67 -16.63
C TYR F 118 -7.29 9.06 -17.89
N ARG F 119 -5.96 8.99 -17.94
CA ARG F 119 -5.26 8.47 -19.14
C ARG F 119 -5.71 7.05 -19.50
N LYS F 120 -5.98 6.23 -18.48
CA LYS F 120 -6.30 4.83 -18.68
C LYS F 120 -7.74 4.63 -19.17
N ALA F 121 -8.66 5.38 -18.57
CA ALA F 121 -10.07 5.38 -19.00
C ALA F 121 -10.18 5.69 -20.49
N ILE F 122 -9.52 6.76 -20.92
CA ILE F 122 -9.46 7.19 -22.31
C ILE F 122 -8.85 6.09 -23.20
N ARG F 123 -7.67 5.58 -22.82
CA ARG F 123 -7.02 4.49 -23.57
C ARG F 123 -7.99 3.31 -23.75
N HIS F 124 -8.73 2.97 -22.71
CA HIS F 124 -9.70 1.87 -22.79
C HIS F 124 -10.81 2.16 -23.82
N LEU F 125 -11.34 3.37 -23.79
CA LEU F 125 -12.45 3.72 -24.66
C LEU F 125 -11.99 3.73 -26.13
N GLU F 126 -10.77 4.21 -26.35
CA GLU F 126 -10.19 4.29 -27.69
C GLU F 126 -9.80 2.92 -28.25
N LYS F 127 -9.77 1.91 -27.40
CA LYS F 127 -9.47 0.55 -27.83
C LYS F 127 -10.76 -0.23 -28.04
N GLY F 128 -11.90 0.42 -27.79
CA GLY F 128 -13.21 -0.20 -28.01
C GLY F 128 -13.80 -0.90 -26.78
N ARG F 129 -13.20 -0.66 -25.62
CA ARG F 129 -13.64 -1.31 -24.39
C ARG F 129 -14.72 -0.49 -23.73
N VAL F 130 -15.72 -1.17 -23.18
CA VAL F 130 -16.71 -0.50 -22.36
C VAL F 130 -16.07 -0.24 -21.01
N VAL F 131 -16.22 0.99 -20.51
CA VAL F 131 -15.70 1.38 -19.21
C VAL F 131 -16.88 1.67 -18.29
N ILE F 132 -16.95 0.96 -17.17
CA ILE F 132 -17.99 1.16 -16.19
C ILE F 132 -17.38 1.87 -15.00
N PHE F 133 -17.89 3.06 -14.68
CA PHE F 133 -17.35 3.85 -13.59
C PHE F 133 -18.03 3.51 -12.27
N GLY F 134 -17.35 2.72 -11.45
CA GLY F 134 -17.84 2.35 -10.12
C GLY F 134 -17.63 3.43 -9.08
N ALA F 135 -18.48 3.43 -8.04
CA ALA F 135 -18.41 4.38 -6.92
C ALA F 135 -18.48 5.85 -7.36
N GLY F 136 -19.25 6.10 -8.43
CA GLY F 136 -19.45 7.44 -8.94
C GLY F 136 -18.17 8.22 -9.13
N THR F 137 -17.96 9.19 -8.25
CA THR F 137 -16.82 10.08 -8.32
C THR F 137 -16.02 10.02 -7.01
N GLY F 138 -16.47 9.15 -6.10
CA GLY F 138 -15.77 8.93 -4.83
C GLY F 138 -16.23 9.89 -3.75
N ASN F 139 -17.18 10.75 -4.13
CA ASN F 139 -17.73 11.74 -3.23
C ASN F 139 -19.13 11.35 -2.73
N PRO F 140 -19.30 11.20 -1.40
CA PRO F 140 -20.58 10.85 -0.78
C PRO F 140 -21.69 11.89 -0.98
N PHE F 141 -21.31 13.15 -1.14
CA PHE F 141 -22.27 14.24 -1.21
C PHE F 141 -23.10 14.26 -2.51
N PHE F 142 -22.59 13.60 -3.55
CA PHE F 142 -23.21 13.70 -4.89
C PHE F 142 -24.22 12.60 -5.19
N THR F 143 -25.24 12.97 -5.95
CA THR F 143 -26.16 12.03 -6.54
C THR F 143 -25.48 11.27 -7.70
N THR F 144 -26.02 10.10 -8.02
CA THR F 144 -25.57 9.33 -9.18
C THR F 144 -25.60 10.20 -10.45
N ASP F 145 -26.70 10.94 -10.63
CA ASP F 145 -26.87 11.84 -11.77
C ASP F 145 -25.69 12.82 -11.92
N THR F 146 -25.35 13.50 -10.83
CA THR F 146 -24.25 14.44 -10.81
C THR F 146 -22.92 13.75 -11.12
N ALA F 147 -22.67 12.63 -10.45
CA ALA F 147 -21.43 11.89 -10.65
C ALA F 147 -21.29 11.44 -12.09
N ALA F 148 -22.39 10.97 -12.68
CA ALA F 148 -22.42 10.55 -14.08
C ALA F 148 -22.12 11.72 -15.03
N THR F 149 -22.68 12.88 -14.70
CA THR F 149 -22.47 14.11 -15.47
C THR F 149 -21.02 14.57 -15.36
N LEU F 150 -20.42 14.44 -14.19
CA LEU F 150 -18.98 14.77 -14.01
C LEU F 150 -18.08 13.87 -14.86
N ARG F 151 -18.30 12.57 -14.80
CA ARG F 151 -17.55 11.61 -15.63
C ARG F 151 -17.77 11.87 -17.12
N ALA F 152 -19.00 12.19 -17.50
CA ALA F 152 -19.35 12.43 -18.89
C ALA F 152 -18.49 13.56 -19.48
N ILE F 153 -18.41 14.65 -18.73
CA ILE F 153 -17.60 15.80 -19.11
C ILE F 153 -16.11 15.44 -19.11
N GLU F 154 -15.65 14.83 -18.01
CA GLU F 154 -14.24 14.44 -17.88
C GLU F 154 -13.72 13.67 -19.10
N ILE F 155 -14.57 12.84 -19.69
CA ILE F 155 -14.14 11.99 -20.80
C ILE F 155 -14.50 12.58 -22.17
N GLY F 156 -14.97 13.82 -22.15
CA GLY F 156 -15.33 14.53 -23.38
C GLY F 156 -16.43 13.85 -24.18
N SER F 157 -17.44 13.38 -23.49
CA SER F 157 -18.56 12.72 -24.11
C SER F 157 -19.41 13.63 -24.94
N ASP F 158 -19.91 13.08 -26.03
CA ASP F 158 -20.82 13.76 -26.94
C ASP F 158 -22.15 14.01 -26.30
N LEU F 159 -22.59 13.10 -25.47
CA LEU F 159 -23.82 13.31 -24.76
C LEU F 159 -23.91 12.39 -23.57
N ILE F 160 -24.88 12.61 -22.71
CA ILE F 160 -25.10 11.74 -21.58
C ILE F 160 -26.48 11.17 -21.66
N ILE F 161 -26.63 9.89 -21.45
CA ILE F 161 -27.93 9.29 -21.50
C ILE F 161 -28.37 8.85 -20.15
N LYS F 162 -29.53 9.29 -19.75
CA LYS F 162 -30.18 8.79 -18.53
C LYS F 162 -31.19 7.73 -18.95
N ALA F 163 -30.86 6.47 -18.67
CA ALA F 163 -31.76 5.35 -18.95
C ALA F 163 -32.82 5.24 -17.84
N THR F 164 -34.09 5.38 -18.22
CA THR F 164 -35.19 5.28 -17.30
C THR F 164 -36.14 4.17 -17.73
N LYS F 165 -37.26 4.06 -17.04
CA LYS F 165 -38.33 3.12 -17.36
C LYS F 165 -39.28 3.73 -18.38
N VAL F 166 -39.32 5.06 -18.44
CA VAL F 166 -40.31 5.81 -19.20
C VAL F 166 -39.72 6.30 -20.54
N ASP F 167 -40.61 6.60 -21.49
CA ASP F 167 -40.25 7.03 -22.84
C ASP F 167 -39.32 8.24 -22.94
N GLY F 168 -39.40 9.13 -21.95
CA GLY F 168 -38.60 10.34 -21.91
C GLY F 168 -39.02 11.25 -20.78
N ILE F 169 -39.02 12.54 -21.04
CA ILE F 169 -39.41 13.52 -20.06
C ILE F 169 -40.87 13.90 -20.28
N TYR F 170 -41.65 13.82 -19.20
CA TYR F 170 -43.06 14.18 -19.21
C TYR F 170 -43.29 15.39 -18.31
N ASP F 171 -44.46 16.02 -18.43
CA ASP F 171 -44.80 17.15 -17.57
C ASP F 171 -45.64 16.72 -16.35
N LYS F 172 -45.71 15.40 -16.13
CA LYS F 172 -46.46 14.78 -15.04
C LYS F 172 -46.32 13.25 -15.15
N ASP F 173 -46.49 12.53 -14.04
CA ASP F 173 -46.30 11.06 -14.03
C ASP F 173 -47.61 10.30 -13.91
N LYS F 178 -54.71 10.99 -16.39
CA LYS F 178 -53.36 11.52 -16.61
C LYS F 178 -53.20 12.12 -18.02
N ASP F 179 -53.37 13.44 -18.11
CA ASP F 179 -53.19 14.18 -19.36
C ASP F 179 -51.71 14.55 -19.60
N ALA F 180 -50.80 13.76 -19.03
CA ALA F 180 -49.37 14.02 -19.10
C ALA F 180 -48.82 13.83 -20.51
N LYS F 181 -48.22 14.90 -21.06
CA LYS F 181 -47.63 14.83 -22.39
C LYS F 181 -46.10 14.81 -22.38
N LYS F 182 -45.54 13.95 -23.23
CA LYS F 182 -44.10 13.87 -23.43
C LYS F 182 -43.57 15.20 -23.96
N LEU F 183 -42.39 15.60 -23.47
CA LEU F 183 -41.71 16.77 -23.98
C LEU F 183 -40.52 16.30 -24.80
N ASP F 184 -40.51 16.64 -26.09
CA ASP F 184 -39.50 16.09 -27.00
C ASP F 184 -38.15 16.78 -26.84
N THR F 185 -38.16 18.10 -26.91
CA THR F 185 -36.95 18.89 -26.74
C THR F 185 -37.17 19.94 -25.62
N LEU F 186 -36.12 20.20 -24.86
CA LEU F 186 -36.17 21.13 -23.71
C LEU F 186 -34.90 21.96 -23.60
N SER F 187 -34.99 23.13 -22.96
CA SER F 187 -33.79 23.89 -22.65
C SER F 187 -33.32 23.51 -21.26
N TYR F 188 -32.03 23.71 -20.99
CA TYR F 188 -31.45 23.49 -19.68
C TYR F 188 -32.24 24.25 -18.61
N ASN F 189 -32.60 25.49 -18.91
CA ASN F 189 -33.39 26.34 -18.01
C ASN F 189 -34.83 25.87 -17.83
N ASP F 190 -35.42 25.31 -18.89
CA ASP F 190 -36.75 24.68 -18.81
C ASP F 190 -36.76 23.55 -17.78
N ALA F 191 -35.63 22.87 -17.64
CA ALA F 191 -35.51 21.77 -16.69
C ALA F 191 -35.32 22.26 -15.25
N LEU F 192 -34.54 23.32 -15.09
CA LEU F 192 -34.18 23.83 -13.77
C LEU F 192 -35.34 24.53 -13.08
N ILE F 193 -36.07 25.35 -13.83
CA ILE F 193 -37.16 26.15 -13.28
C ILE F 193 -38.41 25.31 -13.06
N GLY F 194 -39.04 24.89 -14.16
CA GLY F 194 -40.30 24.14 -14.11
C GLY F 194 -40.18 22.84 -13.35
N ASP F 195 -41.22 22.54 -12.55
CA ASP F 195 -41.27 21.28 -11.79
C ASP F 195 -41.50 20.14 -12.77
N ILE F 196 -40.40 19.51 -13.14
CA ILE F 196 -40.41 18.50 -14.16
C ILE F 196 -39.32 17.54 -13.81
N GLU F 197 -39.54 16.26 -14.03
CA GLU F 197 -38.57 15.28 -13.57
C GLU F 197 -37.51 15.01 -14.59
N VAL F 198 -36.30 15.44 -14.29
CA VAL F 198 -35.19 15.22 -15.18
C VAL F 198 -33.96 14.67 -14.52
N MET F 199 -33.26 15.52 -13.82
CA MET F 199 -32.02 15.23 -13.11
C MET F 199 -31.88 16.17 -11.94
N ASP F 200 -30.89 15.94 -11.11
CA ASP F 200 -30.61 16.83 -10.00
C ASP F 200 -30.21 18.15 -10.60
N ASP F 201 -30.55 19.24 -9.92
CA ASP F 201 -30.30 20.60 -10.42
C ASP F 201 -28.81 20.84 -10.64
N THR F 202 -27.99 20.26 -9.76
CA THR F 202 -26.54 20.32 -9.88
C THR F 202 -26.07 19.68 -11.18
N ALA F 203 -26.65 18.52 -11.51
CA ALA F 203 -26.30 17.77 -12.71
C ALA F 203 -26.68 18.52 -13.98
N ILE F 204 -27.91 19.00 -14.04
CA ILE F 204 -28.35 19.85 -15.15
C ILE F 204 -27.43 21.06 -15.28
N SER F 205 -27.06 21.68 -14.16
CA SER F 205 -26.18 22.86 -14.16
C SER F 205 -24.77 22.60 -14.67
N LEU F 206 -24.20 21.44 -14.32
CA LEU F 206 -22.91 21.03 -14.91
C LEU F 206 -23.05 20.83 -16.41
N ALA F 207 -24.15 20.22 -16.83
CA ALA F 207 -24.42 19.96 -18.24
C ALA F 207 -24.62 21.25 -19.03
N LYS F 208 -25.39 22.18 -18.45
CA LYS F 208 -25.62 23.51 -19.01
C LYS F 208 -24.29 24.22 -19.30
N ASP F 209 -23.45 24.28 -18.29
CA ASP F 209 -22.17 24.99 -18.34
C ASP F 209 -21.18 24.40 -19.35
N ASN F 210 -21.29 23.12 -19.63
CA ASN F 210 -20.34 22.46 -20.51
C ASN F 210 -20.92 22.02 -21.86
N LYS F 211 -22.02 22.65 -22.27
CA LYS F 211 -22.72 22.34 -23.53
C LYS F 211 -22.90 20.84 -23.75
N LEU F 212 -23.25 20.13 -22.68
CA LEU F 212 -23.36 18.68 -22.70
C LEU F 212 -24.83 18.26 -22.79
N PRO F 213 -25.26 17.83 -23.99
CA PRO F 213 -26.65 17.41 -24.21
C PRO F 213 -27.06 16.23 -23.33
N ILE F 214 -28.26 16.30 -22.78
CA ILE F 214 -28.82 15.23 -21.96
C ILE F 214 -29.93 14.54 -22.72
N VAL F 215 -29.87 13.22 -22.77
CA VAL F 215 -30.93 12.43 -23.35
C VAL F 215 -31.54 11.49 -22.32
N VAL F 216 -32.85 11.55 -22.21
CA VAL F 216 -33.62 10.65 -21.37
C VAL F 216 -34.38 9.68 -22.28
N CYS F 217 -34.19 8.38 -22.09
CA CYS F 217 -34.87 7.39 -22.93
C CYS F 217 -35.12 6.04 -22.26
N ASN F 218 -36.09 5.33 -22.82
CA ASN F 218 -36.41 3.94 -22.51
C ASN F 218 -35.36 3.02 -23.12
N MET F 219 -35.09 1.89 -22.47
CA MET F 219 -34.18 0.90 -23.04
C MET F 219 -34.83 -0.46 -23.24
N PHE F 220 -36.11 -0.57 -22.88
CA PHE F 220 -36.85 -1.82 -23.09
C PHE F 220 -37.26 -2.01 -24.55
N LYS F 221 -36.75 -1.12 -25.41
CA LYS F 221 -37.00 -1.17 -26.85
C LYS F 221 -35.70 -1.58 -27.54
N LYS F 222 -35.76 -2.71 -28.27
CA LYS F 222 -34.57 -3.43 -28.73
C LYS F 222 -33.49 -2.62 -29.46
N GLY F 223 -33.85 -1.86 -30.47
CA GLY F 223 -32.82 -1.10 -31.17
C GLY F 223 -32.69 0.34 -30.70
N ASN F 224 -33.58 0.74 -29.79
CA ASN F 224 -33.79 2.16 -29.49
C ASN F 224 -32.53 2.92 -29.14
N LEU F 225 -31.74 2.38 -28.21
CA LEU F 225 -30.56 3.06 -27.74
C LEU F 225 -29.62 3.42 -28.88
N LEU F 226 -29.38 2.46 -29.77
CA LEU F 226 -28.56 2.66 -30.96
C LEU F 226 -29.14 3.75 -31.86
N GLN F 227 -30.45 3.69 -32.06
CA GLN F 227 -31.18 4.67 -32.87
C GLN F 227 -31.01 6.08 -32.31
N VAL F 228 -31.06 6.20 -30.98
CA VAL F 228 -30.90 7.48 -30.28
C VAL F 228 -29.49 8.07 -30.47
N ILE F 229 -28.49 7.26 -30.13
CA ILE F 229 -27.10 7.71 -30.14
C ILE F 229 -26.53 7.95 -31.55
N LYS F 230 -26.85 7.07 -32.49
CA LYS F 230 -26.21 7.06 -33.80
C LYS F 230 -26.99 7.87 -34.84
N HIS F 231 -28.31 7.69 -34.85
CA HIS F 231 -29.16 8.30 -35.86
C HIS F 231 -29.96 9.48 -35.33
N GLN F 232 -29.84 9.76 -34.02
CA GLN F 232 -30.64 10.79 -33.34
C GLN F 232 -32.13 10.58 -33.61
N GLN F 233 -32.52 9.30 -33.55
CA GLN F 233 -33.86 8.85 -33.86
C GLN F 233 -34.27 7.85 -32.79
N GLY F 234 -35.34 7.10 -33.02
CA GLY F 234 -35.95 6.29 -31.96
C GLY F 234 -36.78 7.20 -31.08
N VAL F 235 -37.09 6.74 -29.87
CA VAL F 235 -37.89 7.55 -28.93
C VAL F 235 -37.05 8.01 -27.72
N PHE F 236 -37.10 9.31 -27.43
CA PHE F 236 -36.29 9.91 -26.37
C PHE F 236 -36.78 11.33 -26.05
N SER F 237 -36.13 11.96 -25.07
CA SER F 237 -36.26 13.40 -24.83
C SER F 237 -34.86 14.01 -24.70
N MET F 238 -34.70 15.25 -25.14
CA MET F 238 -33.41 15.90 -25.09
C MET F 238 -33.47 17.23 -24.37
N VAL F 239 -32.48 17.46 -23.52
CA VAL F 239 -32.32 18.77 -22.89
C VAL F 239 -31.22 19.53 -23.61
N LYS F 240 -31.63 20.56 -24.33
CA LYS F 240 -30.79 21.34 -25.26
C LYS F 240 -29.76 20.48 -26.00
N1 UDP G . 19.56 12.36 0.13
C2 UDP G . 19.62 11.32 1.07
N3 UDP G . 19.70 10.00 0.70
C4 UDP G . 19.73 9.65 -0.64
C5 UDP G . 19.68 10.66 -1.60
C6 UDP G . 19.77 12.00 -1.19
O2 UDP G . 19.61 11.56 2.28
O4 UDP G . 19.80 8.46 -0.97
C1' UDP G . 19.47 13.80 0.54
C2' UDP G . 20.84 14.29 1.03
O2' UDP G . 20.70 15.00 2.25
C3' UDP G . 21.38 15.16 -0.09
C4' UDP G . 20.22 15.43 -1.06
O4' UDP G . 19.12 14.69 -0.51
O3' UDP G . 21.92 16.36 0.39
C5' UDP G . 20.61 14.96 -2.48
O5' UDP G . 20.80 15.95 -3.47
PA UDP G . 22.23 16.53 -4.08
O1A UDP G . 22.98 17.21 -2.98
O2A UDP G . 22.03 17.42 -5.24
O3A UDP G . 23.20 15.36 -4.59
PB UDP G . 24.68 15.95 -4.82
O1B UDP G . 25.48 15.75 -3.59
O2B UDP G . 24.60 17.42 -5.04
O3B UDP G . 25.34 15.26 -5.98
N1 UDP H . 20.43 -8.01 1.93
C2 UDP H . 20.43 -6.96 1.02
N3 UDP H . 20.46 -5.65 1.47
C4 UDP H . 20.49 -5.38 2.82
C5 UDP H . 20.48 -6.44 3.73
C6 UDP H . 20.61 -7.75 3.27
O2 UDP H . 20.41 -7.14 -0.19
O4 UDP H . 20.51 -4.21 3.19
C1' UDP H . 20.39 -9.41 1.44
C2' UDP H . 21.77 -9.90 1.05
O2' UDP H . 21.70 -10.54 -0.20
C3' UDP H . 22.12 -10.94 2.11
C4' UDP H . 20.75 -11.40 2.60
O4' UDP H . 19.86 -10.30 2.42
O3' UDP H . 22.88 -12.00 1.57
C5' UDP H . 20.75 -11.91 4.03
O5' UDP H . 21.58 -11.12 4.86
PA UDP H . 23.00 -11.74 5.37
O1A UDP H . 22.77 -13.07 5.99
O2A UDP H . 24.06 -11.79 4.31
O3A UDP H . 23.56 -10.88 6.59
PB UDP H . 24.50 -11.81 7.49
O1B UDP H . 25.02 -10.98 8.60
O2B UDP H . 25.62 -12.31 6.66
O3B UDP H . 23.69 -12.97 7.97
N1 UDP I . 0.70 -21.82 4.31
C2 UDP I . -0.42 -21.24 4.87
N3 UDP I . -1.55 -21.01 4.10
C4 UDP I . -1.55 -21.35 2.76
C5 UDP I . -0.42 -21.94 2.19
C6 UDP I . 0.64 -22.29 3.02
O2 UDP I . -0.44 -20.93 6.04
O4 UDP I . -2.56 -21.13 2.09
C1' UDP I . 1.91 -22.03 5.16
C2' UDP I . 1.89 -23.36 5.89
O2' UDP I . 2.30 -23.17 7.23
C3' UDP I . 2.93 -24.18 5.15
C4' UDP I . 3.89 -23.13 4.62
O4' UDP I . 3.10 -21.98 4.38
O3' UDP I . 3.61 -25.09 5.98
C5' UDP I . 4.61 -23.58 3.36
O5' UDP I . 3.66 -24.27 2.57
PA UDP I . 3.49 -25.89 2.65
O1A UDP I . 2.07 -26.38 2.47
O2A UDP I . 4.08 -26.53 3.87
O3A UDP I . 4.35 -26.25 1.37
PB UDP I . 4.38 -27.77 1.02
O1B UDP I . 4.09 -28.56 2.24
O2B UDP I . 5.78 -27.98 0.58
O3B UDP I . 3.34 -28.08 0.00
N1 UDP J . -17.92 -15.36 0.30
C2 UDP J . -16.76 -15.88 -0.25
N3 UDP J . -15.65 -16.17 0.54
C4 UDP J . -15.70 -15.94 1.90
C5 UDP J . -16.86 -15.41 2.47
C6 UDP J . -17.98 -15.17 1.67
O2 UDP J . -16.69 -16.12 -1.45
O4 UDP J . -14.71 -16.20 2.60
C1' UDP J . -19.07 -15.07 -0.59
C2' UDP J . -19.93 -16.31 -0.85
O2' UDP J . -20.15 -16.44 -2.24
C3' UDP J . -21.25 -15.96 -0.20
C4' UDP J . -21.26 -14.45 -0.33
O4' UDP J . -19.92 -14.06 -0.08
O3' UDP J . -22.36 -16.53 -0.85
C5' UDP J . -22.26 -13.79 0.61
O5' UDP J . -21.58 -13.46 1.79
PA UDP J . -21.53 -14.50 3.02
O1A UDP J . -20.55 -13.98 4.03
O2A UDP J . -21.09 -15.86 2.60
O3A UDP J . -23.07 -14.52 3.59
PB UDP J . -23.85 -15.71 4.39
O1B UDP J . -23.59 -17.00 3.74
O2B UDP J . -25.29 -15.38 4.31
O3B UDP J . -23.44 -15.79 5.80
#